data_7NJ4
#
_entry.id   7NJ4
#
_cell.length_a   1.00
_cell.length_b   1.00
_cell.length_c   1.00
_cell.angle_alpha   90.00
_cell.angle_beta   90.00
_cell.angle_gamma   90.00
#
_symmetry.space_group_name_H-M   'P 1'
#
loop_
_entity.id
_entity.type
_entity.pdbx_description
1 polymer 'Polymerase acidic protein'
2 polymer 'RNA-directed RNA polymerase catalytic subunit'
3 polymer 'Polymerase basic protein 2,Immunoglobulin G-binding protein A'
4 polymer "RNA (5'-R(P*GP*GP*CP*CP*UP*GP*CP*U)-3')"
5 polymer "RNA (5'-R(P*AP*GP*UP*AP*GP*AP*AP*AP*CP*AP*AP*GP*GP*CP*C)-3')"
6 polymer 'Nb8198 Core'
#
loop_
_entity_poly.entity_id
_entity_poly.type
_entity_poly.pdbx_seq_one_letter_code
_entity_poly.pdbx_strand_id
1 'polypeptide(L)'
;MEDFVRQCFNPMIVELAEKAMKEYGEDLKIETNKFAAICTHLEVCFMYSDFHFINERGESIIVESGDPNALLKHRFEIIE
GRDRTMAWTVVNSICNTTGAEKPKFLPDLYDYKENRFIEIGVTRREVHIYYLEKANKIKSEKTHIHIFSFTGEEMATKAD
YTLDEESRARIKTRLFTIRQEMASRGLWDSFRQSERGEETIEERFEITGTMRRLADQSLPPNFSSLENFRAYVDGFEPNG
YIEGKLSQMSKEVNARIEPFLKTTPRPLRLPDGPPCSQRSKFLLMDALKLSIEDPSHEGEGIPLYDAIKCMRTFFGWKEP
NVVKPHEKGINPNYLLAWKQVLAELQDIENEEKIPKTKNMKKTSQLKWALGENMAPEKVDFDDCKDVSDLKQYDSDEPEL
RSLASWIQSEFNKACELTDSSWIELDEIGEDVAPIEHIASMRRNYFTAEVSHCRATEYIMKGVYINTALLNASCAAMDDF
QLIPMISKCRTKEGRRKTNLYGFIIKGRSHLRNDTDVVNFVSMEFSLTDPRLEPHKWEKYCVLEIGDMLLRSAIGQVSRP
MFLYVRTNGTSKIKMKWGMEMRRCLLQSLQQIESMIEAESSVKEKDMTKEFFENKSETWPIGESPKGVEEGSIGKVCRTL
LAKSVFNSLYASPQLEGFSAESRKLLLIVQALRDNLEPGTFDLGGLYEAIEECLINDPWVLLNASWFNSFLTHALR
;
A
2 'polypeptide(L)'
;MDVNPTLLFLKVPAQNAISTTFPYTGDPPYSHGTGTGYTMDTVNRTHQYSEKGRWTTNTETGAPQLNPIDGPLPEDNEPS
GYAQTDCVLEAMAFLEESHPGIFENSCLETMEVVQQTRVDKLTQGRQTYDWTLNRNQPAATALANTIEVFRSNGLTANES
GRLIDFLKDVMESMDKEEMEITTHFQRKRRVRDNMTKKMVTQRTIGKKKQRLNKRSYLIRALTLNTMTKDAERGKLKRRA
IATPGMQIRGFVYFVETLARSICEKLEQSGLPVGGNEKKAKLANVVRKMMTNSQDTELSFTITGDNTKWNENQNPRMFLA
MITYITRNQPEWFRNVLSIAPIMFSNKMARLGKGYMFESKSMKLRTQIPAEMLASIDLKYFNDSTRKKIEKIRPLLIDGT
ASLSPGMMMGMFNMLSTVLGVSILNLGQKRYTKTTYWWDGLQSSDDFALIVNAPNHEGIQAGVDRFYRTCKLLGINMSKK
KSYINRTGTFEFTSFFYRYGFVANFSMELPSFGVSGINESADMSIGVTVIKNNMINNDLGPATAQMALQLFIKDYRYTYR
CHRGDTQIQTRRSFEIKKLWEQTRSKAGLLVSDGGPNLYNIRNLHIPEVCLKWELMDEDYQGRLCNPLNPFVSHKEIESV
NNAVMMPAHGPAKNMEYDAVATTHSWIPKRNRSILNTSQRGILEDEQMYQKCCNLFEKFFPSSSYRRPVGISSMVEAMVS
RARIDARIDFESGRIKKEEFAEIMKICSTIEELRRQK
;
B
3 'polypeptide(L)'
;MERIKELRDLMSQSRTREILTKTTVDHMAIIKKYTSGRQEKNPALRMKWMMAMKYPITADKRIMEMIPERNEQGQTLWSK
TNDAGSDRVMVSPLAVTWWNRNGPTTSAVHYPKIYKTYFEKVERLKHGTFGPVHFRNQVKIRRRVDINPGHADLSAKEAQ
DVIMEVVFPNEVGARILTSESQLTITKEKKEELQDCKISPLMVAYMLERELVRKTRFLPVAGGTSSVYIEVLHLTQGTCW
EQMYTPGGEVRNDDVDQSLIIAARNIVRRATVSADPLASLLEMCHSTQIGGIRMVDILRQNPTEEQAVDICKAAMGLRIS
SSFSFGGFTFKRTSGSSVKREEEVLTGNLQTLKIRVHEGYEEFTMVGRRATAILRKATRRLIQLIVSGRDEQSIAEAIIV
AMVFSQEDCMIKAVRGDLNFVNRANQRLNPMHQLLRHFQKDAKVLFQNWGIEPIDNVMGMIGILPDMTPSTEMSMRGVRV
SKMGVDEYSSTERVVVSIDRFLRVRDQRGNVLLSPEEVSETQGTEKLTITYSSSMMWEVNGPESVLVNTYQWIIRNWETV
KIQWSQNPTMLYNKMEFEPFQSLVPKAARGQYSGFVRTLFQQMRDVLGTFDTVQIIKLLPFAAAPPKQSRMQFSSLTVNV
RGSGMRILVRGNSPVFNYNKATKRLTVLGKDAGALTEDPDEGTAGVESAVLRGFLILGKEDRRYGPALSINELSNLAKGE
KANVLIGQGDVVLVMKRKRDSSILTDSQTATKRIRMAINENLYFQGELKTAALAQHDEAVDNKFNKEQQNAFYEILHLPN
LNEEQRNAFIQSLKDDPSQSANLLAEAKKLNDAQAPKVDNKFNKEQQNAFYEILHLPNLNEEQRNAFIQSLKADPSQSAN
LLAEAKKLNGAQAPKVDANSAGKST
;
C
4 'polyribonucleotide' GGCCUGCUUUUGCUAUU E
5 'polyribonucleotide' AGUAGAAACAAGGCC D
6 'polypeptide(L)'
;QVQLQESGGGLVQTGDSLRLSCAGAERSFNSYTMGWFRQAPGKEREFVAAIAFSGGFTYYAEAVKGRFTISRDSGKNTVY
LQMNSLKPEDTAVYYCAARFYGGGYYYQQREYSFWGQGTQVTVSSHHHHHHEPEA
;
F
#
# COMPACT_ATOMS: atom_id res chain seq x y z
N MET A 1 -54.86 -3.17 0.26
CA MET A 1 -54.78 -2.03 1.22
C MET A 1 -53.91 -0.90 0.65
N GLU A 2 -52.88 -1.28 -0.10
CA GLU A 2 -51.99 -0.31 -0.72
C GLU A 2 -52.71 0.64 -1.66
N ASP A 3 -53.88 0.26 -2.15
CA ASP A 3 -54.65 1.17 -3.01
C ASP A 3 -54.97 2.48 -2.27
N PHE A 4 -55.15 2.41 -0.95
CA PHE A 4 -55.41 3.61 -0.18
C PHE A 4 -54.26 4.60 -0.26
N VAL A 5 -53.02 4.12 -0.13
CA VAL A 5 -51.87 5.01 -0.24
C VAL A 5 -51.57 5.39 -1.68
N ARG A 6 -52.03 4.59 -2.65
CA ARG A 6 -52.05 5.07 -4.03
C ARG A 6 -52.96 6.27 -4.17
N GLN A 7 -54.14 6.21 -3.56
CA GLN A 7 -55.17 7.21 -3.81
C GLN A 7 -54.90 8.51 -3.04
N CYS A 8 -54.89 8.44 -1.71
CA CYS A 8 -55.05 9.66 -0.92
C CYS A 8 -53.77 10.47 -0.83
N PHE A 9 -52.72 9.90 -0.25
CA PHE A 9 -51.57 10.69 0.19
C PHE A 9 -50.76 11.21 -1.00
N ASN A 10 -50.11 12.34 -0.79
CA ASN A 10 -49.33 13.00 -1.83
C ASN A 10 -48.08 12.20 -2.15
N PRO A 11 -47.47 12.45 -3.31
CA PRO A 11 -46.23 11.72 -3.65
C PRO A 11 -45.14 11.86 -2.59
N MET A 12 -44.78 13.10 -2.26
CA MET A 12 -43.70 13.36 -1.31
C MET A 12 -43.73 12.37 -0.15
N ILE A 13 -44.88 12.23 0.51
CA ILE A 13 -44.93 11.35 1.69
C ILE A 13 -44.79 9.89 1.28
N VAL A 14 -45.35 9.48 0.14
CA VAL A 14 -45.32 8.06 -0.19
C VAL A 14 -43.89 7.63 -0.51
N GLU A 15 -43.12 8.46 -1.23
CA GLU A 15 -41.72 8.05 -1.45
C GLU A 15 -40.87 8.23 -0.19
N LEU A 16 -41.19 9.19 0.68
CA LEU A 16 -40.48 9.24 1.95
C LEU A 16 -40.70 7.95 2.73
N ALA A 17 -41.95 7.48 2.77
CA ALA A 17 -42.26 6.24 3.48
C ALA A 17 -41.65 5.04 2.77
N GLU A 18 -41.54 5.08 1.44
CA GLU A 18 -40.90 3.98 0.73
C GLU A 18 -39.41 3.90 1.03
N LYS A 19 -38.73 5.04 1.13
CA LYS A 19 -37.34 5.01 1.54
C LYS A 19 -37.18 4.59 3.00
N ALA A 20 -38.09 5.01 3.88
CA ALA A 20 -38.07 4.50 5.25
C ALA A 20 -38.32 2.99 5.26
N MET A 21 -39.10 2.50 4.30
CA MET A 21 -39.35 1.07 4.17
C MET A 21 -38.06 0.34 3.80
N LYS A 22 -37.33 0.87 2.81
CA LYS A 22 -36.04 0.32 2.43
C LYS A 22 -35.01 0.42 3.55
N GLU A 23 -35.16 1.40 4.45
CA GLU A 23 -34.19 1.63 5.52
C GLU A 23 -33.85 0.35 6.28
N TYR A 24 -34.85 -0.27 6.89
CA TYR A 24 -34.61 -1.44 7.74
C TYR A 24 -34.71 -2.76 6.98
N GLY A 25 -34.90 -2.72 5.67
CA GLY A 25 -34.66 -3.89 4.83
C GLY A 25 -35.76 -4.92 4.76
N GLU A 26 -36.99 -4.59 5.19
CA GLU A 26 -38.10 -5.51 5.03
C GLU A 26 -38.94 -5.14 3.81
N ASP A 27 -39.61 -6.13 3.26
CA ASP A 27 -40.32 -5.97 2.00
C ASP A 27 -41.77 -5.55 2.23
N LEU A 28 -42.26 -4.70 1.33
CA LEU A 28 -43.58 -4.10 1.49
C LEU A 28 -44.72 -5.02 1.09
N LYS A 29 -44.45 -6.07 0.31
CA LYS A 29 -45.53 -6.93 -0.17
C LYS A 29 -46.07 -7.85 0.93
N ILE A 30 -45.25 -8.16 1.94
CA ILE A 30 -45.68 -9.09 2.97
C ILE A 30 -46.58 -8.41 4.01
N GLU A 31 -46.24 -7.20 4.44
CA GLU A 31 -47.02 -6.51 5.45
C GLU A 31 -47.01 -5.02 5.11
N THR A 32 -48.17 -4.50 4.70
CA THR A 32 -48.29 -3.12 4.26
C THR A 32 -48.95 -2.21 5.29
N ASN A 33 -49.67 -2.76 6.26
CA ASN A 33 -50.34 -1.92 7.26
C ASN A 33 -49.33 -1.06 8.00
N LYS A 34 -48.11 -1.56 8.20
CA LYS A 34 -47.07 -0.74 8.81
C LYS A 34 -46.77 0.48 7.95
N PHE A 35 -46.73 0.27 6.63
CA PHE A 35 -46.48 1.38 5.72
C PHE A 35 -47.52 2.47 5.90
N ALA A 36 -48.81 2.09 5.91
CA ALA A 36 -49.87 3.06 6.07
C ALA A 36 -49.80 3.74 7.44
N ALA A 37 -49.58 2.96 8.50
CA ALA A 37 -49.56 3.55 9.84
C ALA A 37 -48.44 4.57 9.98
N ILE A 38 -47.23 4.20 9.57
CA ILE A 38 -46.10 5.12 9.73
C ILE A 38 -46.18 6.27 8.73
N CYS A 39 -46.82 6.08 7.57
CA CYS A 39 -46.98 7.22 6.67
C CYS A 39 -48.01 8.20 7.22
N THR A 40 -49.04 7.70 7.90
CA THR A 40 -49.95 8.61 8.60
C THR A 40 -49.24 9.32 9.76
N HIS A 41 -48.37 8.61 10.48
CA HIS A 41 -47.55 9.27 11.49
C HIS A 41 -46.73 10.39 10.88
N LEU A 42 -46.08 10.10 9.75
CA LEU A 42 -45.28 11.11 9.06
C LEU A 42 -46.13 12.27 8.57
N GLU A 43 -47.35 11.98 8.10
CA GLU A 43 -48.25 13.03 7.64
C GLU A 43 -48.67 13.94 8.77
N VAL A 44 -49.00 13.37 9.93
CA VAL A 44 -49.35 14.21 11.07
C VAL A 44 -48.13 15.03 11.48
N CYS A 45 -46.94 14.44 11.39
CA CYS A 45 -45.72 15.19 11.68
C CYS A 45 -45.62 16.43 10.79
N PHE A 46 -45.75 16.24 9.47
CA PHE A 46 -45.73 17.42 8.59
C PHE A 46 -46.82 18.41 8.96
N MET A 47 -48.07 17.96 8.91
CA MET A 47 -49.20 18.86 9.03
C MET A 47 -49.17 19.59 10.37
N TYR A 48 -48.51 19.01 11.37
CA TYR A 48 -48.32 19.62 12.68
C TYR A 48 -47.17 20.62 12.66
N SER A 49 -46.14 20.34 11.84
CA SER A 49 -44.98 21.21 11.79
C SER A 49 -45.18 22.38 10.82
N ASP A 50 -45.63 22.10 9.61
CA ASP A 50 -45.79 23.15 8.62
C ASP A 50 -46.90 24.11 9.04
N PHE A 51 -47.03 25.20 8.26
CA PHE A 51 -48.04 26.22 8.52
C PHE A 51 -47.82 26.90 9.87
N HIS A 52 -46.65 26.68 10.47
CA HIS A 52 -46.35 27.20 11.80
C HIS A 52 -44.97 27.86 11.75
N PHE A 53 -44.93 29.19 11.81
CA PHE A 53 -43.71 29.96 11.70
C PHE A 53 -43.53 30.81 12.96
N ILE A 54 -42.31 31.31 13.14
CA ILE A 54 -41.97 32.19 14.25
C ILE A 54 -41.19 33.38 13.72
N ASN A 55 -41.32 34.51 14.41
CA ASN A 55 -40.50 35.69 14.20
C ASN A 55 -39.65 35.93 15.45
N GLU A 56 -38.92 37.05 15.46
CA GLU A 56 -37.99 37.32 16.55
C GLU A 56 -38.62 37.19 17.93
N ARG A 57 -39.94 37.30 18.04
CA ARG A 57 -40.62 37.05 19.30
C ARG A 57 -40.78 35.55 19.52
N GLY A 58 -41.59 35.20 20.51
CA GLY A 58 -42.10 33.84 20.63
C GLY A 58 -43.36 33.72 19.81
N GLU A 59 -44.46 33.33 20.44
CA GLU A 59 -45.82 33.56 19.93
C GLU A 59 -45.87 33.36 18.41
N SER A 60 -45.62 32.11 18.01
CA SER A 60 -45.46 31.74 16.60
C SER A 60 -46.45 32.46 15.70
N ILE A 61 -45.94 32.95 14.58
CA ILE A 61 -46.78 33.51 13.53
C ILE A 61 -47.28 32.36 12.66
N ILE A 62 -48.61 32.26 12.52
CA ILE A 62 -49.23 31.19 11.76
C ILE A 62 -49.81 31.79 10.48
N VAL A 63 -49.31 31.31 9.35
CA VAL A 63 -49.76 31.78 8.03
C VAL A 63 -50.10 30.57 7.19
N GLU A 64 -51.24 30.63 6.51
CA GLU A 64 -51.66 29.53 5.64
C GLU A 64 -50.71 29.33 4.47
N SER A 65 -49.96 30.37 4.08
CA SER A 65 -49.00 30.27 2.99
C SER A 65 -47.86 31.23 3.27
N GLY A 66 -46.64 30.70 3.28
CA GLY A 66 -45.47 31.52 3.52
C GLY A 66 -45.26 32.58 2.47
N ASP A 67 -45.33 33.85 2.87
CA ASP A 67 -45.15 34.94 1.94
C ASP A 67 -43.67 35.16 1.63
N PRO A 68 -43.34 35.75 0.48
CA PRO A 68 -41.93 35.99 0.15
C PRO A 68 -41.29 36.96 1.13
N ASN A 69 -40.33 36.45 1.90
CA ASN A 69 -39.65 37.25 2.90
C ASN A 69 -38.53 36.46 3.57
N ALA A 70 -37.72 37.13 4.38
CA ALA A 70 -36.79 36.43 5.25
C ALA A 70 -37.48 35.78 6.44
N LEU A 71 -38.77 36.07 6.64
CA LEU A 71 -39.53 35.57 7.78
C LEU A 71 -40.24 34.26 7.42
N LEU A 72 -39.44 33.24 7.15
CA LEU A 72 -39.93 31.90 6.84
C LEU A 72 -39.51 30.87 7.86
N LYS A 73 -39.10 31.29 9.05
CA LYS A 73 -38.74 30.37 10.12
C LYS A 73 -39.90 29.42 10.41
N HIS A 74 -39.56 28.16 10.66
CA HIS A 74 -40.56 27.14 10.98
C HIS A 74 -40.63 26.94 12.49
N ARG A 75 -41.85 26.91 13.02
CA ARG A 75 -42.03 26.75 14.46
C ARG A 75 -41.46 25.41 14.93
N PHE A 76 -41.87 24.32 14.30
CA PHE A 76 -41.42 22.99 14.64
C PHE A 76 -40.59 22.45 13.47
N GLU A 77 -39.39 21.98 13.78
CA GLU A 77 -38.49 21.45 12.76
C GLU A 77 -38.39 19.95 12.90
N ILE A 78 -38.55 19.24 11.78
CA ILE A 78 -38.86 17.81 11.81
C ILE A 78 -37.60 16.99 12.03
N ILE A 79 -37.75 15.89 12.78
CA ILE A 79 -36.67 14.96 13.02
C ILE A 79 -36.79 13.79 12.04
N GLU A 80 -37.93 13.12 12.07
CA GLU A 80 -38.16 11.95 11.23
C GLU A 80 -38.31 12.41 9.78
N GLY A 81 -38.52 11.47 8.86
CA GLY A 81 -38.41 11.78 7.45
C GLY A 81 -36.99 11.83 6.97
N ARG A 82 -36.06 11.29 7.76
CA ARG A 82 -34.64 11.31 7.45
C ARG A 82 -34.07 9.95 7.80
N ASP A 83 -32.84 9.70 7.35
CA ASP A 83 -32.18 8.45 7.68
C ASP A 83 -31.73 8.46 9.14
N ARG A 84 -31.47 7.26 9.67
CA ARG A 84 -31.06 7.15 11.06
C ARG A 84 -29.79 7.96 11.32
N THR A 85 -28.84 7.90 10.39
CA THR A 85 -27.60 8.65 10.55
C THR A 85 -27.89 10.15 10.67
N MET A 86 -28.73 10.67 9.78
CA MET A 86 -29.04 12.09 9.88
C MET A 86 -29.96 12.42 11.05
N ALA A 87 -30.87 11.51 11.41
CA ALA A 87 -31.71 11.76 12.58
C ALA A 87 -30.85 11.93 13.81
N TRP A 88 -29.84 11.08 13.96
CA TRP A 88 -28.94 11.20 15.10
C TRP A 88 -27.98 12.38 14.93
N THR A 89 -27.67 12.75 13.68
CA THR A 89 -26.91 13.98 13.45
C THR A 89 -27.68 15.19 13.98
N VAL A 90 -28.95 15.31 13.63
CA VAL A 90 -29.77 16.42 14.12
C VAL A 90 -29.92 16.34 15.64
N VAL A 91 -30.11 15.14 16.19
CA VAL A 91 -30.22 15.01 17.63
C VAL A 91 -28.98 15.58 18.31
N ASN A 92 -27.80 15.12 17.88
CA ASN A 92 -26.56 15.56 18.51
C ASN A 92 -26.32 17.05 18.30
N SER A 93 -26.61 17.57 17.10
CA SER A 93 -26.41 18.98 16.85
C SER A 93 -27.31 19.83 17.75
N ILE A 94 -28.57 19.43 17.90
CA ILE A 94 -29.48 20.18 18.76
C ILE A 94 -29.01 20.12 20.21
N CYS A 95 -28.58 18.95 20.66
CA CYS A 95 -28.10 18.83 22.03
C CYS A 95 -26.87 19.72 22.26
N ASN A 96 -25.95 19.75 21.31
CA ASN A 96 -24.73 20.53 21.48
C ASN A 96 -24.96 22.03 21.33
N THR A 97 -25.99 22.45 20.59
CA THR A 97 -26.26 23.87 20.43
C THR A 97 -27.29 24.37 21.44
N THR A 98 -28.30 23.56 21.76
CA THR A 98 -29.32 23.95 22.71
C THR A 98 -28.93 23.66 24.16
N GLY A 99 -27.87 22.90 24.39
CA GLY A 99 -27.46 22.56 25.74
C GLY A 99 -28.47 21.68 26.44
N ALA A 100 -29.33 21.02 25.67
CA ALA A 100 -30.34 20.15 26.23
C ALA A 100 -29.78 18.74 26.43
N GLU A 101 -30.64 17.83 26.89
CA GLU A 101 -30.25 16.45 27.13
C GLU A 101 -30.53 15.60 25.89
N LYS A 102 -29.66 14.62 25.67
CA LYS A 102 -29.76 13.78 24.48
C LYS A 102 -30.70 12.61 24.74
N PRO A 103 -31.81 12.48 24.01
CA PRO A 103 -32.66 11.30 24.17
C PRO A 103 -32.01 10.07 23.55
N LYS A 104 -32.46 8.91 24.03
CA LYS A 104 -31.91 7.64 23.57
C LYS A 104 -32.65 7.07 22.37
N PHE A 105 -33.87 7.56 22.09
CA PHE A 105 -34.66 7.13 20.95
C PHE A 105 -34.92 8.32 20.03
N LEU A 106 -35.63 8.04 18.94
CA LEU A 106 -35.84 9.04 17.89
C LEU A 106 -36.98 9.98 18.26
N PRO A 107 -36.73 11.29 18.39
CA PRO A 107 -37.86 12.23 18.49
C PRO A 107 -38.45 12.54 17.13
N ASP A 108 -39.42 13.45 17.08
CA ASP A 108 -40.10 13.79 15.82
C ASP A 108 -39.98 15.25 15.45
N LEU A 109 -39.78 16.15 16.40
CA LEU A 109 -39.84 17.58 16.11
C LEU A 109 -39.04 18.31 17.19
N TYR A 110 -38.60 19.53 16.87
CA TYR A 110 -38.00 20.41 17.87
C TYR A 110 -38.66 21.78 17.80
N ASP A 111 -38.79 22.41 18.98
CA ASP A 111 -39.42 23.71 19.14
C ASP A 111 -38.53 24.63 19.96
N TYR A 112 -38.64 25.93 19.65
CA TYR A 112 -37.79 26.95 20.27
C TYR A 112 -38.38 27.48 21.57
N LYS A 113 -39.63 27.93 21.55
CA LYS A 113 -40.28 28.51 22.73
C LYS A 113 -39.89 27.75 23.98
N GLU A 114 -40.18 26.45 23.95
CA GLU A 114 -39.90 25.53 25.04
C GLU A 114 -38.59 24.79 24.86
N ASN A 115 -37.87 25.05 23.77
CA ASN A 115 -36.51 24.56 23.55
C ASN A 115 -36.43 23.05 23.82
N ARG A 116 -37.22 22.28 23.09
CA ARG A 116 -37.22 20.84 23.36
C ARG A 116 -37.93 20.07 22.26
N PHE A 117 -37.92 18.75 22.42
CA PHE A 117 -38.35 17.79 21.41
C PHE A 117 -39.83 17.43 21.58
N ILE A 118 -40.40 16.91 20.50
CA ILE A 118 -41.75 16.37 20.47
C ILE A 118 -41.69 15.02 19.77
N GLU A 119 -42.24 13.99 20.41
CA GLU A 119 -42.31 12.65 19.84
C GLU A 119 -43.78 12.34 19.56
N ILE A 120 -44.22 12.67 18.35
CA ILE A 120 -45.63 12.49 18.00
C ILE A 120 -45.87 11.04 17.59
N GLY A 121 -46.87 10.42 18.20
CA GLY A 121 -47.31 9.12 17.78
C GLY A 121 -48.82 8.97 17.91
N VAL A 122 -49.48 8.66 16.80
CA VAL A 122 -50.92 8.45 16.78
C VAL A 122 -51.15 6.97 16.54
N THR A 123 -51.59 6.27 17.57
CA THR A 123 -51.80 4.83 17.51
C THR A 123 -53.29 4.53 17.44
N ARG A 124 -53.60 3.31 17.00
CA ARG A 124 -54.99 2.87 16.92
C ARG A 124 -55.63 2.83 18.30
N ARG A 125 -54.90 2.31 19.28
CA ARG A 125 -55.42 2.22 20.63
C ARG A 125 -55.59 3.62 21.24
N GLU A 126 -56.36 3.69 22.32
CA GLU A 126 -56.63 4.96 22.96
C GLU A 126 -55.34 5.53 23.57
N VAL A 127 -55.33 6.85 23.75
CA VAL A 127 -54.10 7.56 24.09
C VAL A 127 -53.62 7.18 25.49
N HIS A 128 -54.54 7.13 26.47
CA HIS A 128 -54.16 7.11 27.88
C HIS A 128 -53.40 5.85 28.29
N ILE A 129 -53.13 4.94 27.36
CA ILE A 129 -52.25 3.81 27.60
C ILE A 129 -50.98 3.91 26.78
N TYR A 130 -51.11 4.22 25.48
CA TYR A 130 -49.94 4.37 24.61
C TYR A 130 -49.00 5.46 25.12
N TYR A 131 -49.56 6.52 25.69
CA TYR A 131 -48.75 7.62 26.19
C TYR A 131 -47.75 7.11 27.22
N LEU A 132 -48.25 6.57 28.33
CA LEU A 132 -47.36 6.06 29.37
C LEU A 132 -46.56 4.86 28.90
N GLU A 133 -47.04 4.11 27.90
CA GLU A 133 -46.22 3.05 27.33
C GLU A 133 -44.93 3.62 26.75
N LYS A 134 -45.05 4.50 25.76
CA LYS A 134 -43.86 5.12 25.19
C LYS A 134 -43.09 5.91 26.24
N ALA A 135 -43.77 6.42 27.28
CA ALA A 135 -43.08 7.14 28.34
C ALA A 135 -42.14 6.21 29.12
N ASN A 136 -42.60 4.99 29.43
CA ASN A 136 -41.73 4.07 30.15
C ASN A 136 -40.72 3.42 29.22
N LYS A 137 -40.96 3.49 27.90
CA LYS A 137 -39.90 3.14 26.96
C LYS A 137 -38.74 4.14 26.99
N ILE A 138 -39.04 5.41 27.24
CA ILE A 138 -38.04 6.48 27.24
C ILE A 138 -37.70 6.81 28.68
N LYS A 139 -36.41 6.86 28.99
CA LYS A 139 -35.95 6.95 30.37
C LYS A 139 -35.80 8.40 30.79
N SER A 140 -36.48 8.77 31.89
CA SER A 140 -36.32 10.07 32.52
C SER A 140 -36.28 11.19 31.49
N GLU A 141 -37.39 11.36 30.78
CA GLU A 141 -37.42 12.23 29.61
C GLU A 141 -38.03 13.59 29.97
N LYS A 142 -37.35 14.65 29.56
CA LYS A 142 -37.89 16.00 29.62
C LYS A 142 -38.55 16.45 28.33
N THR A 143 -38.21 15.81 27.20
CA THR A 143 -38.96 16.01 25.98
C THR A 143 -40.44 15.73 26.22
N HIS A 144 -41.27 16.73 25.93
CA HIS A 144 -42.71 16.57 26.08
C HIS A 144 -43.24 15.64 25.01
N ILE A 145 -44.21 14.81 25.40
CA ILE A 145 -44.81 13.80 24.53
C ILE A 145 -46.27 14.17 24.33
N HIS A 146 -46.76 14.02 23.11
CA HIS A 146 -48.15 14.31 22.79
C HIS A 146 -48.63 13.31 21.74
N ILE A 147 -49.77 12.68 21.99
CA ILE A 147 -50.31 11.64 21.12
C ILE A 147 -51.80 11.86 20.92
N PHE A 148 -52.28 11.55 19.71
CA PHE A 148 -53.69 11.46 19.41
C PHE A 148 -54.09 10.00 19.21
N SER A 149 -55.40 9.77 19.13
CA SER A 149 -55.95 8.47 18.78
C SER A 149 -57.27 8.66 18.06
N PHE A 150 -57.68 7.63 17.32
CA PHE A 150 -58.72 7.81 16.31
C PHE A 150 -60.02 8.32 16.90
N THR A 151 -60.32 8.01 18.17
CA THR A 151 -61.59 8.43 18.74
C THR A 151 -61.70 9.95 18.78
N GLY A 152 -60.57 10.65 18.72
CA GLY A 152 -60.58 12.10 18.65
C GLY A 152 -60.01 12.77 19.88
N GLU A 153 -59.56 11.98 20.85
CA GLU A 153 -59.09 12.51 22.12
C GLU A 153 -57.62 12.90 22.04
N GLU A 154 -57.25 13.89 22.84
CA GLU A 154 -55.87 14.34 22.99
C GLU A 154 -55.48 14.29 24.46
N MET A 155 -54.18 14.19 24.72
CA MET A 155 -53.68 14.20 26.08
C MET A 155 -52.23 14.63 26.07
N ALA A 156 -51.73 14.99 27.25
CA ALA A 156 -50.31 15.30 27.42
C ALA A 156 -50.00 15.54 28.88
N THR A 157 -48.75 15.30 29.28
CA THR A 157 -48.32 15.64 30.63
C THR A 157 -48.19 17.16 30.75
N LYS A 158 -48.15 17.64 31.99
CA LYS A 158 -48.19 19.06 32.31
C LYS A 158 -49.47 19.73 31.83
N ALA A 159 -50.45 18.94 31.36
CA ALA A 159 -51.61 19.49 30.67
C ALA A 159 -51.20 20.44 29.56
N ASP A 160 -50.03 20.20 28.98
CA ASP A 160 -49.42 21.14 28.04
C ASP A 160 -49.81 20.77 26.61
N TYR A 161 -50.30 21.77 25.87
CA TYR A 161 -50.55 21.65 24.44
C TYR A 161 -49.91 22.86 23.78
N THR A 162 -48.94 22.61 22.90
CA THR A 162 -47.91 23.61 22.62
C THR A 162 -48.31 24.67 21.58
N LEU A 163 -49.42 24.52 20.88
CA LEU A 163 -49.78 25.53 19.88
C LEU A 163 -51.30 25.60 19.76
N ASP A 164 -51.76 26.29 18.71
CA ASP A 164 -53.17 26.60 18.51
C ASP A 164 -54.06 25.37 18.55
N GLU A 165 -55.30 25.55 19.00
CA GLU A 165 -56.26 24.45 19.04
C GLU A 165 -56.94 24.20 17.71
N GLU A 166 -57.04 25.20 16.83
CA GLU A 166 -57.59 24.96 15.51
C GLU A 166 -56.71 23.99 14.73
N SER A 167 -55.39 24.02 14.96
CA SER A 167 -54.52 23.04 14.36
C SER A 167 -54.86 21.63 14.84
N ARG A 168 -55.17 21.48 16.14
CA ARG A 168 -55.54 20.17 16.66
C ARG A 168 -56.89 19.71 16.14
N ALA A 169 -57.82 20.64 15.95
CA ALA A 169 -59.07 20.31 15.27
C ALA A 169 -58.78 19.80 13.86
N ARG A 170 -57.84 20.45 13.18
CA ARG A 170 -57.33 19.97 11.91
C ARG A 170 -56.85 18.53 12.02
N ILE A 171 -56.03 18.26 13.04
CA ILE A 171 -55.44 16.93 13.23
C ILE A 171 -56.55 15.88 13.37
N LYS A 172 -57.52 16.14 14.24
CA LYS A 172 -58.55 15.14 14.48
C LYS A 172 -59.56 15.04 13.33
N THR A 173 -59.77 16.12 12.57
CA THR A 173 -60.55 16.01 11.35
C THR A 173 -59.86 15.11 10.34
N ARG A 174 -58.54 15.28 10.19
CA ARG A 174 -57.72 14.42 9.35
C ARG A 174 -57.87 12.98 9.84
N LEU A 175 -57.85 12.82 11.16
CA LEU A 175 -57.90 11.52 11.81
C LEU A 175 -59.19 10.79 11.47
N PHE A 176 -60.34 11.44 11.70
CA PHE A 176 -61.60 10.81 11.39
C PHE A 176 -61.85 10.70 9.89
N THR A 177 -61.26 11.56 9.06
CA THR A 177 -61.26 11.32 7.63
C THR A 177 -60.63 9.98 7.32
N ILE A 178 -59.46 9.73 7.92
CA ILE A 178 -58.81 8.43 7.75
C ILE A 178 -59.76 7.32 8.19
N ARG A 179 -60.35 7.49 9.37
CA ARG A 179 -61.17 6.44 9.96
C ARG A 179 -62.38 6.11 9.09
N GLN A 180 -63.28 7.07 8.90
CA GLN A 180 -64.45 6.79 8.07
C GLN A 180 -64.14 6.83 6.58
N GLU A 181 -62.86 6.79 6.18
CA GLU A 181 -62.58 6.38 4.81
C GLU A 181 -62.23 4.90 4.76
N MET A 182 -61.44 4.41 5.73
CA MET A 182 -61.33 2.95 5.82
C MET A 182 -62.70 2.34 6.00
N ALA A 183 -63.64 3.09 6.60
CA ALA A 183 -65.01 2.61 6.71
C ALA A 183 -65.53 2.20 5.34
N SER A 184 -65.32 3.04 4.33
CA SER A 184 -65.60 2.64 2.96
C SER A 184 -64.69 1.50 2.51
N ARG A 185 -63.45 1.43 3.02
CA ARG A 185 -62.55 0.35 2.62
C ARG A 185 -62.80 -0.93 3.42
N GLY A 186 -62.71 -0.84 4.76
CA GLY A 186 -63.02 -1.97 5.61
C GLY A 186 -61.85 -2.77 6.13
N LEU A 187 -60.89 -2.12 6.79
CA LEU A 187 -59.61 -2.73 7.14
C LEU A 187 -59.45 -3.12 8.61
N TRP A 188 -60.40 -2.79 9.49
CA TRP A 188 -60.15 -2.98 10.92
C TRP A 188 -60.11 -4.44 11.35
N ASP A 189 -60.34 -5.40 10.45
CA ASP A 189 -60.11 -6.79 10.82
C ASP A 189 -58.66 -7.01 11.22
N SER A 190 -57.76 -6.13 10.79
CA SER A 190 -56.35 -6.19 11.17
C SER A 190 -55.75 -4.83 11.49
N PHE A 191 -56.46 -3.72 11.24
CA PHE A 191 -55.85 -2.40 11.34
C PHE A 191 -55.40 -2.12 12.78
N ARG A 192 -56.24 -2.45 13.75
CA ARG A 192 -55.87 -2.21 15.14
C ARG A 192 -54.61 -2.98 15.53
N GLN A 193 -54.53 -4.24 15.13
CA GLN A 193 -53.40 -5.12 15.46
C GLN A 193 -52.92 -5.79 14.17
N SER A 194 -51.91 -5.18 13.53
CA SER A 194 -51.31 -5.74 12.33
C SER A 194 -49.80 -5.89 12.43
N GLU A 195 -49.13 -5.17 13.34
CA GLU A 195 -47.69 -5.28 13.54
C GLU A 195 -47.42 -5.77 14.96
N ARG A 196 -46.53 -6.75 15.09
CA ARG A 196 -46.20 -7.33 16.39
C ARG A 196 -44.70 -7.30 16.66
N GLY A 197 -43.91 -6.65 15.81
CA GLY A 197 -42.48 -6.55 16.03
C GLY A 197 -41.72 -7.79 15.60
N GLU A 198 -41.82 -8.14 14.32
CA GLU A 198 -41.09 -9.28 13.77
C GLU A 198 -39.77 -8.80 13.18
N GLU A 199 -38.68 -9.40 13.64
CA GLU A 199 -37.34 -9.13 13.09
C GLU A 199 -36.60 -10.47 12.99
N THR A 200 -36.50 -10.98 11.77
CA THR A 200 -35.79 -12.23 11.52
C THR A 200 -35.49 -12.33 10.03
N ILE A 201 -34.35 -12.94 9.71
CA ILE A 201 -33.94 -13.12 8.33
C ILE A 201 -32.89 -14.22 8.30
N GLU A 202 -32.85 -14.96 7.20
CA GLU A 202 -31.88 -16.02 6.98
C GLU A 202 -31.03 -15.65 5.78
N GLU A 203 -29.71 -15.70 5.94
CA GLU A 203 -28.81 -15.36 4.85
C GLU A 203 -28.76 -16.50 3.84
N ARG A 204 -28.91 -16.17 2.57
CA ARG A 204 -29.00 -17.16 1.49
C ARG A 204 -27.90 -16.90 0.48
N PHE A 205 -26.99 -17.85 0.34
CA PHE A 205 -25.90 -17.79 -0.63
C PHE A 205 -25.96 -19.08 -1.46
N GLU A 206 -26.75 -19.04 -2.53
CA GLU A 206 -27.07 -20.24 -3.29
C GLU A 206 -26.21 -20.33 -4.54
N ILE A 207 -25.58 -21.48 -4.74
CA ILE A 207 -24.84 -21.75 -5.97
C ILE A 207 -25.82 -22.32 -6.98
N THR A 208 -25.95 -21.64 -8.12
CA THR A 208 -26.89 -22.07 -9.15
C THR A 208 -26.43 -21.53 -10.50
N GLY A 209 -27.00 -22.08 -11.56
CA GLY A 209 -26.65 -21.63 -12.89
C GLY A 209 -25.25 -22.08 -13.28
N THR A 210 -24.60 -21.26 -14.11
CA THR A 210 -23.28 -21.62 -14.61
C THR A 210 -22.31 -21.92 -13.47
N MET A 211 -22.33 -21.11 -12.42
CA MET A 211 -21.39 -21.30 -11.33
C MET A 211 -21.56 -22.66 -10.66
N ARG A 212 -22.74 -23.25 -10.74
CA ARG A 212 -22.92 -24.61 -10.22
C ARG A 212 -22.21 -25.62 -11.10
N ARG A 213 -22.32 -25.48 -12.42
CA ARG A 213 -21.66 -26.42 -13.32
C ARG A 213 -20.15 -26.38 -13.13
N LEU A 214 -19.58 -25.19 -12.96
CA LEU A 214 -18.16 -25.08 -12.65
C LEU A 214 -17.82 -25.86 -11.39
N ALA A 215 -18.71 -25.83 -10.39
CA ALA A 215 -18.47 -26.59 -9.18
C ALA A 215 -18.47 -28.09 -9.46
N ASP A 216 -19.25 -28.53 -10.45
CA ASP A 216 -19.29 -29.93 -10.82
C ASP A 216 -18.05 -30.37 -11.59
N GLN A 217 -17.23 -29.42 -12.06
CA GLN A 217 -16.02 -29.73 -12.81
C GLN A 217 -14.76 -29.41 -12.02
N SER A 218 -14.87 -29.24 -10.71
CA SER A 218 -13.75 -28.94 -9.83
C SER A 218 -13.67 -29.96 -8.70
N LEU A 219 -13.97 -31.20 -9.00
CA LEU A 219 -13.98 -32.30 -8.04
C LEU A 219 -12.91 -33.32 -8.40
N PRO A 220 -12.63 -34.27 -7.51
CA PRO A 220 -11.72 -35.36 -7.85
C PRO A 220 -12.20 -36.11 -9.08
N PRO A 221 -11.36 -36.95 -9.68
CA PRO A 221 -11.71 -37.52 -10.99
C PRO A 221 -12.99 -38.34 -10.99
N ASN A 222 -13.28 -39.06 -9.91
CA ASN A 222 -14.41 -40.00 -9.88
C ASN A 222 -15.59 -39.45 -9.09
N PHE A 223 -15.87 -38.15 -9.21
CA PHE A 223 -17.05 -37.54 -8.60
C PHE A 223 -17.83 -36.80 -9.68
N SER A 224 -19.15 -36.76 -9.51
CA SER A 224 -20.05 -36.23 -10.52
C SER A 224 -20.71 -34.92 -10.14
N SER A 225 -20.86 -34.62 -8.85
CA SER A 225 -21.55 -33.40 -8.43
C SER A 225 -20.99 -32.95 -7.09
N LEU A 226 -21.08 -31.64 -6.84
CA LEU A 226 -20.64 -31.10 -5.57
C LEU A 226 -21.45 -31.66 -4.41
N GLU A 227 -22.74 -31.92 -4.64
CA GLU A 227 -23.56 -32.54 -3.61
C GLU A 227 -22.98 -33.89 -3.19
N ASN A 228 -22.67 -34.74 -4.16
CA ASN A 228 -22.15 -36.07 -3.84
C ASN A 228 -20.80 -35.97 -3.14
N PHE A 229 -19.93 -35.07 -3.60
CA PHE A 229 -18.61 -34.96 -2.98
C PHE A 229 -18.73 -34.46 -1.55
N ARG A 230 -19.60 -33.47 -1.30
CA ARG A 230 -19.79 -33.00 0.07
C ARG A 230 -20.39 -34.08 0.96
N ALA A 231 -21.33 -34.87 0.42
CA ALA A 231 -21.87 -35.98 1.20
C ALA A 231 -20.78 -36.98 1.54
N TYR A 232 -19.92 -37.30 0.58
CA TYR A 232 -18.82 -38.21 0.83
C TYR A 232 -17.88 -37.66 1.89
N VAL A 233 -17.56 -36.37 1.81
CA VAL A 233 -16.67 -35.76 2.79
C VAL A 233 -17.28 -35.83 4.18
N ASP A 234 -18.57 -35.47 4.29
CA ASP A 234 -19.24 -35.53 5.59
C ASP A 234 -19.26 -36.95 6.13
N GLY A 235 -19.45 -37.94 5.27
CA GLY A 235 -19.43 -39.34 5.68
C GLY A 235 -18.04 -39.94 5.81
N PHE A 236 -16.99 -39.20 5.45
CA PHE A 236 -15.64 -39.72 5.51
C PHE A 236 -15.13 -39.71 6.95
N GLU A 237 -14.43 -40.79 7.32
CA GLU A 237 -13.77 -40.90 8.61
C GLU A 237 -12.43 -41.59 8.40
N PRO A 238 -11.43 -41.28 9.21
CA PRO A 238 -10.10 -41.89 9.00
C PRO A 238 -10.14 -43.38 9.29
N ASN A 239 -9.67 -44.17 8.31
CA ASN A 239 -9.62 -45.62 8.43
C ASN A 239 -8.29 -46.14 7.90
N GLY A 240 -7.20 -45.46 8.25
CA GLY A 240 -5.88 -45.90 7.84
C GLY A 240 -5.70 -45.97 6.34
N TYR A 241 -5.88 -44.84 5.65
CA TYR A 241 -5.68 -44.77 4.21
C TYR A 241 -4.29 -44.30 3.83
N ILE A 242 -3.64 -43.48 4.66
CA ILE A 242 -2.27 -43.07 4.36
C ILE A 242 -1.33 -44.28 4.45
N GLU A 243 -1.57 -45.17 5.41
CA GLU A 243 -0.71 -46.35 5.55
C GLU A 243 -0.82 -47.25 4.33
N GLY A 244 -2.03 -47.45 3.81
CA GLY A 244 -2.19 -48.32 2.66
C GLY A 244 -1.42 -47.83 1.44
N LYS A 245 -1.55 -46.53 1.14
CA LYS A 245 -0.84 -45.98 -0.01
C LYS A 245 0.66 -45.90 0.24
N LEU A 246 1.07 -45.66 1.48
CA LEU A 246 2.50 -45.70 1.80
C LEU A 246 3.08 -47.08 1.54
N SER A 247 2.35 -48.12 1.94
CA SER A 247 2.80 -49.49 1.67
C SER A 247 2.78 -49.79 0.18
N GLN A 248 1.76 -49.33 -0.55
CA GLN A 248 1.67 -49.61 -1.97
C GLN A 248 2.62 -48.75 -2.79
N MET A 249 2.95 -47.55 -2.32
CA MET A 249 3.83 -46.67 -3.08
C MET A 249 5.19 -47.32 -3.28
N SER A 250 5.79 -47.08 -4.45
CA SER A 250 7.08 -47.66 -4.76
C SER A 250 8.13 -47.20 -3.76
N LYS A 251 9.04 -48.12 -3.40
CA LYS A 251 10.07 -47.82 -2.43
C LYS A 251 11.19 -46.96 -3.00
N GLU A 252 11.26 -46.78 -4.32
CA GLU A 252 12.24 -45.88 -4.89
C GLU A 252 11.99 -44.43 -4.52
N VAL A 253 10.79 -44.11 -4.02
CA VAL A 253 10.48 -42.77 -3.52
C VAL A 253 11.03 -42.68 -2.10
N ASN A 254 12.26 -42.19 -1.97
CA ASN A 254 12.93 -42.14 -0.68
C ASN A 254 13.73 -40.86 -0.58
N ALA A 255 14.17 -40.55 0.64
CA ALA A 255 14.98 -39.38 0.94
C ALA A 255 16.26 -39.81 1.66
N ARG A 256 16.94 -40.81 1.10
CA ARG A 256 18.12 -41.37 1.74
C ARG A 256 19.16 -40.29 1.99
N ILE A 257 19.79 -40.35 3.17
CA ILE A 257 20.76 -39.36 3.58
C ILE A 257 22.15 -39.83 3.18
N GLU A 258 22.84 -39.02 2.39
CA GLU A 258 24.22 -39.31 2.01
C GLU A 258 25.16 -38.67 3.01
N PRO A 259 25.99 -39.43 3.72
CA PRO A 259 26.89 -38.81 4.69
C PRO A 259 27.83 -37.81 4.02
N PHE A 260 28.11 -36.73 4.74
CA PHE A 260 29.00 -35.67 4.28
C PHE A 260 30.27 -35.73 5.10
N LEU A 261 31.37 -36.16 4.47
CA LEU A 261 32.65 -36.34 5.12
C LEU A 261 33.67 -35.36 4.55
N LYS A 262 34.90 -35.42 5.09
CA LYS A 262 35.95 -34.54 4.62
C LYS A 262 36.28 -34.77 3.16
N THR A 263 36.22 -36.02 2.71
CA THR A 263 36.56 -36.37 1.34
C THR A 263 35.41 -36.21 0.36
N THR A 264 34.22 -35.83 0.83
CA THR A 264 33.05 -35.73 -0.02
C THR A 264 33.09 -34.47 -0.90
N PRO A 265 33.25 -33.28 -0.32
CA PRO A 265 33.14 -32.06 -1.14
C PRO A 265 34.30 -31.95 -2.11
N ARG A 266 33.98 -31.63 -3.36
CA ARG A 266 34.95 -31.43 -4.42
C ARG A 266 35.05 -29.94 -4.75
N PRO A 267 36.20 -29.49 -5.26
CA PRO A 267 36.34 -28.06 -5.60
C PRO A 267 35.37 -27.65 -6.69
N LEU A 268 34.86 -26.43 -6.56
CA LEU A 268 33.94 -25.90 -7.57
C LEU A 268 34.69 -25.66 -8.87
N ARG A 269 34.12 -26.12 -9.98
CA ARG A 269 34.73 -25.94 -11.28
C ARG A 269 34.46 -24.53 -11.80
N LEU A 270 35.50 -23.90 -12.33
CA LEU A 270 35.34 -22.57 -12.89
C LEU A 270 35.23 -22.63 -14.40
N PRO A 271 34.46 -21.74 -15.02
CA PRO A 271 34.33 -21.78 -16.48
C PRO A 271 35.64 -21.45 -17.17
N ASP A 272 35.80 -21.98 -18.37
CA ASP A 272 36.99 -21.78 -19.18
C ASP A 272 36.63 -20.98 -20.44
N GLY A 273 37.55 -20.10 -20.84
CA GLY A 273 37.33 -19.25 -21.98
C GLY A 273 38.31 -18.09 -22.00
N PRO A 274 38.01 -17.06 -22.79
CA PRO A 274 38.88 -15.90 -22.82
C PRO A 274 38.94 -15.24 -21.45
N PRO A 275 40.06 -14.61 -21.11
CA PRO A 275 40.19 -14.02 -19.77
C PRO A 275 39.09 -13.01 -19.50
N CYS A 276 38.86 -12.75 -18.21
CA CYS A 276 37.82 -11.82 -17.79
C CYS A 276 38.31 -10.39 -17.94
N SER A 277 37.40 -9.51 -18.33
CA SER A 277 37.71 -8.12 -18.60
C SER A 277 37.25 -7.23 -17.44
N GLN A 278 37.55 -5.94 -17.55
CA GLN A 278 37.20 -4.97 -16.53
C GLN A 278 35.78 -4.45 -16.79
N ARG A 279 34.99 -4.34 -15.73
CA ARG A 279 33.60 -3.88 -15.83
C ARG A 279 33.32 -2.62 -15.06
N SER A 280 34.24 -2.15 -14.21
CA SER A 280 33.98 -0.99 -13.37
C SER A 280 33.69 0.25 -14.21
N LYS A 281 32.99 1.22 -13.62
CA LYS A 281 32.70 2.48 -14.30
C LYS A 281 33.84 3.48 -14.18
N PHE A 282 34.90 3.14 -13.46
CA PHE A 282 36.06 4.02 -13.35
C PHE A 282 37.27 3.17 -12.95
N LEU A 283 38.45 3.72 -13.18
CA LEU A 283 39.68 3.04 -12.78
C LEU A 283 39.78 3.00 -11.26
N LEU A 284 40.16 1.84 -10.74
CA LEU A 284 40.28 1.64 -9.30
C LEU A 284 41.75 1.55 -8.86
N MET A 285 42.52 0.65 -9.48
CA MET A 285 43.91 0.45 -9.10
C MET A 285 44.87 1.32 -9.88
N ASP A 286 44.47 1.82 -11.06
CA ASP A 286 45.35 2.55 -11.95
C ASP A 286 44.99 4.03 -12.06
N ALA A 287 44.32 4.57 -11.05
CA ALA A 287 43.91 5.96 -11.07
C ALA A 287 45.10 6.88 -10.78
N LEU A 288 45.03 8.09 -11.30
CA LEU A 288 46.02 9.12 -11.03
C LEU A 288 45.31 10.40 -10.62
N LYS A 289 45.96 11.19 -9.78
CA LYS A 289 45.34 12.33 -9.12
C LYS A 289 46.15 13.59 -9.41
N LEU A 290 45.48 14.60 -9.96
CA LEU A 290 46.03 15.94 -10.09
C LEU A 290 45.39 16.83 -9.04
N SER A 291 46.23 17.56 -8.29
CA SER A 291 45.77 18.20 -7.06
C SER A 291 46.14 19.67 -7.04
N ILE A 292 45.47 20.40 -6.14
CA ILE A 292 45.68 21.83 -5.98
C ILE A 292 46.01 22.23 -4.56
N GLU A 293 45.65 21.43 -3.55
CA GLU A 293 45.91 21.75 -2.15
C GLU A 293 45.07 22.94 -1.69
N ASP A 294 43.81 22.96 -2.08
CA ASP A 294 42.88 24.02 -1.69
C ASP A 294 42.25 23.71 -0.35
N PRO A 295 41.68 24.70 0.32
CA PRO A 295 41.03 24.48 1.62
C PRO A 295 39.55 24.13 1.56
N SER A 296 38.99 23.91 0.37
CA SER A 296 37.55 23.66 0.24
C SER A 296 37.21 22.25 0.70
N HIS A 297 35.95 22.08 1.11
CA HIS A 297 35.44 20.80 1.56
C HIS A 297 34.86 20.02 0.38
N GLU A 298 34.40 18.79 0.66
CA GLU A 298 33.98 17.88 -0.39
C GLU A 298 32.99 18.53 -1.35
N GLY A 299 31.81 18.92 -0.84
CA GLY A 299 30.81 19.53 -1.70
C GLY A 299 31.10 20.99 -2.00
N GLU A 300 31.90 21.64 -1.17
CA GLU A 300 32.21 23.05 -1.37
C GLU A 300 33.05 23.24 -2.64
N GLY A 301 32.67 24.23 -3.43
CA GLY A 301 33.41 24.60 -4.62
C GLY A 301 32.58 24.45 -5.87
N ILE A 302 33.20 24.78 -7.00
CA ILE A 302 32.59 24.68 -8.32
C ILE A 302 33.40 23.67 -9.13
N PRO A 303 32.76 22.70 -9.79
CA PRO A 303 33.55 21.61 -10.39
C PRO A 303 34.51 22.06 -11.48
N LEU A 304 34.02 22.80 -12.47
CA LEU A 304 34.83 23.07 -13.67
C LEU A 304 36.09 23.86 -13.32
N TYR A 305 35.96 24.88 -12.48
CA TYR A 305 37.13 25.68 -12.13
C TYR A 305 38.15 24.85 -11.38
N ASP A 306 37.69 24.00 -10.44
CA ASP A 306 38.61 23.14 -9.71
C ASP A 306 39.32 22.18 -10.66
N ALA A 307 38.60 21.60 -11.62
CA ALA A 307 39.21 20.68 -12.57
C ALA A 307 40.26 21.39 -13.42
N ILE A 308 39.94 22.59 -13.92
CA ILE A 308 40.90 23.32 -14.74
C ILE A 308 42.12 23.69 -13.92
N LYS A 309 41.92 24.15 -12.68
CA LYS A 309 43.05 24.52 -11.85
C LYS A 309 43.94 23.31 -11.54
N CYS A 310 43.33 22.17 -11.28
CA CYS A 310 44.12 20.95 -11.05
C CYS A 310 44.90 20.57 -12.29
N MET A 311 44.27 20.66 -13.47
CA MET A 311 44.94 20.24 -14.69
C MET A 311 46.08 21.20 -15.07
N ARG A 312 45.92 22.49 -14.79
CA ARG A 312 47.01 23.43 -15.01
C ARG A 312 48.21 23.18 -14.10
N THR A 313 48.02 22.45 -13.01
CA THR A 313 49.13 22.12 -12.11
C THR A 313 50.13 21.15 -12.72
N PHE A 314 49.77 20.49 -13.83
CA PHE A 314 50.63 19.51 -14.47
C PHE A 314 51.19 20.11 -15.76
N PHE A 315 52.49 19.91 -15.97
CA PHE A 315 53.17 20.37 -17.18
C PHE A 315 53.84 19.20 -17.86
N GLY A 316 53.83 19.20 -19.19
CA GLY A 316 54.39 18.11 -19.95
C GLY A 316 53.42 17.53 -20.96
N TRP A 317 52.36 18.29 -21.27
CA TRP A 317 51.37 17.83 -22.22
C TRP A 317 52.01 17.57 -23.58
N LYS A 318 51.59 16.48 -24.21
CA LYS A 318 52.03 16.12 -25.55
C LYS A 318 50.80 15.91 -26.43
N GLU A 319 51.00 16.02 -27.74
CA GLU A 319 49.92 15.76 -28.66
C GLU A 319 49.49 14.30 -28.51
N PRO A 320 48.21 14.03 -28.24
CA PRO A 320 47.81 12.66 -27.96
C PRO A 320 47.90 11.78 -29.19
N ASN A 321 48.20 10.50 -28.96
CA ASN A 321 48.30 9.52 -30.02
C ASN A 321 47.81 8.17 -29.49
N VAL A 322 47.42 7.30 -30.42
CA VAL A 322 46.88 6.00 -30.04
C VAL A 322 47.99 5.10 -29.53
N VAL A 323 47.72 4.43 -28.41
CA VAL A 323 48.65 3.46 -27.84
C VAL A 323 48.02 2.08 -27.93
N LYS A 324 46.85 1.92 -27.34
CA LYS A 324 46.12 0.65 -27.39
C LYS A 324 44.70 0.90 -27.91
N PRO A 325 44.33 0.37 -29.07
CA PRO A 325 43.01 0.65 -29.63
C PRO A 325 41.90 -0.07 -28.88
N HIS A 326 40.67 0.39 -29.10
CA HIS A 326 39.50 -0.24 -28.50
C HIS A 326 39.31 -1.66 -29.02
N GLU A 327 39.79 -1.95 -30.23
CA GLU A 327 39.70 -3.22 -30.92
C GLU A 327 38.31 -3.47 -31.49
N LYS A 328 37.32 -2.63 -31.17
CA LYS A 328 35.98 -2.76 -31.75
C LYS A 328 35.37 -1.44 -32.17
N GLY A 329 35.90 -0.29 -31.72
CA GLY A 329 35.37 1.00 -32.05
C GLY A 329 36.26 1.78 -32.99
N ILE A 330 36.06 3.10 -32.99
CA ILE A 330 36.81 4.01 -33.85
C ILE A 330 37.65 4.88 -32.92
N ASN A 331 38.91 4.47 -32.70
CA ASN A 331 39.77 5.21 -31.78
C ASN A 331 39.96 6.67 -32.16
N PRO A 332 40.10 7.03 -33.44
CA PRO A 332 40.19 8.45 -33.80
C PRO A 332 39.07 9.28 -33.20
N ASN A 333 37.87 8.71 -33.06
CA ASN A 333 36.80 9.43 -32.39
C ASN A 333 37.16 9.74 -30.94
N TYR A 334 37.75 8.77 -30.24
CA TYR A 334 38.17 9.02 -28.86
C TYR A 334 39.25 10.11 -28.81
N LEU A 335 40.21 10.04 -29.73
CA LEU A 335 41.25 11.06 -29.78
C LEU A 335 40.66 12.45 -29.98
N LEU A 336 39.75 12.58 -30.95
CA LEU A 336 39.14 13.86 -31.24
C LEU A 336 38.29 14.33 -30.07
N ALA A 337 37.63 13.40 -29.38
CA ALA A 337 36.84 13.77 -28.21
C ALA A 337 37.73 14.32 -27.11
N TRP A 338 38.89 13.70 -26.88
CA TRP A 338 39.81 14.21 -25.87
C TRP A 338 40.29 15.61 -26.22
N LYS A 339 40.68 15.82 -27.48
CA LYS A 339 41.13 17.15 -27.87
C LYS A 339 40.00 18.18 -27.79
N GLN A 340 38.77 17.77 -28.12
CA GLN A 340 37.62 18.64 -27.98
C GLN A 340 37.39 19.03 -26.52
N VAL A 341 37.51 18.06 -25.61
CA VAL A 341 37.35 18.36 -24.20
C VAL A 341 38.38 19.38 -23.76
N LEU A 342 39.64 19.19 -24.16
CA LEU A 342 40.67 20.14 -23.79
C LEU A 342 40.38 21.53 -24.35
N ALA A 343 39.97 21.60 -25.61
CA ALA A 343 39.69 22.89 -26.24
C ALA A 343 38.57 23.62 -25.53
N GLU A 344 37.49 22.91 -25.21
CA GLU A 344 36.36 23.55 -24.55
C GLU A 344 36.68 23.91 -23.10
N LEU A 345 37.56 23.14 -22.45
CA LEU A 345 38.02 23.52 -21.13
C LEU A 345 38.76 24.85 -21.19
N GLN A 346 39.63 25.02 -22.20
CA GLN A 346 40.29 26.31 -22.38
C GLN A 346 39.26 27.40 -22.67
N ASP A 347 38.25 27.09 -23.50
CA ASP A 347 37.22 28.07 -23.81
C ASP A 347 36.53 28.57 -22.55
N ILE A 348 36.27 27.68 -21.61
CA ILE A 348 35.71 28.11 -20.32
C ILE A 348 36.73 28.94 -19.57
N GLU A 349 38.00 28.52 -19.58
CA GLU A 349 39.01 29.26 -18.84
C GLU A 349 39.06 30.72 -19.30
N ASN A 350 38.81 30.97 -20.59
CA ASN A 350 38.96 32.34 -21.09
C ASN A 350 37.87 33.27 -20.55
N GLU A 351 36.62 32.81 -20.53
CA GLU A 351 35.50 33.71 -20.30
C GLU A 351 35.44 34.16 -18.84
N GLU A 352 34.43 34.97 -18.53
CA GLU A 352 34.37 35.73 -17.28
C GLU A 352 34.32 34.86 -16.03
N LYS A 353 33.24 34.09 -15.85
CA LYS A 353 33.07 33.25 -14.68
C LYS A 353 32.78 31.82 -15.12
N ILE A 354 33.49 30.86 -14.52
CA ILE A 354 33.39 29.47 -14.88
C ILE A 354 31.94 29.03 -14.66
N PRO A 355 31.24 28.49 -15.66
CA PRO A 355 29.87 28.03 -15.42
C PRO A 355 29.85 26.87 -14.45
N LYS A 356 28.77 26.78 -13.67
CA LYS A 356 28.62 25.69 -12.72
C LYS A 356 28.55 24.34 -13.45
N THR A 357 27.83 24.30 -14.57
CA THR A 357 27.72 23.11 -15.39
C THR A 357 27.83 23.50 -16.85
N LYS A 358 28.61 22.75 -17.62
CA LYS A 358 28.83 23.05 -19.03
C LYS A 358 28.20 21.99 -19.92
N ASN A 359 27.65 22.46 -21.03
CA ASN A 359 27.18 21.59 -22.10
C ASN A 359 28.16 21.59 -23.26
N MET A 360 28.37 20.43 -23.85
CA MET A 360 29.29 20.28 -24.97
C MET A 360 28.54 20.20 -26.29
N LYS A 361 29.27 20.44 -27.38
CA LYS A 361 28.71 20.36 -28.71
C LYS A 361 28.48 18.90 -29.10
N LYS A 362 27.43 18.67 -29.89
CA LYS A 362 27.06 17.32 -30.31
C LYS A 362 27.67 17.04 -31.69
N THR A 363 28.98 16.79 -31.68
CA THR A 363 29.68 16.43 -32.89
C THR A 363 29.51 14.95 -33.20
N SER A 364 29.79 14.59 -34.45
CA SER A 364 29.69 13.18 -34.85
C SER A 364 30.54 12.29 -33.96
N GLN A 365 31.66 12.82 -33.47
CA GLN A 365 32.56 12.04 -32.61
C GLN A 365 31.81 11.49 -31.41
N LEU A 366 31.23 12.37 -30.60
CA LEU A 366 30.48 11.93 -29.42
C LEU A 366 29.12 11.38 -29.78
N LYS A 367 28.60 11.70 -30.97
CA LYS A 367 27.39 11.03 -31.43
C LYS A 367 27.62 9.53 -31.56
N TRP A 368 28.77 9.14 -32.11
CA TRP A 368 29.13 7.73 -32.17
C TRP A 368 29.52 7.20 -30.79
N ALA A 369 30.35 7.96 -30.06
CA ALA A 369 30.84 7.48 -28.78
C ALA A 369 29.71 7.31 -27.76
N LEU A 370 28.67 8.13 -27.84
CA LEU A 370 27.55 8.05 -26.91
C LEU A 370 26.38 7.24 -27.44
N GLY A 371 26.51 6.65 -28.62
CA GLY A 371 25.45 5.83 -29.18
C GLY A 371 24.17 6.60 -29.37
N GLU A 372 24.17 7.56 -30.30
CA GLU A 372 23.03 8.41 -30.57
C GLU A 372 22.37 8.00 -31.89
N ASN A 373 21.05 7.96 -31.90
CA ASN A 373 20.28 7.61 -33.09
C ASN A 373 20.61 6.20 -33.56
N MET A 374 20.90 5.30 -32.62
CA MET A 374 21.19 3.91 -32.96
C MET A 374 20.08 2.96 -32.53
N ALA A 375 19.16 3.39 -31.67
CA ALA A 375 18.04 2.54 -31.31
C ALA A 375 17.15 2.33 -32.54
N PRO A 376 16.81 1.10 -32.89
CA PRO A 376 15.93 0.90 -34.05
C PRO A 376 14.60 1.61 -33.86
N GLU A 377 14.10 2.20 -34.94
CA GLU A 377 12.83 2.90 -34.87
C GLU A 377 11.69 1.91 -34.64
N LYS A 378 10.77 2.28 -33.75
CA LYS A 378 9.67 1.41 -33.40
C LYS A 378 8.56 1.51 -34.45
N VAL A 379 8.12 0.36 -34.94
CA VAL A 379 7.09 0.27 -35.97
C VAL A 379 6.07 -0.78 -35.55
N ASP A 380 5.09 -1.02 -36.43
CA ASP A 380 4.02 -1.96 -36.17
C ASP A 380 4.31 -3.28 -36.88
N PHE A 381 3.83 -4.38 -36.27
CA PHE A 381 4.10 -5.70 -36.82
C PHE A 381 3.44 -5.88 -38.19
N ASP A 382 2.23 -5.32 -38.37
CA ASP A 382 1.52 -5.50 -39.63
C ASP A 382 2.27 -4.89 -40.81
N ASP A 383 3.25 -4.01 -40.56
CA ASP A 383 4.04 -3.40 -41.62
C ASP A 383 5.39 -4.06 -41.82
N CYS A 384 5.84 -4.91 -40.89
CA CYS A 384 7.13 -5.60 -40.99
C CYS A 384 6.91 -7.06 -40.61
N LYS A 385 6.55 -7.88 -41.59
CA LYS A 385 6.34 -9.30 -41.36
C LYS A 385 7.12 -10.14 -42.37
N ASP A 386 7.35 -9.58 -43.55
CA ASP A 386 8.05 -10.30 -44.61
C ASP A 386 9.57 -10.14 -44.53
N VAL A 387 10.08 -9.41 -43.55
CA VAL A 387 11.52 -9.21 -43.39
C VAL A 387 12.10 -10.49 -42.79
N SER A 388 12.98 -11.16 -43.55
CA SER A 388 13.53 -12.43 -43.09
C SER A 388 14.36 -12.25 -41.83
N ASP A 389 15.13 -11.16 -41.75
CA ASP A 389 15.99 -10.92 -40.60
C ASP A 389 15.21 -10.62 -39.32
N LEU A 390 13.90 -10.40 -39.40
CA LEU A 390 13.11 -10.04 -38.24
C LEU A 390 12.98 -11.25 -37.31
N LYS A 391 13.45 -11.10 -36.07
CA LYS A 391 13.46 -12.19 -35.11
C LYS A 391 13.48 -11.59 -33.71
N GLN A 392 13.52 -12.46 -32.70
CA GLN A 392 13.57 -12.01 -31.32
C GLN A 392 14.89 -11.34 -30.99
N TYR A 393 14.89 -10.62 -29.87
CA TYR A 393 16.14 -10.13 -29.31
C TYR A 393 17.01 -11.30 -28.86
N ASP A 394 18.32 -11.13 -29.01
CA ASP A 394 19.26 -12.18 -28.64
C ASP A 394 19.13 -12.49 -27.15
N SER A 395 18.65 -13.68 -26.83
CA SER A 395 18.41 -14.11 -25.45
C SER A 395 19.08 -15.47 -25.25
N ASP A 396 20.31 -15.45 -24.75
CA ASP A 396 21.06 -16.67 -24.51
C ASP A 396 21.97 -16.46 -23.31
N GLU A 397 22.58 -17.54 -22.85
CA GLU A 397 23.50 -17.45 -21.73
C GLU A 397 24.68 -16.57 -22.10
N PRO A 398 25.15 -15.69 -21.20
CA PRO A 398 26.27 -14.82 -21.54
C PRO A 398 27.50 -15.62 -21.96
N GLU A 399 28.44 -14.92 -22.60
CA GLU A 399 29.68 -15.55 -23.02
C GLU A 399 30.46 -16.04 -21.80
N LEU A 400 31.11 -17.20 -21.95
CA LEU A 400 31.90 -17.76 -20.87
C LEU A 400 33.31 -17.16 -20.89
N ARG A 401 33.81 -16.81 -19.70
CA ARG A 401 35.13 -16.23 -19.57
C ARG A 401 35.80 -16.79 -18.32
N SER A 402 37.09 -17.08 -18.43
CA SER A 402 37.85 -17.62 -17.32
C SER A 402 38.44 -16.51 -16.47
N LEU A 403 38.67 -16.82 -15.20
CA LEU A 403 39.22 -15.84 -14.27
C LEU A 403 40.65 -15.48 -14.65
N ALA A 404 41.02 -14.24 -14.36
CA ALA A 404 42.38 -13.74 -14.55
C ALA A 404 42.93 -13.27 -13.21
N SER A 405 44.25 -13.08 -13.18
CA SER A 405 44.92 -12.74 -11.93
C SER A 405 44.86 -11.26 -11.60
N TRP A 406 44.32 -10.43 -12.48
CA TRP A 406 44.31 -8.99 -12.23
C TRP A 406 43.29 -8.59 -11.15
N ILE A 407 42.16 -9.28 -11.09
CA ILE A 407 41.15 -8.94 -10.08
C ILE A 407 41.69 -9.24 -8.68
N GLN A 408 42.48 -10.30 -8.53
CA GLN A 408 43.06 -10.62 -7.24
C GLN A 408 43.98 -9.50 -6.77
N SER A 409 44.87 -9.03 -7.65
CA SER A 409 45.76 -7.94 -7.27
C SER A 409 45.00 -6.65 -7.03
N GLU A 410 43.93 -6.40 -7.81
CA GLU A 410 43.13 -5.21 -7.61
C GLU A 410 42.48 -5.22 -6.22
N PHE A 411 41.94 -6.37 -5.81
CA PHE A 411 41.40 -6.47 -4.45
C PHE A 411 42.50 -6.35 -3.42
N ASN A 412 43.67 -6.93 -3.68
CA ASN A 412 44.78 -6.83 -2.75
C ASN A 412 45.13 -5.38 -2.47
N LYS A 413 45.28 -4.58 -3.52
CA LYS A 413 45.63 -3.18 -3.36
C LYS A 413 44.43 -2.30 -3.00
N ALA A 414 43.21 -2.84 -3.07
CA ALA A 414 42.05 -2.12 -2.58
C ALA A 414 41.92 -2.17 -1.06
N CYS A 415 42.69 -3.03 -0.40
CA CYS A 415 42.68 -3.13 1.06
C CYS A 415 43.91 -2.50 1.69
N GLU A 416 44.72 -1.79 0.92
CA GLU A 416 45.96 -1.21 1.41
C GLU A 416 45.73 0.21 1.93
N LEU A 417 46.57 0.61 2.86
CA LEU A 417 46.47 1.95 3.44
C LEU A 417 46.91 2.99 2.41
N THR A 418 46.66 4.26 2.74
CA THR A 418 46.97 5.38 1.86
C THR A 418 47.53 6.52 2.69
N ASP A 419 47.98 7.57 2.00
CA ASP A 419 48.54 8.76 2.64
C ASP A 419 47.52 9.89 2.74
N SER A 420 46.24 9.56 2.89
CA SER A 420 45.19 10.56 2.94
C SER A 420 44.00 10.00 3.70
N SER A 421 43.13 10.91 4.14
CA SER A 421 41.88 10.56 4.80
C SER A 421 40.74 10.85 3.83
N TRP A 422 40.03 9.81 3.41
CA TRP A 422 39.03 9.91 2.36
C TRP A 422 37.60 9.96 2.90
N ILE A 423 37.43 10.11 4.20
CA ILE A 423 36.10 10.24 4.80
C ILE A 423 36.13 11.44 5.75
N GLU A 424 35.22 12.38 5.55
CA GLU A 424 35.02 13.50 6.45
C GLU A 424 33.58 13.40 6.96
N LEU A 425 33.42 12.81 8.14
CA LEU A 425 32.10 12.48 8.62
C LEU A 425 31.37 13.72 9.10
N ASP A 426 30.05 13.59 9.23
CA ASP A 426 29.19 14.71 9.62
C ASP A 426 29.19 14.85 11.13
N GLU A 427 28.28 15.67 11.65
CA GLU A 427 28.18 15.95 13.07
C GLU A 427 27.07 15.12 13.71
N ILE A 428 27.22 14.85 15.00
CA ILE A 428 26.23 14.13 15.78
C ILE A 428 26.02 14.89 17.08
N GLY A 429 24.88 14.62 17.72
CA GLY A 429 24.59 15.22 19.02
C GLY A 429 25.68 14.88 20.02
N GLU A 430 26.08 15.86 20.82
CA GLU A 430 27.16 15.64 21.78
C GLU A 430 26.81 14.47 22.69
N ASP A 431 27.76 13.56 22.87
CA ASP A 431 27.51 12.36 23.65
C ASP A 431 27.23 12.71 25.10
N VAL A 432 26.16 12.14 25.65
CA VAL A 432 25.77 12.41 27.02
C VAL A 432 25.84 11.17 27.91
N ALA A 433 25.67 9.97 27.34
CA ALA A 433 25.70 8.75 28.14
C ALA A 433 27.04 8.05 28.01
N PRO A 434 27.48 7.34 29.05
CA PRO A 434 28.76 6.61 28.91
C PRO A 434 28.77 5.63 27.75
N ILE A 435 27.64 4.97 27.48
CA ILE A 435 27.58 4.09 26.32
C ILE A 435 27.80 4.87 25.04
N GLU A 436 27.31 6.11 24.98
CA GLU A 436 27.57 6.94 23.82
C GLU A 436 29.05 7.26 23.69
N HIS A 437 29.74 7.48 24.83
CA HIS A 437 31.18 7.69 24.78
C HIS A 437 31.91 6.46 24.26
N ILE A 438 31.51 5.27 24.71
CA ILE A 438 32.12 4.04 24.22
C ILE A 438 31.90 3.91 22.72
N ALA A 439 30.67 4.18 22.27
CA ALA A 439 30.36 4.10 20.85
C ALA A 439 31.21 5.09 20.06
N SER A 440 31.36 6.31 20.56
CA SER A 440 32.15 7.31 19.87
C SER A 440 33.61 6.91 19.79
N MET A 441 34.16 6.36 20.87
CA MET A 441 35.55 5.91 20.84
C MET A 441 35.73 4.77 19.84
N ARG A 442 34.82 3.80 19.84
CA ARG A 442 34.88 2.73 18.86
C ARG A 442 34.83 3.30 17.44
N ARG A 443 33.90 4.22 17.20
CA ARG A 443 33.73 4.79 15.87
C ARG A 443 34.98 5.55 15.45
N ASN A 444 35.60 6.29 16.37
CA ASN A 444 36.83 6.98 16.05
C ASN A 444 37.94 5.99 15.70
N TYR A 445 38.04 4.88 16.44
CA TYR A 445 39.02 3.87 16.09
C TYR A 445 38.80 3.33 14.68
N PHE A 446 37.56 2.97 14.36
CA PHE A 446 37.31 2.43 13.02
C PHE A 446 37.55 3.47 11.94
N THR A 447 37.18 4.72 12.19
CA THR A 447 37.44 5.76 11.20
C THR A 447 38.93 5.95 10.97
N ALA A 448 39.72 5.94 12.05
CA ALA A 448 41.17 6.00 11.89
C ALA A 448 41.69 4.81 11.09
N GLU A 449 41.07 3.64 11.26
CA GLU A 449 41.55 2.46 10.53
C GLU A 449 41.16 2.48 9.06
N VAL A 450 39.95 2.92 8.74
CA VAL A 450 39.43 2.73 7.39
C VAL A 450 39.54 3.98 6.52
N SER A 451 39.66 5.17 7.12
CA SER A 451 39.74 6.39 6.32
C SER A 451 40.91 6.35 5.35
N HIS A 452 42.08 5.90 5.83
CA HIS A 452 43.24 5.73 4.97
C HIS A 452 43.18 4.34 4.33
N CYS A 453 42.23 4.20 3.40
CA CYS A 453 42.04 2.94 2.70
C CYS A 453 41.53 3.23 1.29
N ARG A 454 42.05 2.48 0.32
CA ARG A 454 41.62 2.68 -1.07
C ARG A 454 40.14 2.38 -1.24
N ALA A 455 39.57 1.53 -0.37
CA ALA A 455 38.14 1.25 -0.45
C ALA A 455 37.31 2.51 -0.19
N THR A 456 37.71 3.31 0.78
CA THR A 456 37.00 4.56 1.04
C THR A 456 37.12 5.53 -0.12
N GLU A 457 38.31 5.59 -0.74
CA GLU A 457 38.49 6.44 -1.91
C GLU A 457 37.58 5.99 -3.04
N TYR A 458 37.49 4.68 -3.26
CA TYR A 458 36.58 4.17 -4.29
C TYR A 458 35.13 4.49 -3.94
N ILE A 459 34.77 4.39 -2.67
CA ILE A 459 33.41 4.72 -2.24
C ILE A 459 33.09 6.17 -2.60
N MET A 460 33.98 7.09 -2.23
CA MET A 460 33.75 8.50 -2.52
C MET A 460 33.70 8.75 -4.02
N LYS A 461 34.63 8.16 -4.77
CA LYS A 461 34.63 8.32 -6.22
C LYS A 461 33.29 7.89 -6.81
N GLY A 462 32.84 6.68 -6.46
CA GLY A 462 31.59 6.19 -7.01
C GLY A 462 30.40 7.03 -6.61
N VAL A 463 30.34 7.41 -5.33
CA VAL A 463 29.22 8.22 -4.86
C VAL A 463 29.16 9.53 -5.62
N TYR A 464 30.28 10.24 -5.71
CA TYR A 464 30.29 11.53 -6.38
C TYR A 464 29.95 11.38 -7.86
N ILE A 465 30.56 10.40 -8.52
CA ILE A 465 30.36 10.25 -9.97
C ILE A 465 28.91 9.92 -10.26
N ASN A 466 28.33 8.98 -9.52
CA ASN A 466 26.95 8.59 -9.76
C ASN A 466 25.98 9.70 -9.39
N THR A 467 26.25 10.45 -8.31
CA THR A 467 25.39 11.58 -7.98
C THR A 467 25.38 12.61 -9.08
N ALA A 468 26.58 13.01 -9.55
CA ALA A 468 26.66 13.99 -10.61
C ALA A 468 25.98 13.49 -11.87
N LEU A 469 26.20 12.21 -12.21
CA LEU A 469 25.61 11.67 -13.43
C LEU A 469 24.10 11.65 -13.36
N LEU A 470 23.55 11.21 -12.22
CA LEU A 470 22.10 11.19 -12.07
C LEU A 470 21.51 12.58 -12.12
N ASN A 471 22.13 13.54 -11.42
CA ASN A 471 21.60 14.90 -11.43
C ASN A 471 21.65 15.50 -12.84
N ALA A 472 22.76 15.30 -13.55
CA ALA A 472 22.85 15.80 -14.91
C ALA A 472 21.83 15.14 -15.83
N SER A 473 21.64 13.83 -15.69
CA SER A 473 20.66 13.13 -16.52
C SER A 473 19.26 13.65 -16.25
N CYS A 474 18.93 13.91 -14.99
CA CYS A 474 17.59 14.40 -14.67
C CYS A 474 17.40 15.86 -15.09
N ALA A 475 18.47 16.64 -15.10
CA ALA A 475 18.38 18.05 -15.45
C ALA A 475 18.57 18.29 -16.94
N ALA A 476 19.73 17.91 -17.47
CA ALA A 476 20.05 18.11 -18.88
C ALA A 476 19.82 16.78 -19.61
N MET A 477 18.54 16.48 -19.86
CA MET A 477 18.19 15.21 -20.48
C MET A 477 18.67 15.13 -21.92
N ASP A 478 18.60 16.25 -22.65
CA ASP A 478 18.86 16.25 -24.08
C ASP A 478 20.33 16.42 -24.44
N ASP A 479 21.04 17.29 -23.74
CA ASP A 479 22.30 17.82 -24.25
C ASP A 479 23.47 17.20 -23.49
N PHE A 480 24.53 16.88 -24.24
CA PHE A 480 25.70 16.24 -23.65
C PHE A 480 26.35 17.16 -22.63
N GLN A 481 26.77 16.60 -21.49
CA GLN A 481 27.28 17.41 -20.39
C GLN A 481 28.64 16.91 -19.93
N LEU A 482 29.51 17.85 -19.56
CA LEU A 482 30.85 17.59 -19.06
C LEU A 482 30.84 17.60 -17.54
N ILE A 483 31.46 16.58 -16.93
CA ILE A 483 31.54 16.49 -15.47
C ILE A 483 32.94 16.01 -15.09
N PRO A 484 33.75 16.83 -14.43
CA PRO A 484 35.09 16.36 -14.02
C PRO A 484 35.01 15.49 -12.79
N MET A 485 35.72 14.36 -12.82
CA MET A 485 35.79 13.47 -11.67
C MET A 485 36.60 14.15 -10.57
N ILE A 486 35.94 14.51 -9.46
CA ILE A 486 36.56 15.25 -8.38
C ILE A 486 36.40 14.46 -7.08
N SER A 487 37.47 14.43 -6.30
CA SER A 487 37.42 13.85 -4.96
C SER A 487 38.36 14.63 -4.05
N LYS A 488 37.88 15.02 -2.89
CA LYS A 488 38.65 15.87 -1.98
C LYS A 488 39.05 15.07 -0.75
N CYS A 489 40.34 15.11 -0.43
CA CYS A 489 40.92 14.39 0.68
C CYS A 489 41.66 15.35 1.60
N ARG A 490 42.28 14.81 2.65
CA ARG A 490 43.06 15.59 3.59
C ARG A 490 44.39 14.88 3.83
N THR A 491 45.48 15.62 3.72
CA THR A 491 46.81 15.03 3.83
C THR A 491 47.14 14.72 5.29
N LYS A 492 48.27 14.03 5.48
CA LYS A 492 48.75 13.77 6.83
C LYS A 492 49.06 15.07 7.56
N GLU A 493 49.63 16.04 6.85
CA GLU A 493 49.91 17.34 7.46
C GLU A 493 48.64 18.07 7.88
N GLY A 494 47.49 17.65 7.36
CA GLY A 494 46.22 18.27 7.69
C GLY A 494 45.68 19.20 6.62
N ARG A 495 46.49 19.55 5.62
CA ARG A 495 46.04 20.43 4.56
C ARG A 495 45.04 19.71 3.67
N ARG A 496 43.91 20.36 3.39
CA ARG A 496 42.92 19.79 2.49
C ARG A 496 43.42 19.85 1.06
N LYS A 497 42.89 18.94 0.23
CA LYS A 497 43.38 18.79 -1.13
C LYS A 497 42.25 18.29 -2.02
N THR A 498 42.29 18.69 -3.28
CA THR A 498 41.38 18.21 -4.30
C THR A 498 42.13 17.31 -5.26
N ASN A 499 41.40 16.40 -5.92
CA ASN A 499 41.99 15.45 -6.84
C ASN A 499 41.07 15.29 -8.04
N LEU A 500 41.66 15.35 -9.23
CA LEU A 500 40.93 15.26 -10.50
C LEU A 500 41.41 14.01 -11.23
N TYR A 501 40.59 12.97 -11.23
CA TYR A 501 40.94 11.75 -11.95
C TYR A 501 40.75 11.90 -13.45
N GLY A 502 39.72 12.61 -13.88
CA GLY A 502 39.46 12.77 -15.30
C GLY A 502 38.16 13.46 -15.60
N PHE A 503 37.44 12.99 -16.62
CA PHE A 503 36.20 13.62 -17.05
C PHE A 503 35.21 12.55 -17.48
N ILE A 504 33.93 12.91 -17.40
CA ILE A 504 32.82 12.08 -17.86
C ILE A 504 31.93 12.94 -18.74
N ILE A 505 31.61 12.45 -19.93
CA ILE A 505 30.66 13.11 -20.81
C ILE A 505 29.39 12.28 -20.81
N LYS A 506 28.34 12.86 -20.23
CA LYS A 506 27.03 12.23 -20.21
C LYS A 506 26.26 12.57 -21.47
N GLY A 507 25.58 11.57 -22.04
CA GLY A 507 24.80 11.74 -23.24
C GLY A 507 23.30 11.81 -22.96
N ARG A 508 22.53 11.63 -24.02
CA ARG A 508 21.07 11.67 -23.89
C ARG A 508 20.62 10.66 -22.84
N SER A 509 19.79 11.12 -21.91
CA SER A 509 19.41 10.34 -20.73
C SER A 509 17.91 10.42 -20.50
N HIS A 510 17.13 10.23 -21.56
CA HIS A 510 15.67 10.18 -21.45
C HIS A 510 15.28 8.81 -20.89
N LEU A 511 15.50 8.66 -19.58
CA LEU A 511 15.34 7.38 -18.89
C LEU A 511 13.92 7.30 -18.34
N ARG A 512 13.13 6.38 -18.89
CA ARG A 512 11.77 6.16 -18.41
C ARG A 512 11.72 5.01 -17.40
N ASN A 513 12.13 3.81 -17.83
CA ASN A 513 12.14 2.66 -16.94
C ASN A 513 13.42 2.66 -16.09
N ASP A 514 13.35 1.94 -14.97
CA ASP A 514 14.52 1.80 -14.11
C ASP A 514 15.66 1.06 -14.79
N THR A 515 15.39 0.35 -15.88
CA THR A 515 16.42 -0.38 -16.59
C THR A 515 16.94 0.35 -17.82
N ASP A 516 16.30 1.45 -18.23
CA ASP A 516 16.78 2.21 -19.37
C ASP A 516 18.20 2.68 -19.13
N VAL A 517 18.99 2.71 -20.20
CA VAL A 517 20.43 2.92 -20.09
C VAL A 517 20.78 4.32 -20.58
N VAL A 518 21.56 5.03 -19.77
CA VAL A 518 22.19 6.27 -20.16
C VAL A 518 23.66 5.97 -20.46
N ASN A 519 24.09 6.35 -21.66
CA ASN A 519 25.47 6.12 -22.10
C ASN A 519 26.30 7.37 -21.86
N PHE A 520 27.53 7.15 -21.41
CA PHE A 520 28.50 8.23 -21.25
C PHE A 520 29.85 7.71 -21.70
N VAL A 521 30.80 8.64 -21.84
CA VAL A 521 32.18 8.30 -22.17
C VAL A 521 33.08 8.83 -21.06
N SER A 522 33.92 7.96 -20.53
CA SER A 522 34.78 8.28 -19.39
C SER A 522 36.24 8.34 -19.83
N MET A 523 36.94 9.36 -19.37
CA MET A 523 38.35 9.56 -19.64
C MET A 523 39.07 9.70 -18.30
N GLU A 524 40.14 8.95 -18.09
CA GLU A 524 40.86 8.98 -16.83
C GLU A 524 42.36 8.91 -17.06
N PHE A 525 43.09 9.77 -16.36
CA PHE A 525 44.55 9.74 -16.44
C PHE A 525 45.08 8.54 -15.67
N SER A 526 46.24 8.05 -16.09
CA SER A 526 46.88 6.94 -15.40
C SER A 526 48.34 6.87 -15.83
N LEU A 527 49.11 6.07 -15.10
CA LEU A 527 50.49 5.77 -15.47
C LEU A 527 50.72 4.30 -15.80
N THR A 528 49.73 3.44 -15.56
CA THR A 528 49.90 2.02 -15.80
C THR A 528 49.87 1.74 -17.30
N ASP A 529 50.95 1.18 -17.82
CA ASP A 529 51.02 0.87 -19.24
C ASP A 529 50.03 -0.25 -19.56
N PRO A 530 49.15 -0.08 -20.56
CA PRO A 530 48.20 -1.14 -20.90
C PRO A 530 48.77 -2.25 -21.77
N ARG A 531 50.07 -2.25 -22.03
CA ARG A 531 50.70 -3.27 -22.86
C ARG A 531 51.11 -4.50 -22.06
N LEU A 532 50.87 -4.52 -20.75
CA LEU A 532 51.24 -5.64 -19.91
C LEU A 532 50.08 -6.56 -19.56
N GLU A 533 48.86 -6.03 -19.45
CA GLU A 533 47.67 -6.83 -19.18
C GLU A 533 46.57 -6.42 -20.15
N PRO A 534 46.79 -6.63 -21.45
CA PRO A 534 45.81 -6.14 -22.42
C PRO A 534 44.42 -6.74 -22.26
N HIS A 535 44.33 -8.01 -21.84
CA HIS A 535 43.03 -8.66 -21.75
C HIS A 535 42.13 -8.00 -20.71
N LYS A 536 42.70 -7.25 -19.76
CA LYS A 536 41.90 -6.56 -18.77
C LYS A 536 41.25 -5.29 -19.32
N TRP A 537 41.71 -4.80 -20.47
CA TRP A 537 41.23 -3.56 -21.06
C TRP A 537 40.60 -3.80 -22.43
N GLU A 538 39.74 -4.82 -22.52
CA GLU A 538 39.16 -5.17 -23.81
C GLU A 538 38.29 -4.05 -24.36
N LYS A 539 37.58 -3.34 -23.50
CA LYS A 539 36.62 -2.33 -23.91
C LYS A 539 37.14 -0.91 -23.79
N TYR A 540 38.43 -0.74 -23.51
CA TYR A 540 39.01 0.58 -23.33
C TYR A 540 39.83 0.96 -24.56
N CYS A 541 39.91 2.26 -24.81
CA CYS A 541 40.87 2.84 -25.76
C CYS A 541 41.84 3.71 -24.97
N VAL A 542 43.13 3.43 -25.09
CA VAL A 542 44.15 4.08 -24.27
C VAL A 542 45.09 4.86 -25.17
N LEU A 543 45.22 6.15 -24.90
CA LEU A 543 46.11 7.06 -25.61
C LEU A 543 47.31 7.42 -24.75
N GLU A 544 48.30 8.06 -25.38
CA GLU A 544 49.43 8.65 -24.69
C GLU A 544 49.26 10.17 -24.71
N ILE A 545 49.14 10.78 -23.54
CA ILE A 545 48.82 12.20 -23.46
C ILE A 545 49.93 13.03 -22.81
N GLY A 546 50.84 12.44 -22.04
CA GLY A 546 51.90 13.26 -21.49
C GLY A 546 52.97 12.45 -20.80
N ASP A 547 53.79 13.17 -20.03
CA ASP A 547 54.84 12.57 -19.21
C ASP A 547 54.81 13.22 -17.83
N MET A 548 55.05 12.41 -16.81
CA MET A 548 55.00 12.86 -15.42
C MET A 548 56.34 12.61 -14.76
N LEU A 549 56.72 13.52 -13.86
CA LEU A 549 57.99 13.44 -13.13
C LEU A 549 57.69 13.44 -11.64
N LEU A 550 57.78 12.28 -11.01
CA LEU A 550 57.61 12.12 -9.57
C LEU A 550 58.97 11.92 -8.92
N ARG A 551 59.21 12.64 -7.83
CA ARG A 551 60.52 12.65 -7.18
C ARG A 551 60.86 11.24 -6.69
N SER A 552 61.96 10.68 -7.21
CA SER A 552 62.46 9.39 -6.78
C SER A 552 63.97 9.45 -6.71
N ALA A 553 64.55 8.57 -5.88
CA ALA A 553 65.99 8.54 -5.72
C ALA A 553 66.72 8.13 -6.99
N ILE A 554 66.04 7.50 -7.93
CA ILE A 554 66.66 7.09 -9.20
C ILE A 554 66.49 8.27 -10.15
N GLY A 555 67.40 9.23 -10.03
CA GLY A 555 67.28 10.48 -10.78
C GLY A 555 65.88 11.01 -10.65
N GLN A 556 65.15 11.03 -11.77
CA GLN A 556 63.71 11.21 -11.73
C GLN A 556 63.10 10.41 -12.87
N VAL A 557 62.01 9.71 -12.57
CA VAL A 557 61.54 8.63 -13.44
C VAL A 557 61.17 9.17 -14.82
N SER A 558 60.41 10.26 -14.87
CA SER A 558 59.88 10.79 -16.12
C SER A 558 59.06 9.71 -16.84
N ARG A 559 58.08 9.17 -16.11
CA ARG A 559 57.23 8.10 -16.63
C ARG A 559 56.28 8.63 -17.70
N PRO A 560 55.81 7.76 -18.59
CA PRO A 560 54.70 8.13 -19.48
C PRO A 560 53.42 8.31 -18.67
N MET A 561 52.45 8.98 -19.28
CA MET A 561 51.18 9.27 -18.61
C MET A 561 50.08 9.17 -19.66
N PHE A 562 49.28 8.11 -19.54
CA PHE A 562 48.30 7.69 -20.53
C PHE A 562 46.89 8.10 -20.12
N LEU A 563 45.99 8.02 -21.09
CA LEU A 563 44.58 8.36 -20.89
C LEU A 563 43.74 7.15 -21.26
N TYR A 564 43.06 6.56 -20.27
CA TYR A 564 42.12 5.48 -20.52
C TYR A 564 40.77 6.08 -20.86
N VAL A 565 40.31 5.84 -22.10
CA VAL A 565 39.07 6.38 -22.62
C VAL A 565 38.17 5.22 -23.00
N ARG A 566 36.91 5.27 -22.56
CA ARG A 566 35.98 4.19 -22.90
C ARG A 566 34.56 4.71 -22.93
N THR A 567 33.69 3.95 -23.59
CA THR A 567 32.25 4.19 -23.59
C THR A 567 31.61 3.23 -22.61
N ASN A 568 30.93 3.79 -21.61
CA ASN A 568 30.26 3.00 -20.58
C ASN A 568 28.81 3.45 -20.50
N GLY A 569 28.04 2.75 -19.67
CA GLY A 569 26.63 3.08 -19.49
C GLY A 569 26.15 2.65 -18.13
N THR A 570 25.07 3.28 -17.69
CA THR A 570 24.46 2.95 -16.41
C THR A 570 22.95 3.10 -16.54
N SER A 571 22.25 2.96 -15.42
CA SER A 571 20.80 3.10 -15.39
C SER A 571 20.39 3.75 -14.09
N LYS A 572 19.14 4.17 -14.02
CA LYS A 572 18.65 4.85 -12.82
C LYS A 572 18.88 4.00 -11.58
N ILE A 573 18.57 2.71 -11.66
CA ILE A 573 18.78 1.82 -10.51
C ILE A 573 20.26 1.73 -10.18
N LYS A 574 21.10 1.57 -11.19
CA LYS A 574 22.54 1.46 -10.95
C LYS A 574 23.09 2.75 -10.35
N MET A 575 22.66 3.90 -10.87
CA MET A 575 23.11 5.17 -10.32
C MET A 575 22.68 5.31 -8.86
N LYS A 576 21.42 4.99 -8.57
CA LYS A 576 20.92 5.12 -7.20
C LYS A 576 21.68 4.21 -6.25
N TRP A 577 21.95 2.97 -6.67
CA TRP A 577 22.64 2.04 -5.78
C TRP A 577 24.13 2.36 -5.66
N GLY A 578 24.74 2.91 -6.70
CA GLY A 578 26.13 3.34 -6.60
C GLY A 578 26.31 4.60 -5.80
N MET A 579 25.27 5.42 -5.69
CA MET A 579 25.34 6.60 -4.83
C MET A 579 25.04 6.29 -3.37
N GLU A 580 24.74 5.03 -3.04
CA GLU A 580 24.59 4.58 -1.67
C GLU A 580 25.69 3.58 -1.32
N MET A 581 26.90 3.84 -1.82
CA MET A 581 28.03 2.96 -1.53
C MET A 581 28.56 3.13 -0.11
N ARG A 582 28.13 4.16 0.61
CA ARG A 582 28.64 4.38 1.96
C ARG A 582 28.16 3.33 2.95
N ARG A 583 27.11 2.57 2.61
CA ARG A 583 26.66 1.50 3.50
C ARG A 583 27.60 0.30 3.50
N CYS A 584 28.58 0.27 2.60
CA CYS A 584 29.63 -0.73 2.70
C CYS A 584 30.42 -0.53 3.99
N LEU A 585 30.70 0.74 4.33
CA LEU A 585 31.30 1.05 5.63
C LEU A 585 30.47 0.44 6.75
N LEU A 586 29.15 0.63 6.69
CA LEU A 586 28.29 0.05 7.71
C LEU A 586 28.51 -1.45 7.74
N GLN A 587 28.13 -2.16 6.67
CA GLN A 587 28.28 -3.62 6.64
C GLN A 587 29.58 -4.08 7.30
N SER A 588 30.71 -3.56 6.80
CA SER A 588 32.01 -4.01 7.31
C SER A 588 32.14 -3.76 8.80
N LEU A 589 31.83 -2.53 9.23
CA LEU A 589 32.15 -2.19 10.61
C LEU A 589 31.14 -2.76 11.58
N GLN A 590 29.92 -3.01 11.11
CA GLN A 590 28.97 -3.80 11.89
C GLN A 590 29.50 -5.20 12.11
N GLN A 591 30.08 -5.82 11.08
CA GLN A 591 30.66 -7.14 11.27
C GLN A 591 31.78 -7.09 12.31
N ILE A 592 32.66 -6.10 12.21
CA ILE A 592 33.78 -6.03 13.15
C ILE A 592 33.27 -5.75 14.57
N GLU A 593 32.27 -4.88 14.70
CA GLU A 593 31.74 -4.56 16.02
C GLU A 593 31.00 -5.75 16.61
N SER A 594 30.36 -6.56 15.77
CA SER A 594 29.78 -7.81 16.25
C SER A 594 30.86 -8.74 16.77
N MET A 595 31.97 -8.84 16.06
CA MET A 595 33.10 -9.62 16.56
C MET A 595 33.54 -9.12 17.93
N ILE A 596 33.72 -7.81 18.05
CA ILE A 596 34.23 -7.23 19.29
C ILE A 596 33.25 -7.47 20.43
N GLU A 597 31.96 -7.27 20.18
CA GLU A 597 30.96 -7.49 21.22
C GLU A 597 30.90 -8.96 21.63
N ALA A 598 30.95 -9.86 20.65
CA ALA A 598 30.90 -11.29 20.97
C ALA A 598 32.10 -11.68 21.83
N GLU A 599 33.28 -11.18 21.51
CA GLU A 599 34.45 -11.50 22.32
C GLU A 599 34.36 -10.84 23.69
N SER A 600 33.81 -9.63 23.77
CA SER A 600 33.70 -8.92 25.04
C SER A 600 32.61 -9.49 25.93
N SER A 601 31.64 -10.22 25.37
CA SER A 601 30.68 -10.93 26.21
C SER A 601 31.35 -12.04 27.01
N VAL A 602 32.52 -12.49 26.57
CA VAL A 602 33.26 -13.52 27.31
C VAL A 602 33.96 -12.90 28.51
N LYS A 603 34.85 -11.93 28.25
CA LYS A 603 35.51 -11.18 29.31
C LYS A 603 34.67 -9.95 29.63
N GLU A 604 34.23 -9.83 30.88
CA GLU A 604 33.27 -8.79 31.24
C GLU A 604 33.95 -7.43 31.22
N LYS A 605 34.24 -6.93 30.01
CA LYS A 605 34.92 -5.65 29.84
C LYS A 605 34.98 -5.32 28.36
N ASP A 606 34.96 -4.03 28.02
CA ASP A 606 35.11 -3.63 26.62
C ASP A 606 36.51 -3.94 26.15
N MET A 607 36.62 -4.55 24.96
CA MET A 607 37.87 -5.12 24.48
C MET A 607 38.37 -4.41 23.23
N THR A 608 37.83 -3.23 22.92
CA THR A 608 38.16 -2.56 21.68
C THR A 608 39.60 -2.05 21.69
N LYS A 609 40.00 -1.39 22.77
CA LYS A 609 41.29 -0.69 22.79
C LYS A 609 42.44 -1.65 22.59
N GLU A 610 42.42 -2.78 23.31
CA GLU A 610 43.52 -3.74 23.18
C GLU A 610 43.49 -4.43 21.83
N PHE A 611 42.29 -4.69 21.29
CA PHE A 611 42.21 -5.23 19.93
C PHE A 611 42.89 -4.30 18.94
N PHE A 612 42.64 -3.00 19.03
CA PHE A 612 43.17 -2.09 18.02
C PHE A 612 44.61 -1.66 18.27
N GLU A 613 45.10 -1.72 19.51
CA GLU A 613 46.47 -1.32 19.80
C GLU A 613 47.42 -2.50 19.96
N ASN A 614 47.11 -3.45 20.84
CA ASN A 614 48.03 -4.56 21.07
C ASN A 614 48.19 -5.43 19.82
N LYS A 615 47.11 -5.64 19.07
CA LYS A 615 47.15 -6.40 17.82
C LYS A 615 47.65 -7.83 18.05
N SER A 616 47.43 -8.36 19.26
CA SER A 616 47.85 -9.72 19.56
C SER A 616 47.01 -10.74 18.79
N GLU A 617 45.69 -10.62 18.87
CA GLU A 617 44.81 -11.53 18.16
C GLU A 617 44.77 -11.19 16.68
N THR A 618 44.72 -12.23 15.84
CA THR A 618 44.68 -12.05 14.40
C THR A 618 43.75 -13.09 13.79
N TRP A 619 43.17 -12.74 12.64
CA TRP A 619 42.26 -13.61 11.93
C TRP A 619 42.82 -14.01 10.58
N PRO A 620 42.55 -15.22 10.07
CA PRO A 620 42.98 -15.58 8.72
C PRO A 620 42.31 -14.69 7.68
N ILE A 621 43.09 -13.87 6.99
CA ILE A 621 42.53 -12.89 6.06
C ILE A 621 43.23 -12.99 4.71
N GLY A 622 43.82 -14.14 4.41
CA GLY A 622 44.51 -14.34 3.15
C GLY A 622 45.52 -15.46 3.26
N GLU A 623 45.95 -15.94 2.10
CA GLU A 623 46.90 -17.04 2.01
C GLU A 623 48.07 -16.64 1.13
N SER A 624 49.27 -16.90 1.62
CA SER A 624 50.52 -16.72 0.89
C SER A 624 51.09 -18.07 0.51
N PRO A 625 51.95 -18.12 -0.51
CA PRO A 625 52.55 -19.42 -0.88
C PRO A 625 53.15 -20.17 0.30
N LYS A 626 53.65 -19.44 1.31
CA LYS A 626 54.10 -20.11 2.53
C LYS A 626 52.94 -20.76 3.27
N GLY A 627 51.78 -20.10 3.29
CA GLY A 627 50.63 -20.65 4.00
C GLY A 627 49.60 -19.55 4.24
N VAL A 628 48.69 -19.84 5.16
CA VAL A 628 47.64 -18.90 5.53
C VAL A 628 48.25 -17.77 6.36
N GLU A 629 47.91 -16.54 6.01
CA GLU A 629 48.40 -15.35 6.70
C GLU A 629 47.29 -14.70 7.50
N GLU A 630 47.62 -14.31 8.73
CA GLU A 630 46.66 -13.66 9.63
C GLU A 630 47.06 -12.21 9.84
N GLY A 631 46.06 -11.35 9.98
CA GLY A 631 46.27 -9.93 10.17
C GLY A 631 45.48 -9.41 11.36
N SER A 632 45.85 -8.22 11.80
CA SER A 632 45.20 -7.60 12.94
C SER A 632 43.76 -7.26 12.60
N ILE A 633 43.04 -6.74 13.61
CA ILE A 633 41.62 -6.45 13.41
C ILE A 633 41.43 -5.34 12.39
N GLY A 634 42.35 -4.38 12.34
CA GLY A 634 42.24 -3.31 11.35
C GLY A 634 42.31 -3.84 9.93
N LYS A 635 43.21 -4.79 9.68
CA LYS A 635 43.28 -5.39 8.35
C LYS A 635 42.01 -6.14 8.01
N VAL A 636 41.38 -6.80 8.99
CA VAL A 636 40.09 -7.42 8.76
C VAL A 636 39.04 -6.38 8.40
N CYS A 637 39.05 -5.25 9.11
CA CYS A 637 38.14 -4.16 8.79
C CYS A 637 38.30 -3.75 7.34
N ARG A 638 39.54 -3.49 6.93
CA ARG A 638 39.79 -3.04 5.56
C ARG A 638 39.41 -4.10 4.55
N THR A 639 39.68 -5.37 4.84
CA THR A 639 39.33 -6.45 3.92
C THR A 639 37.83 -6.55 3.73
N LEU A 640 37.07 -6.51 4.82
CA LEU A 640 35.62 -6.57 4.70
C LEU A 640 35.06 -5.34 3.99
N LEU A 641 35.63 -4.17 4.26
CA LEU A 641 35.19 -2.96 3.55
C LEU A 641 35.44 -3.09 2.05
N ALA A 642 36.61 -3.61 1.67
CA ALA A 642 36.91 -3.81 0.26
C ALA A 642 35.96 -4.83 -0.36
N LYS A 643 35.66 -5.90 0.37
CA LYS A 643 34.72 -6.89 -0.15
C LYS A 643 33.36 -6.27 -0.40
N SER A 644 32.86 -5.47 0.54
CA SER A 644 31.58 -4.82 0.34
C SER A 644 31.62 -3.83 -0.82
N VAL A 645 32.72 -3.09 -0.94
CA VAL A 645 32.83 -2.12 -2.03
C VAL A 645 32.82 -2.84 -3.38
N PHE A 646 33.54 -3.94 -3.49
CA PHE A 646 33.55 -4.69 -4.74
C PHE A 646 32.21 -5.36 -5.00
N ASN A 647 31.49 -5.76 -3.95
CA ASN A 647 30.13 -6.25 -4.14
C ASN A 647 29.26 -5.17 -4.74
N SER A 648 29.40 -3.94 -4.25
CA SER A 648 28.59 -2.84 -4.77
C SER A 648 29.04 -2.43 -6.16
N LEU A 649 30.31 -2.65 -6.52
CA LEU A 649 30.81 -2.23 -7.82
C LEU A 649 30.50 -3.26 -8.90
N TYR A 650 30.77 -4.54 -8.63
CA TYR A 650 30.57 -5.61 -9.60
C TYR A 650 29.26 -6.37 -9.34
N ALA A 651 28.23 -5.68 -8.86
CA ALA A 651 26.97 -6.35 -8.57
C ALA A 651 26.37 -6.92 -9.84
N SER A 652 25.74 -8.09 -9.70
CA SER A 652 25.11 -8.75 -10.84
C SER A 652 24.28 -9.94 -10.35
N PRO A 653 23.36 -10.45 -11.16
CA PRO A 653 22.58 -11.62 -10.73
C PRO A 653 23.45 -12.82 -10.43
N GLN A 654 24.55 -12.99 -11.18
CA GLN A 654 25.49 -14.07 -10.90
C GLN A 654 25.96 -14.00 -9.45
N LEU A 655 26.28 -12.79 -8.98
CA LEU A 655 26.76 -12.64 -7.61
C LEU A 655 25.71 -13.10 -6.61
N GLU A 656 24.46 -12.70 -6.80
CA GLU A 656 23.41 -13.10 -5.87
C GLU A 656 23.22 -14.61 -5.86
N GLY A 657 23.11 -15.21 -7.05
CA GLY A 657 22.91 -16.65 -7.12
C GLY A 657 24.05 -17.42 -6.49
N PHE A 658 25.28 -17.05 -6.84
CA PHE A 658 26.43 -17.74 -6.26
C PHE A 658 26.48 -17.53 -4.76
N SER A 659 26.18 -16.31 -4.28
CA SER A 659 26.23 -16.06 -2.86
C SER A 659 25.27 -16.97 -2.12
N ALA A 660 24.03 -17.09 -2.60
CA ALA A 660 23.06 -17.94 -1.91
C ALA A 660 23.48 -19.41 -1.96
N GLU A 661 23.77 -19.91 -3.18
CA GLU A 661 24.04 -21.34 -3.33
C GLU A 661 25.39 -21.74 -2.74
N SER A 662 26.27 -20.78 -2.47
CA SER A 662 27.53 -21.07 -1.79
C SER A 662 27.44 -20.86 -0.29
N ARG A 663 26.54 -19.99 0.17
CA ARG A 663 26.25 -19.91 1.60
C ARG A 663 25.65 -21.22 2.08
N LYS A 664 24.80 -21.85 1.25
CA LYS A 664 24.29 -23.16 1.62
C LYS A 664 25.42 -24.15 1.88
N LEU A 665 26.35 -24.25 0.92
CA LEU A 665 27.45 -25.20 1.07
C LEU A 665 28.39 -24.80 2.20
N LEU A 666 28.55 -23.49 2.43
CA LEU A 666 29.37 -23.04 3.55
C LEU A 666 28.76 -23.46 4.88
N LEU A 667 27.43 -23.36 5.00
CA LEU A 667 26.77 -23.84 6.21
C LEU A 667 26.95 -25.33 6.38
N ILE A 668 26.84 -26.09 5.28
CA ILE A 668 27.05 -27.53 5.38
C ILE A 668 28.46 -27.84 5.85
N VAL A 669 29.45 -27.14 5.29
CA VAL A 669 30.84 -27.38 5.65
C VAL A 669 31.08 -27.00 7.12
N GLN A 670 30.46 -25.89 7.56
CA GLN A 670 30.59 -25.50 8.95
C GLN A 670 29.99 -26.55 9.87
N ALA A 671 28.84 -27.11 9.50
CA ALA A 671 28.27 -28.20 10.28
C ALA A 671 29.22 -29.39 10.34
N LEU A 672 29.87 -29.70 9.21
CA LEU A 672 30.85 -30.78 9.21
C LEU A 672 31.99 -30.48 10.18
N ARG A 673 32.53 -29.26 10.14
CA ARG A 673 33.64 -28.90 10.99
C ARG A 673 33.24 -28.84 12.46
N ASP A 674 31.95 -28.71 12.75
CA ASP A 674 31.46 -28.66 14.13
C ASP A 674 31.13 -30.05 14.67
N ASN A 675 31.37 -31.11 13.89
CA ASN A 675 31.09 -32.47 14.33
C ASN A 675 29.59 -32.66 14.60
N LEU A 676 28.77 -32.29 13.62
CA LEU A 676 27.32 -32.37 13.73
C LEU A 676 26.72 -33.37 12.75
N GLU A 677 27.54 -34.30 12.23
CA GLU A 677 27.10 -35.37 11.34
C GLU A 677 26.19 -34.82 10.24
N PRO A 678 26.67 -33.87 9.44
CA PRO A 678 25.83 -33.31 8.37
C PRO A 678 25.53 -34.36 7.32
N GLY A 679 24.39 -34.18 6.67
CA GLY A 679 23.97 -35.07 5.60
C GLY A 679 23.28 -34.29 4.50
N THR A 680 23.28 -34.87 3.31
CA THR A 680 22.69 -34.23 2.15
C THR A 680 21.85 -35.25 1.39
N PHE A 681 20.82 -34.75 0.72
CA PHE A 681 19.96 -35.58 -0.10
C PHE A 681 20.38 -35.62 -1.55
N ASP A 682 20.84 -34.48 -2.09
CA ASP A 682 21.40 -34.44 -3.44
C ASP A 682 22.46 -33.34 -3.46
N LEU A 683 23.71 -33.73 -3.22
CA LEU A 683 24.80 -32.75 -3.21
C LEU A 683 25.18 -32.35 -4.64
N GLY A 684 25.09 -33.28 -5.59
CA GLY A 684 25.37 -32.95 -6.96
C GLY A 684 24.45 -31.85 -7.49
N GLY A 685 23.18 -31.88 -7.08
CA GLY A 685 22.26 -30.83 -7.47
C GLY A 685 22.69 -29.48 -6.94
N LEU A 686 23.11 -29.43 -5.68
CA LEU A 686 23.60 -28.18 -5.11
C LEU A 686 24.84 -27.68 -5.86
N TYR A 687 25.76 -28.60 -6.17
CA TYR A 687 26.96 -28.21 -6.90
C TYR A 687 26.59 -27.64 -8.27
N GLU A 688 25.67 -28.30 -8.98
CA GLU A 688 25.25 -27.79 -10.28
C GLU A 688 24.56 -26.43 -10.14
N ALA A 689 23.81 -26.23 -9.05
CA ALA A 689 23.19 -24.93 -8.82
C ALA A 689 24.23 -23.84 -8.59
N ILE A 690 25.31 -24.16 -7.88
CA ILE A 690 26.37 -23.18 -7.66
C ILE A 690 27.11 -22.89 -8.96
N GLU A 691 27.44 -23.93 -9.71
CA GLU A 691 28.31 -23.77 -10.87
C GLU A 691 27.62 -23.06 -12.03
N GLU A 692 26.29 -22.99 -12.04
CA GLU A 692 25.59 -22.30 -13.12
C GLU A 692 25.60 -20.79 -12.95
N CYS A 693 25.97 -20.28 -11.78
CA CYS A 693 26.06 -18.84 -11.58
C CYS A 693 27.38 -18.24 -12.04
N LEU A 694 28.39 -19.07 -12.27
CA LEU A 694 29.72 -18.59 -12.65
C LEU A 694 29.78 -18.58 -14.17
N ILE A 695 29.68 -17.39 -14.77
CA ILE A 695 29.67 -17.29 -16.23
C ILE A 695 30.80 -16.41 -16.73
N ASN A 696 30.74 -15.10 -16.44
CA ASN A 696 31.77 -14.19 -16.91
C ASN A 696 32.12 -13.05 -15.95
N ASP A 697 31.51 -12.99 -14.77
CA ASP A 697 31.78 -11.84 -13.91
C ASP A 697 33.08 -12.04 -13.16
N PRO A 698 34.05 -11.12 -13.26
CA PRO A 698 35.32 -11.33 -12.53
C PRO A 698 35.12 -11.49 -11.04
N TRP A 699 34.20 -10.73 -10.45
CA TRP A 699 34.05 -10.76 -8.99
C TRP A 699 33.52 -12.10 -8.52
N VAL A 700 32.50 -12.65 -9.19
CA VAL A 700 31.94 -13.92 -8.76
C VAL A 700 32.95 -15.05 -8.98
N LEU A 701 33.71 -14.99 -10.07
CA LEU A 701 34.73 -16.01 -10.30
C LEU A 701 35.81 -15.94 -9.23
N LEU A 702 36.22 -14.73 -8.83
CA LEU A 702 37.18 -14.59 -7.76
C LEU A 702 36.61 -15.13 -6.45
N ASN A 703 35.33 -14.88 -6.20
CA ASN A 703 34.69 -15.43 -5.00
C ASN A 703 34.69 -16.95 -5.03
N ALA A 704 34.42 -17.54 -6.20
CA ALA A 704 34.44 -19.00 -6.32
C ALA A 704 35.84 -19.54 -6.09
N SER A 705 36.87 -18.87 -6.62
CA SER A 705 38.24 -19.30 -6.36
C SER A 705 38.56 -19.22 -4.87
N TRP A 706 38.11 -18.15 -4.22
CA TRP A 706 38.29 -18.03 -2.78
C TRP A 706 37.59 -19.16 -2.04
N PHE A 707 36.39 -19.52 -2.49
CA PHE A 707 35.66 -20.62 -1.85
C PHE A 707 36.39 -21.94 -2.02
N ASN A 708 36.95 -22.18 -3.21
CA ASN A 708 37.73 -23.40 -3.42
C ASN A 708 38.96 -23.42 -2.51
N SER A 709 39.64 -22.28 -2.38
CA SER A 709 40.80 -22.20 -1.50
C SER A 709 40.39 -22.45 -0.04
N PHE A 710 39.24 -21.91 0.37
CA PHE A 710 38.76 -22.12 1.72
C PHE A 710 38.44 -23.59 1.97
N LEU A 711 37.82 -24.25 1.00
CA LEU A 711 37.57 -25.69 1.12
C LEU A 711 38.88 -26.45 1.24
N THR A 712 39.86 -26.10 0.42
CA THR A 712 41.15 -26.79 0.47
C THR A 712 41.81 -26.61 1.83
N HIS A 713 41.80 -25.40 2.36
CA HIS A 713 42.40 -25.15 3.67
C HIS A 713 41.54 -25.74 4.79
N ALA A 714 40.23 -25.68 4.66
CA ALA A 714 39.33 -26.34 5.59
C ALA A 714 39.34 -27.84 5.30
N LEU A 715 38.48 -28.59 5.98
CA LEU A 715 38.39 -30.04 5.78
C LEU A 715 39.73 -30.71 6.10
N ARG A 716 40.21 -30.43 7.30
CA ARG A 716 41.48 -30.99 7.76
C ARG A 716 41.43 -31.34 9.24
N MET B 1 51.38 -11.64 -0.55
CA MET B 1 50.18 -12.21 0.13
C MET B 1 48.90 -11.78 -0.58
N ASP B 2 48.01 -12.74 -0.81
CA ASP B 2 46.74 -12.49 -1.46
C ASP B 2 45.62 -12.47 -0.42
N VAL B 3 44.85 -11.40 -0.40
CA VAL B 3 43.78 -11.25 0.58
C VAL B 3 42.58 -12.09 0.15
N ASN B 4 41.96 -12.77 1.13
CA ASN B 4 40.82 -13.62 0.86
C ASN B 4 39.86 -13.59 2.04
N PRO B 5 38.77 -12.83 1.95
CA PRO B 5 37.85 -12.74 3.11
C PRO B 5 37.25 -14.07 3.52
N THR B 6 37.01 -14.98 2.57
CA THR B 6 36.35 -16.24 2.92
C THR B 6 37.14 -17.03 3.95
N LEU B 7 38.47 -16.94 3.91
CA LEU B 7 39.29 -17.64 4.88
C LEU B 7 38.97 -17.22 6.31
N LEU B 8 38.33 -16.06 6.49
CA LEU B 8 37.91 -15.62 7.81
C LEU B 8 37.01 -16.65 8.47
N PHE B 9 36.30 -17.47 7.68
CA PHE B 9 35.43 -18.49 8.25
C PHE B 9 36.20 -19.62 8.92
N LEU B 10 37.52 -19.70 8.72
CA LEU B 10 38.30 -20.73 9.38
C LEU B 10 38.48 -20.47 10.87
N LYS B 11 38.25 -19.24 11.31
CA LYS B 11 38.33 -18.88 12.73
C LYS B 11 36.99 -18.45 13.30
N VAL B 12 36.20 -17.71 12.54
CA VAL B 12 34.87 -17.28 12.95
C VAL B 12 33.85 -18.27 12.36
N PRO B 13 33.00 -18.91 13.17
CA PRO B 13 32.01 -19.82 12.60
C PRO B 13 31.19 -19.17 11.50
N ALA B 14 30.59 -19.99 10.63
CA ALA B 14 29.90 -19.45 9.46
C ALA B 14 28.75 -18.53 9.86
N GLN B 15 27.96 -18.95 10.84
CA GLN B 15 26.79 -18.16 11.24
C GLN B 15 27.18 -16.87 11.96
N ASN B 16 28.29 -16.88 12.70
CA ASN B 16 28.71 -15.68 13.41
C ASN B 16 29.22 -14.60 12.46
N ALA B 17 29.48 -14.93 11.19
CA ALA B 17 29.90 -13.95 10.20
C ALA B 17 29.12 -14.12 8.91
N ILE B 18 27.89 -14.62 8.99
CA ILE B 18 27.08 -14.87 7.81
C ILE B 18 26.74 -13.57 7.08
N SER B 19 26.78 -12.44 7.77
CA SER B 19 26.46 -11.17 7.13
C SER B 19 27.39 -10.90 5.95
N THR B 20 28.63 -11.41 6.01
CA THR B 20 29.58 -11.21 4.93
C THR B 20 29.14 -11.90 3.64
N THR B 21 28.26 -12.90 3.73
CA THR B 21 27.83 -13.67 2.57
C THR B 21 26.56 -13.13 1.94
N PHE B 22 26.20 -11.88 2.22
CA PHE B 22 24.98 -11.25 1.70
C PHE B 22 25.37 -10.00 0.92
N PRO B 23 25.54 -10.11 -0.40
CA PRO B 23 25.92 -8.92 -1.19
C PRO B 23 24.75 -7.98 -1.44
N TYR B 24 24.23 -7.40 -0.35
CA TYR B 24 23.08 -6.51 -0.41
C TYR B 24 23.49 -5.04 -0.44
N THR B 25 24.69 -4.75 -0.95
CA THR B 25 25.15 -3.38 -1.13
C THR B 25 25.15 -2.94 -2.59
N GLY B 26 24.73 -3.81 -3.51
CA GLY B 26 24.68 -3.49 -4.92
C GLY B 26 23.26 -3.54 -5.45
N ASP B 27 23.12 -3.16 -6.70
CA ASP B 27 21.80 -3.13 -7.32
C ASP B 27 21.25 -4.54 -7.45
N PRO B 28 20.04 -4.82 -6.98
CA PRO B 28 19.48 -6.15 -7.13
C PRO B 28 19.07 -6.42 -8.58
N PRO B 29 18.99 -7.68 -8.98
CA PRO B 29 18.63 -7.97 -10.37
C PRO B 29 17.22 -7.48 -10.71
N TYR B 30 17.06 -6.98 -11.94
CA TYR B 30 15.78 -6.55 -12.45
C TYR B 30 15.51 -7.20 -13.80
N SER B 31 14.22 -7.43 -14.07
CA SER B 31 13.79 -7.83 -15.39
C SER B 31 13.68 -6.60 -16.29
N HIS B 32 13.95 -6.79 -17.57
CA HIS B 32 14.00 -5.70 -18.53
C HIS B 32 12.80 -5.65 -19.46
N GLY B 33 12.34 -6.79 -19.96
CA GLY B 33 11.29 -6.81 -20.95
C GLY B 33 10.07 -7.63 -20.55
N THR B 34 9.53 -8.38 -21.51
CA THR B 34 8.29 -9.12 -21.29
C THR B 34 8.51 -10.26 -20.31
N GLY B 35 7.43 -10.62 -19.62
CA GLY B 35 7.42 -11.79 -18.76
C GLY B 35 6.64 -12.93 -19.38
N THR B 36 6.35 -12.83 -20.68
CA THR B 36 5.56 -13.86 -21.34
C THR B 36 6.29 -15.19 -21.36
N GLY B 37 7.60 -15.17 -21.61
CA GLY B 37 8.35 -16.42 -21.61
C GLY B 37 8.27 -17.15 -20.29
N TYR B 38 8.42 -16.41 -19.18
CA TYR B 38 8.32 -17.03 -17.87
C TYR B 38 6.92 -17.56 -17.60
N THR B 39 5.90 -16.82 -18.02
CA THR B 39 4.52 -17.28 -17.82
C THR B 39 4.28 -18.59 -18.57
N MET B 40 4.71 -18.64 -19.83
CA MET B 40 4.53 -19.86 -20.62
C MET B 40 5.31 -21.02 -20.01
N ASP B 41 6.54 -20.75 -19.57
CA ASP B 41 7.34 -21.81 -18.95
C ASP B 41 6.68 -22.33 -17.70
N THR B 42 6.15 -21.43 -16.86
CA THR B 42 5.48 -21.86 -15.64
C THR B 42 4.24 -22.67 -15.94
N VAL B 43 3.45 -22.25 -16.94
CA VAL B 43 2.25 -23.00 -17.29
C VAL B 43 2.62 -24.40 -17.76
N ASN B 44 3.61 -24.50 -18.66
CA ASN B 44 4.01 -25.81 -19.16
C ASN B 44 4.55 -26.68 -18.05
N ARG B 45 5.37 -26.10 -17.16
CA ARG B 45 5.93 -26.87 -16.06
C ARG B 45 4.86 -27.37 -15.11
N THR B 46 3.88 -26.52 -14.80
CA THR B 46 2.77 -26.94 -13.95
C THR B 46 1.96 -28.05 -14.60
N HIS B 47 1.77 -27.98 -15.93
CA HIS B 47 0.99 -29.00 -16.61
C HIS B 47 1.74 -30.30 -16.80
N GLN B 48 3.07 -30.28 -16.86
CA GLN B 48 3.82 -31.51 -17.10
C GLN B 48 4.22 -32.21 -15.81
N TYR B 49 4.18 -31.51 -14.66
CA TYR B 49 4.31 -32.19 -13.38
C TYR B 49 3.07 -33.02 -13.04
N SER B 50 1.98 -32.84 -13.78
CA SER B 50 0.74 -33.56 -13.56
C SER B 50 0.27 -34.23 -14.85
N GLU B 51 1.22 -34.60 -15.71
CA GLU B 51 0.88 -35.12 -17.03
C GLU B 51 0.03 -36.39 -16.96
N LYS B 52 0.25 -37.21 -15.94
CA LYS B 52 -0.43 -38.49 -15.84
C LYS B 52 -1.86 -38.38 -15.31
N GLY B 53 -2.38 -37.17 -15.12
CA GLY B 53 -3.75 -37.00 -14.71
C GLY B 53 -4.72 -37.33 -15.81
N ARG B 54 -5.93 -36.81 -15.75
CA ARG B 54 -6.94 -37.03 -16.79
C ARG B 54 -7.41 -35.69 -17.35
N TRP B 55 -7.62 -35.66 -18.66
CA TRP B 55 -7.99 -34.45 -19.37
C TRP B 55 -9.50 -34.34 -19.52
N THR B 56 -10.00 -33.11 -19.46
CA THR B 56 -11.40 -32.83 -19.69
C THR B 56 -11.51 -31.46 -20.35
N THR B 57 -12.71 -31.16 -20.86
CA THR B 57 -12.98 -29.86 -21.45
C THR B 57 -14.18 -29.25 -20.74
N ASN B 58 -13.97 -28.09 -20.12
CA ASN B 58 -15.04 -27.43 -19.40
C ASN B 58 -16.16 -27.05 -20.36
N THR B 59 -17.40 -27.35 -19.96
CA THR B 59 -18.55 -27.04 -20.81
C THR B 59 -18.89 -25.56 -20.82
N GLU B 60 -18.44 -24.80 -19.83
CA GLU B 60 -18.72 -23.37 -19.78
C GLU B 60 -17.63 -22.56 -20.47
N THR B 61 -16.38 -22.71 -20.05
CA THR B 61 -15.27 -21.97 -20.63
C THR B 61 -14.69 -22.64 -21.87
N GLY B 62 -15.00 -23.91 -22.09
CA GLY B 62 -14.47 -24.60 -23.26
C GLY B 62 -12.98 -24.80 -23.25
N ALA B 63 -12.33 -24.66 -22.09
CA ALA B 63 -10.89 -24.79 -22.00
C ALA B 63 -10.49 -26.19 -21.53
N PRO B 64 -9.35 -26.70 -21.97
CA PRO B 64 -8.88 -28.01 -21.49
C PRO B 64 -8.32 -27.90 -20.08
N GLN B 65 -8.75 -28.81 -19.22
CA GLN B 65 -8.32 -28.85 -17.82
C GLN B 65 -7.79 -30.23 -17.49
N LEU B 66 -6.76 -30.27 -16.65
CA LEU B 66 -6.07 -31.50 -16.28
C LEU B 66 -6.29 -31.75 -14.78
N ASN B 67 -6.88 -32.90 -14.45
CA ASN B 67 -7.14 -33.28 -13.07
C ASN B 67 -6.21 -34.42 -12.68
N PRO B 68 -5.20 -34.18 -11.84
CA PRO B 68 -4.31 -35.28 -11.44
C PRO B 68 -4.70 -35.94 -10.13
N ILE B 69 -5.69 -35.36 -9.43
CA ILE B 69 -6.05 -35.86 -8.11
C ILE B 69 -6.42 -37.33 -8.21
N ASP B 70 -6.01 -38.10 -7.21
CA ASP B 70 -6.21 -39.54 -7.18
C ASP B 70 -5.55 -40.24 -8.37
N GLY B 71 -4.54 -39.60 -8.98
CA GLY B 71 -3.84 -40.20 -10.07
C GLY B 71 -2.85 -41.24 -9.60
N PRO B 72 -2.12 -41.83 -10.55
CA PRO B 72 -1.14 -42.86 -10.18
C PRO B 72 -0.11 -42.33 -9.21
N LEU B 73 0.26 -43.18 -8.25
CA LEU B 73 1.24 -42.79 -7.26
C LEU B 73 2.60 -42.58 -7.92
N PRO B 74 3.37 -41.60 -7.46
CA PRO B 74 4.68 -41.36 -8.08
C PRO B 74 5.62 -42.53 -7.87
N GLU B 75 6.46 -42.78 -8.88
CA GLU B 75 7.47 -43.83 -8.81
C GLU B 75 8.89 -43.27 -8.90
N ASP B 76 9.04 -41.95 -8.80
CA ASP B 76 10.35 -41.31 -8.82
C ASP B 76 10.31 -40.10 -7.90
N ASN B 77 11.49 -39.56 -7.62
CA ASN B 77 11.63 -38.43 -6.70
C ASN B 77 11.40 -37.08 -7.38
N GLU B 78 11.01 -37.07 -8.64
CA GLU B 78 10.73 -35.83 -9.34
C GLU B 78 9.46 -35.20 -8.78
N PRO B 79 9.28 -33.88 -8.95
CA PRO B 79 8.07 -33.24 -8.44
C PRO B 79 6.82 -33.85 -9.05
N SER B 80 5.78 -33.97 -8.23
CA SER B 80 4.53 -34.60 -8.65
C SER B 80 3.37 -33.90 -7.97
N GLY B 81 2.31 -33.65 -8.73
CA GLY B 81 1.11 -33.01 -8.20
C GLY B 81 -0.05 -33.97 -8.03
N TYR B 82 0.24 -35.27 -7.94
CA TYR B 82 -0.80 -36.29 -7.84
C TYR B 82 -1.17 -36.50 -6.37
N ALA B 83 -1.86 -35.50 -5.82
CA ALA B 83 -2.36 -35.59 -4.46
C ALA B 83 -3.55 -36.53 -4.39
N GLN B 84 -3.67 -37.25 -3.28
CA GLN B 84 -4.73 -38.22 -3.08
C GLN B 84 -5.78 -37.64 -2.14
N THR B 85 -7.04 -37.65 -2.58
CA THR B 85 -8.10 -37.01 -1.80
C THR B 85 -8.24 -37.65 -0.43
N ASP B 86 -8.26 -38.99 -0.38
CA ASP B 86 -8.46 -39.67 0.90
C ASP B 86 -7.34 -39.37 1.87
N CYS B 87 -6.10 -39.36 1.38
CA CYS B 87 -4.97 -39.09 2.27
C CYS B 87 -5.06 -37.70 2.89
N VAL B 88 -5.39 -36.69 2.09
CA VAL B 88 -5.47 -35.33 2.61
C VAL B 88 -6.66 -35.17 3.54
N LEU B 89 -7.79 -35.81 3.22
CA LEU B 89 -8.92 -35.77 4.14
C LEU B 89 -8.55 -36.41 5.47
N GLU B 90 -7.82 -37.53 5.43
CA GLU B 90 -7.38 -38.17 6.66
C GLU B 90 -6.41 -37.27 7.43
N ALA B 91 -5.51 -36.59 6.73
CA ALA B 91 -4.60 -35.67 7.39
C ALA B 91 -5.35 -34.55 8.09
N MET B 92 -6.36 -33.99 7.42
CA MET B 92 -7.17 -32.95 8.04
C MET B 92 -7.95 -33.49 9.23
N ALA B 93 -8.44 -34.74 9.12
CA ALA B 93 -9.16 -35.35 10.23
C ALA B 93 -8.24 -35.52 11.45
N PHE B 94 -7.00 -35.96 11.22
CA PHE B 94 -6.06 -36.09 12.33
C PHE B 94 -5.71 -34.72 12.90
N LEU B 95 -5.59 -33.71 12.04
CA LEU B 95 -5.36 -32.35 12.53
C LEU B 95 -6.50 -31.91 13.45
N GLU B 96 -7.73 -32.20 13.06
CA GLU B 96 -8.88 -31.87 13.89
C GLU B 96 -8.84 -32.65 15.20
N GLU B 97 -8.51 -33.93 15.14
CA GLU B 97 -8.49 -34.76 16.35
C GLU B 97 -7.45 -34.26 17.34
N SER B 98 -6.27 -33.89 16.85
CA SER B 98 -5.24 -33.37 17.74
C SER B 98 -5.59 -31.99 18.26
N HIS B 99 -6.46 -31.25 17.58
CA HIS B 99 -6.88 -29.92 18.00
C HIS B 99 -8.40 -29.84 17.90
N PRO B 100 -9.11 -30.50 18.82
CA PRO B 100 -10.58 -30.50 18.74
C PRO B 100 -11.15 -29.10 18.83
N GLY B 101 -12.23 -28.87 18.07
CA GLY B 101 -12.90 -27.59 18.08
C GLY B 101 -12.25 -26.51 17.24
N ILE B 102 -11.16 -26.82 16.54
CA ILE B 102 -10.46 -25.80 15.75
C ILE B 102 -11.34 -25.34 14.59
N PHE B 103 -11.83 -26.29 13.79
CA PHE B 103 -12.58 -25.93 12.59
C PHE B 103 -13.89 -25.26 12.93
N GLU B 104 -14.62 -25.78 13.92
CA GLU B 104 -15.92 -25.20 14.25
C GLU B 104 -15.76 -23.77 14.72
N ASN B 105 -14.83 -23.53 15.64
CA ASN B 105 -14.61 -22.16 16.10
C ASN B 105 -14.21 -21.26 14.94
N SER B 106 -13.16 -21.63 14.22
CA SER B 106 -12.67 -20.78 13.14
C SER B 106 -13.79 -20.45 12.17
N CYS B 107 -14.64 -21.43 11.86
CA CYS B 107 -15.78 -21.19 10.99
C CYS B 107 -16.75 -20.20 11.63
N LEU B 108 -16.94 -20.27 12.95
CA LEU B 108 -17.84 -19.33 13.60
C LEU B 108 -17.35 -17.89 13.46
N GLU B 109 -16.09 -17.64 13.80
CA GLU B 109 -15.59 -16.27 13.63
C GLU B 109 -15.59 -15.85 12.16
N THR B 110 -15.25 -16.76 11.26
CA THR B 110 -15.28 -16.42 9.84
C THR B 110 -16.69 -16.09 9.38
N MET B 111 -17.69 -16.80 9.88
CA MET B 111 -19.07 -16.52 9.53
C MET B 111 -19.47 -15.14 10.04
N GLU B 112 -19.08 -14.80 11.27
CA GLU B 112 -19.33 -13.46 11.79
C GLU B 112 -18.74 -12.41 10.86
N VAL B 113 -17.46 -12.58 10.51
CA VAL B 113 -16.78 -11.58 9.70
C VAL B 113 -17.42 -11.46 8.32
N VAL B 114 -17.73 -12.59 7.70
CA VAL B 114 -18.30 -12.57 6.35
C VAL B 114 -19.65 -11.87 6.36
N GLN B 115 -20.49 -12.15 7.37
CA GLN B 115 -21.80 -11.52 7.37
C GLN B 115 -21.79 -10.11 7.90
N GLN B 116 -20.68 -9.62 8.46
CA GLN B 116 -20.57 -8.21 8.83
C GLN B 116 -19.54 -7.45 8.01
N THR B 117 -18.85 -8.10 7.07
CA THR B 117 -17.86 -7.41 6.26
C THR B 117 -18.54 -6.47 5.28
N ARG B 118 -17.82 -5.42 4.88
CA ARG B 118 -18.30 -4.40 3.97
C ARG B 118 -17.55 -4.48 2.64
N VAL B 119 -18.07 -3.79 1.64
CA VAL B 119 -17.45 -3.79 0.31
C VAL B 119 -16.13 -3.03 0.34
N ASP B 120 -16.07 -1.94 1.10
CA ASP B 120 -14.89 -1.07 1.07
C ASP B 120 -13.62 -1.81 1.47
N LYS B 121 -13.75 -2.94 2.17
CA LYS B 121 -12.57 -3.70 2.54
C LYS B 121 -11.77 -4.14 1.32
N LEU B 122 -12.40 -4.23 0.15
CA LEU B 122 -11.69 -4.62 -1.06
C LEU B 122 -10.79 -3.50 -1.59
N THR B 123 -11.04 -2.26 -1.18
CA THR B 123 -10.20 -1.16 -1.65
C THR B 123 -8.82 -1.21 -1.00
N GLN B 124 -8.71 -1.85 0.17
CA GLN B 124 -7.43 -1.94 0.88
C GLN B 124 -6.56 -3.05 0.30
N GLY B 125 -6.21 -2.88 -0.96
CA GLY B 125 -5.37 -3.85 -1.65
C GLY B 125 -4.55 -3.18 -2.73
N ARG B 126 -3.45 -3.84 -3.09
CA ARG B 126 -2.57 -3.32 -4.13
C ARG B 126 -3.10 -3.69 -5.51
N GLN B 127 -2.27 -3.51 -6.54
CA GLN B 127 -2.72 -3.65 -7.92
C GLN B 127 -3.58 -4.89 -8.10
N THR B 128 -4.67 -4.73 -8.86
CA THR B 128 -5.55 -5.83 -9.21
C THR B 128 -5.88 -5.73 -10.69
N TYR B 129 -6.16 -6.88 -11.30
CA TYR B 129 -6.40 -6.95 -12.74
C TYR B 129 -7.85 -6.54 -13.03
N ASP B 130 -8.03 -5.31 -13.48
CA ASP B 130 -9.34 -4.85 -13.94
C ASP B 130 -9.62 -5.47 -15.31
N TRP B 131 -10.75 -6.18 -15.40
CA TRP B 131 -11.19 -6.78 -16.66
C TRP B 131 -11.94 -5.81 -17.54
N THR B 132 -12.43 -4.70 -16.98
CA THR B 132 -13.10 -3.70 -17.80
C THR B 132 -12.15 -3.09 -18.82
N LEU B 133 -10.86 -3.01 -18.47
CA LEU B 133 -9.84 -2.49 -19.35
C LEU B 133 -8.77 -3.51 -19.69
N ASN B 134 -8.84 -4.71 -19.11
CA ASN B 134 -7.84 -5.76 -19.34
C ASN B 134 -6.45 -5.28 -18.96
N ARG B 135 -6.32 -4.75 -17.74
CA ARG B 135 -5.02 -4.26 -17.30
C ARG B 135 -5.02 -4.12 -15.79
N ASN B 136 -3.82 -4.05 -15.23
CA ASN B 136 -3.67 -3.87 -13.79
C ASN B 136 -3.93 -2.42 -13.40
N GLN B 137 -4.74 -2.23 -12.38
CA GLN B 137 -5.08 -0.90 -11.88
C GLN B 137 -5.23 -0.99 -10.37
N PRO B 138 -5.18 0.14 -9.67
CA PRO B 138 -5.33 0.12 -8.22
C PRO B 138 -6.66 -0.53 -7.82
N ALA B 139 -6.64 -1.19 -6.66
CA ALA B 139 -7.81 -1.97 -6.23
C ALA B 139 -9.07 -1.12 -6.23
N ALA B 140 -8.99 0.10 -5.70
CA ALA B 140 -10.17 0.95 -5.63
C ALA B 140 -10.69 1.26 -7.02
N THR B 141 -9.80 1.58 -7.96
CA THR B 141 -10.24 1.92 -9.31
C THR B 141 -10.93 0.74 -9.97
N ALA B 142 -10.34 -0.46 -9.87
CA ALA B 142 -10.95 -1.63 -10.47
C ALA B 142 -12.30 -1.94 -9.83
N LEU B 143 -12.39 -1.82 -8.51
CA LEU B 143 -13.66 -2.07 -7.84
C LEU B 143 -14.72 -1.09 -8.31
N ALA B 144 -14.36 0.19 -8.42
CA ALA B 144 -15.31 1.19 -8.88
C ALA B 144 -15.78 0.90 -10.30
N ASN B 145 -14.84 0.55 -11.19
CA ASN B 145 -15.22 0.25 -12.56
C ASN B 145 -16.15 -0.95 -12.64
N THR B 146 -15.84 -2.01 -11.89
CA THR B 146 -16.70 -3.19 -11.91
C THR B 146 -18.08 -2.88 -11.34
N ILE B 147 -18.14 -2.09 -10.27
CA ILE B 147 -19.43 -1.71 -9.71
C ILE B 147 -20.24 -0.91 -10.72
N GLU B 148 -19.57 0.02 -11.41
CA GLU B 148 -20.27 0.83 -12.42
C GLU B 148 -20.82 -0.07 -13.52
N VAL B 149 -20.01 -1.01 -14.00
CA VAL B 149 -20.47 -1.90 -15.07
C VAL B 149 -21.65 -2.75 -14.60
N PHE B 150 -21.56 -3.28 -13.37
CA PHE B 150 -22.65 -4.08 -12.84
C PHE B 150 -23.94 -3.27 -12.75
N ARG B 151 -23.83 -2.05 -12.21
CA ARG B 151 -25.02 -1.21 -12.10
C ARG B 151 -25.59 -0.87 -13.47
N SER B 152 -24.73 -0.64 -14.46
CA SER B 152 -25.21 -0.40 -15.81
C SER B 152 -25.87 -1.62 -16.41
N ASN B 153 -25.46 -2.83 -16.01
CA ASN B 153 -26.04 -4.05 -16.54
C ASN B 153 -27.28 -4.51 -15.77
N GLY B 154 -27.56 -3.93 -14.61
CA GLY B 154 -28.73 -4.28 -13.83
C GLY B 154 -28.45 -5.01 -12.53
N LEU B 155 -27.18 -5.21 -12.16
CA LEU B 155 -26.84 -5.89 -10.90
C LEU B 155 -26.53 -4.82 -9.86
N THR B 156 -27.52 -4.51 -9.04
CA THR B 156 -27.43 -3.41 -8.08
C THR B 156 -27.62 -3.88 -6.64
N ALA B 157 -27.43 -5.18 -6.39
CA ALA B 157 -27.51 -5.66 -5.02
C ALA B 157 -26.36 -5.13 -4.18
N ASN B 158 -25.22 -4.83 -4.81
CA ASN B 158 -24.07 -4.29 -4.08
C ASN B 158 -24.39 -2.95 -3.45
N GLU B 159 -25.47 -2.30 -3.88
CA GLU B 159 -25.89 -1.06 -3.24
C GLU B 159 -26.25 -1.28 -1.77
N SER B 160 -26.47 -2.52 -1.36
CA SER B 160 -26.67 -2.81 0.05
C SER B 160 -25.42 -2.53 0.87
N GLY B 161 -24.27 -2.35 0.23
CA GLY B 161 -23.05 -2.04 0.93
C GLY B 161 -22.41 -3.20 1.64
N ARG B 162 -22.77 -4.43 1.26
CA ARG B 162 -22.26 -5.64 1.89
C ARG B 162 -21.43 -6.42 0.89
N LEU B 163 -20.27 -6.90 1.34
CA LEU B 163 -19.42 -7.70 0.46
C LEU B 163 -20.11 -8.99 0.03
N ILE B 164 -20.90 -9.59 0.92
CA ILE B 164 -21.63 -10.80 0.55
C ILE B 164 -22.61 -10.49 -0.59
N ASP B 165 -23.28 -9.34 -0.53
CA ASP B 165 -24.17 -8.96 -1.62
C ASP B 165 -23.39 -8.69 -2.91
N PHE B 166 -22.20 -8.10 -2.79
CA PHE B 166 -21.37 -7.91 -3.97
C PHE B 166 -21.02 -9.23 -4.61
N LEU B 167 -20.68 -10.24 -3.80
CA LEU B 167 -20.39 -11.56 -4.34
C LEU B 167 -21.63 -12.21 -4.93
N LYS B 168 -22.79 -11.99 -4.33
CA LYS B 168 -24.04 -12.49 -4.91
C LYS B 168 -24.24 -11.90 -6.31
N ASP B 169 -24.03 -10.59 -6.45
CA ASP B 169 -24.12 -9.96 -7.76
C ASP B 169 -23.08 -10.53 -8.72
N VAL B 170 -21.86 -10.77 -8.22
CA VAL B 170 -20.80 -11.30 -9.07
C VAL B 170 -21.22 -12.66 -9.63
N MET B 171 -21.74 -13.54 -8.78
CA MET B 171 -22.18 -14.85 -9.24
C MET B 171 -23.36 -14.72 -10.20
N GLU B 172 -24.32 -13.83 -9.89
CA GLU B 172 -25.45 -13.65 -10.79
C GLU B 172 -24.99 -13.16 -12.16
N SER B 173 -23.91 -12.40 -12.21
CA SER B 173 -23.38 -11.95 -13.49
C SER B 173 -22.94 -13.12 -14.36
N MET B 174 -22.56 -14.24 -13.73
CA MET B 174 -22.09 -15.39 -14.49
C MET B 174 -23.18 -16.00 -15.36
N ASP B 175 -24.45 -15.78 -15.03
CA ASP B 175 -25.57 -16.38 -15.74
C ASP B 175 -26.26 -15.41 -16.69
N LYS B 176 -25.57 -14.33 -17.08
CA LYS B 176 -26.14 -13.33 -17.97
C LYS B 176 -25.77 -13.62 -19.41
N GLU B 177 -26.69 -13.34 -20.33
CA GLU B 177 -26.46 -13.65 -21.74
C GLU B 177 -25.51 -12.66 -22.38
N GLU B 178 -25.55 -11.39 -21.97
CA GLU B 178 -24.79 -10.36 -22.66
C GLU B 178 -24.56 -9.19 -21.70
N MET B 179 -23.30 -8.93 -21.36
CA MET B 179 -22.94 -7.75 -20.59
C MET B 179 -22.36 -6.68 -21.51
N GLU B 180 -22.19 -5.47 -20.97
CA GLU B 180 -21.69 -4.35 -21.74
C GLU B 180 -20.57 -3.66 -20.99
N ILE B 181 -19.51 -3.31 -21.71
CA ILE B 181 -18.35 -2.63 -21.16
C ILE B 181 -18.07 -1.38 -21.98
N THR B 182 -17.23 -0.51 -21.43
CA THR B 182 -16.88 0.77 -22.04
C THR B 182 -15.40 0.77 -22.40
N THR B 183 -15.07 1.30 -23.57
CA THR B 183 -13.68 1.43 -23.98
C THR B 183 -13.44 2.79 -24.61
N HIS B 184 -12.29 3.37 -24.33
CA HIS B 184 -11.90 4.67 -24.88
C HIS B 184 -10.75 4.49 -25.85
N PHE B 185 -10.79 5.26 -26.94
CA PHE B 185 -9.75 5.21 -27.96
C PHE B 185 -9.60 6.57 -28.64
N LYS B 207 -16.37 7.43 -26.44
CA LYS B 207 -16.34 6.11 -25.83
C LYS B 207 -17.21 5.14 -26.61
N LYS B 208 -16.81 3.87 -26.62
CA LYS B 208 -17.49 2.82 -27.36
C LYS B 208 -18.03 1.79 -26.38
N LYS B 209 -19.30 1.42 -26.56
CA LYS B 209 -19.93 0.37 -25.77
C LYS B 209 -19.78 -0.95 -26.50
N GLN B 210 -19.15 -1.93 -25.86
CA GLN B 210 -18.92 -3.24 -26.44
C GLN B 210 -19.69 -4.29 -25.65
N ARG B 211 -20.15 -5.32 -26.35
CA ARG B 211 -20.95 -6.38 -25.74
C ARG B 211 -20.12 -7.64 -25.60
N LEU B 212 -20.14 -8.21 -24.39
CA LEU B 212 -19.43 -9.44 -24.06
C LEU B 212 -20.45 -10.54 -23.84
N ASN B 213 -20.29 -11.65 -24.56
CA ASN B 213 -21.16 -12.79 -24.41
C ASN B 213 -20.85 -13.53 -23.11
N LYS B 214 -21.54 -14.65 -22.89
CA LYS B 214 -21.37 -15.38 -21.64
C LYS B 214 -19.96 -15.92 -21.50
N ARG B 215 -19.47 -16.64 -22.51
CA ARG B 215 -18.17 -17.30 -22.39
C ARG B 215 -17.05 -16.29 -22.26
N SER B 216 -17.09 -15.20 -23.03
CA SER B 216 -16.03 -14.20 -22.96
C SER B 216 -15.98 -13.58 -21.57
N TYR B 217 -17.13 -13.26 -21.00
CA TYR B 217 -17.14 -12.69 -19.65
C TYR B 217 -16.68 -13.71 -18.62
N LEU B 218 -17.04 -14.99 -18.80
CA LEU B 218 -16.56 -16.02 -17.88
C LEU B 218 -15.04 -16.06 -17.89
N ILE B 219 -14.43 -16.08 -19.08
CA ILE B 219 -12.98 -16.12 -19.17
C ILE B 219 -12.36 -14.85 -18.64
N ARG B 220 -12.99 -13.70 -18.84
CA ARG B 220 -12.46 -12.44 -18.32
C ARG B 220 -12.54 -12.38 -16.80
N ALA B 221 -13.51 -13.06 -16.20
CA ALA B 221 -13.62 -13.10 -14.76
C ALA B 221 -12.76 -14.18 -14.13
N LEU B 222 -12.40 -15.22 -14.88
CA LEU B 222 -11.58 -16.30 -14.38
C LEU B 222 -10.10 -16.16 -14.72
N THR B 223 -9.69 -15.04 -15.30
CA THR B 223 -8.33 -14.89 -15.79
C THR B 223 -7.45 -14.16 -14.78
N LEU B 224 -6.14 -14.34 -14.93
CA LEU B 224 -5.13 -13.72 -14.09
C LEU B 224 -4.16 -12.95 -14.98
N ASN B 225 -3.58 -11.88 -14.45
CA ASN B 225 -2.59 -11.09 -15.16
C ASN B 225 -1.20 -11.44 -14.65
N THR B 226 -0.29 -11.72 -15.58
CA THR B 226 1.05 -12.19 -15.25
C THR B 226 2.06 -11.08 -15.47
N MET B 227 2.98 -10.92 -14.51
CA MET B 227 4.05 -9.95 -14.60
C MET B 227 5.34 -10.61 -14.14
N THR B 228 6.44 -9.89 -14.29
CA THR B 228 7.75 -10.37 -13.86
C THR B 228 8.14 -9.69 -12.56
N LYS B 229 8.63 -10.49 -11.61
CA LYS B 229 8.99 -9.98 -10.30
C LYS B 229 10.38 -9.39 -10.34
N ASP B 230 10.51 -8.12 -9.96
CA ASP B 230 11.78 -7.43 -9.91
C ASP B 230 12.24 -7.23 -8.47
N ALA B 231 13.50 -6.83 -8.32
CA ALA B 231 14.10 -6.62 -7.00
C ALA B 231 14.04 -7.89 -6.16
N GLU B 232 14.31 -9.03 -6.80
CA GLU B 232 14.30 -10.34 -6.15
C GLU B 232 15.75 -10.80 -6.00
N ARG B 233 16.25 -10.78 -4.77
CA ARG B 233 17.64 -11.11 -4.48
C ARG B 233 17.74 -12.56 -4.02
N GLY B 234 18.69 -13.29 -4.60
CA GLY B 234 18.99 -14.64 -4.14
C GLY B 234 18.83 -15.72 -5.18
N LYS B 235 18.78 -15.34 -6.46
CA LYS B 235 18.66 -16.33 -7.52
C LYS B 235 19.06 -15.70 -8.85
N LEU B 236 19.64 -16.54 -9.72
CA LEU B 236 20.14 -16.07 -11.00
C LEU B 236 19.03 -15.82 -12.01
N LYS B 237 17.95 -16.61 -11.96
CA LYS B 237 16.88 -16.54 -12.95
C LYS B 237 15.71 -15.75 -12.40
N ARG B 238 14.98 -15.10 -13.31
CA ARG B 238 13.79 -14.35 -12.96
C ARG B 238 12.58 -15.28 -12.93
N ARG B 239 11.56 -14.86 -12.19
CA ARG B 239 10.32 -15.61 -12.04
C ARG B 239 9.14 -14.75 -12.46
N ALA B 240 7.98 -15.38 -12.54
CA ALA B 240 6.73 -14.72 -12.89
C ALA B 240 5.76 -14.78 -11.72
N ILE B 241 4.96 -13.73 -11.58
CA ILE B 241 3.95 -13.64 -10.53
C ILE B 241 2.63 -13.26 -11.18
N ALA B 242 1.55 -13.48 -10.44
CA ALA B 242 0.20 -13.31 -10.97
C ALA B 242 -0.62 -12.40 -10.06
N THR B 243 -1.60 -11.75 -10.67
CA THR B 243 -2.54 -10.88 -9.98
C THR B 243 -3.95 -11.22 -10.44
N PRO B 244 -4.87 -11.53 -9.53
CA PRO B 244 -6.23 -11.91 -9.94
C PRO B 244 -7.11 -10.67 -10.14
N GLY B 245 -8.34 -10.94 -10.58
CA GLY B 245 -9.31 -9.90 -10.82
C GLY B 245 -10.01 -9.48 -9.55
N MET B 246 -11.12 -8.76 -9.74
CA MET B 246 -11.90 -8.26 -8.61
C MET B 246 -13.11 -9.13 -8.28
N GLN B 247 -13.58 -9.94 -9.23
CA GLN B 247 -14.71 -10.81 -8.94
C GLN B 247 -14.34 -11.90 -7.92
N ILE B 248 -13.08 -12.32 -7.93
CA ILE B 248 -12.65 -13.46 -7.11
C ILE B 248 -11.93 -13.04 -5.84
N ARG B 249 -11.67 -11.74 -5.64
CA ARG B 249 -10.92 -11.31 -4.48
C ARG B 249 -11.72 -11.35 -3.19
N GLY B 250 -13.04 -11.20 -3.24
CA GLY B 250 -13.83 -11.31 -2.03
C GLY B 250 -13.83 -12.72 -1.46
N PHE B 251 -14.02 -13.71 -2.33
CA PHE B 251 -13.96 -15.09 -1.89
C PHE B 251 -12.58 -15.42 -1.34
N VAL B 252 -11.53 -14.92 -2.00
CA VAL B 252 -10.17 -15.13 -1.51
C VAL B 252 -10.00 -14.50 -0.14
N TYR B 253 -10.56 -13.30 0.05
CA TYR B 253 -10.46 -12.63 1.34
C TYR B 253 -11.12 -13.46 2.43
N PHE B 254 -12.32 -13.99 2.16
CA PHE B 254 -13.00 -14.80 3.17
C PHE B 254 -12.24 -16.09 3.46
N VAL B 255 -11.74 -16.75 2.41
CA VAL B 255 -11.01 -18.00 2.61
C VAL B 255 -9.74 -17.75 3.41
N GLU B 256 -9.02 -16.67 3.11
CA GLU B 256 -7.81 -16.35 3.84
C GLU B 256 -8.13 -15.93 5.27
N THR B 257 -9.26 -15.29 5.50
CA THR B 257 -9.67 -15.00 6.87
C THR B 257 -9.87 -16.28 7.66
N LEU B 258 -10.54 -17.26 7.05
CA LEU B 258 -10.72 -18.55 7.72
C LEU B 258 -9.38 -19.21 7.98
N ALA B 259 -8.49 -19.21 6.98
CA ALA B 259 -7.21 -19.87 7.13
C ALA B 259 -6.36 -19.19 8.19
N ARG B 260 -6.39 -17.86 8.27
CA ARG B 260 -5.66 -17.14 9.31
C ARG B 260 -6.22 -17.47 10.68
N SER B 261 -7.55 -17.48 10.82
CA SER B 261 -8.14 -17.84 12.09
C SER B 261 -7.75 -19.25 12.51
N ILE B 262 -7.61 -20.16 11.54
CA ILE B 262 -7.21 -21.52 11.85
C ILE B 262 -5.74 -21.56 12.28
N CYS B 263 -4.85 -20.96 11.48
CA CYS B 263 -3.43 -21.02 11.76
C CYS B 263 -3.09 -20.32 13.07
N GLU B 264 -3.84 -19.28 13.45
CA GLU B 264 -3.59 -18.64 14.73
C GLU B 264 -3.77 -19.60 15.89
N LYS B 265 -4.50 -20.69 15.70
CA LYS B 265 -4.68 -21.71 16.72
C LYS B 265 -3.66 -22.84 16.62
N LEU B 266 -2.75 -22.77 15.65
CA LEU B 266 -1.73 -23.79 15.45
C LEU B 266 -0.37 -23.18 15.77
N GLU B 267 0.33 -23.78 16.74
CA GLU B 267 1.66 -23.32 17.11
C GLU B 267 2.73 -23.75 16.12
N GLN B 268 2.44 -24.75 15.28
CA GLN B 268 3.42 -25.20 14.30
C GLN B 268 3.47 -24.31 13.07
N SER B 269 2.51 -23.42 12.90
CA SER B 269 2.51 -22.49 11.79
C SER B 269 3.27 -21.22 12.15
N GLY B 270 3.86 -20.58 11.14
CA GLY B 270 4.64 -19.39 11.36
C GLY B 270 4.40 -18.31 10.31
N LEU B 271 3.36 -18.49 9.51
CA LEU B 271 3.06 -17.57 8.42
C LEU B 271 2.33 -16.32 8.91
N PRO B 272 1.31 -16.45 9.77
CA PRO B 272 0.57 -15.26 10.21
C PRO B 272 1.24 -14.45 11.31
N VAL B 273 2.52 -14.72 11.62
CA VAL B 273 3.23 -13.99 12.67
C VAL B 273 4.37 -13.21 12.05
N GLY B 274 5.09 -12.45 12.87
CA GLY B 274 6.25 -11.70 12.42
C GLY B 274 7.52 -12.52 12.48
N GLY B 275 8.65 -11.80 12.41
CA GLY B 275 9.93 -12.48 12.44
C GLY B 275 10.34 -12.92 13.84
N ASN B 276 10.21 -12.01 14.81
CA ASN B 276 10.63 -12.34 16.17
C ASN B 276 9.78 -13.47 16.74
N GLU B 277 8.47 -13.47 16.45
CA GLU B 277 7.63 -14.59 16.87
C GLU B 277 8.08 -15.87 16.21
N LYS B 278 8.48 -15.80 14.94
CA LYS B 278 9.01 -16.97 14.24
C LYS B 278 10.22 -17.52 14.96
N LYS B 279 11.15 -16.63 15.34
CA LYS B 279 12.36 -17.07 16.04
C LYS B 279 12.00 -17.69 17.39
N ALA B 280 11.07 -17.06 18.11
CA ALA B 280 10.68 -17.60 19.42
C ALA B 280 10.09 -19.00 19.29
N LYS B 281 9.21 -19.19 18.31
CA LYS B 281 8.61 -20.51 18.12
C LYS B 281 9.65 -21.53 17.68
N LEU B 282 10.59 -21.13 16.82
CA LEU B 282 11.64 -22.05 16.42
C LEU B 282 12.48 -22.49 17.62
N ALA B 283 12.86 -21.54 18.47
CA ALA B 283 13.62 -21.88 19.66
C ALA B 283 12.82 -22.80 20.57
N ASN B 284 11.53 -22.50 20.76
CA ASN B 284 10.71 -23.34 21.62
C ASN B 284 10.63 -24.76 21.08
N VAL B 285 10.42 -24.92 19.77
CA VAL B 285 10.25 -26.26 19.21
C VAL B 285 11.56 -27.03 19.28
N VAL B 286 12.70 -26.39 18.99
CA VAL B 286 13.96 -27.11 19.06
C VAL B 286 14.25 -27.53 20.49
N ARG B 287 14.00 -26.64 21.46
CA ARG B 287 14.23 -27.01 22.85
C ARG B 287 13.31 -28.15 23.28
N LYS B 288 12.04 -28.09 22.86
CA LYS B 288 11.09 -29.15 23.21
C LYS B 288 11.54 -30.49 22.63
N MET B 289 11.97 -30.50 21.37
CA MET B 289 12.33 -31.75 20.72
C MET B 289 13.62 -32.32 21.32
N MET B 290 14.63 -31.49 21.48
CA MET B 290 15.92 -31.99 21.96
C MET B 290 15.87 -32.31 23.46
N THR B 291 15.26 -31.42 24.25
CA THR B 291 15.25 -31.61 25.69
C THR B 291 14.49 -32.87 26.09
N ASN B 292 13.31 -33.08 25.50
CA ASN B 292 12.54 -34.27 25.82
C ASN B 292 13.26 -35.54 25.39
N SER B 293 14.09 -35.44 24.34
CA SER B 293 14.86 -36.58 23.90
C SER B 293 15.89 -36.96 24.95
N GLN B 294 15.93 -38.24 25.32
CA GLN B 294 16.87 -38.72 26.31
C GLN B 294 18.22 -39.01 25.64
N ASP B 295 19.16 -39.54 26.43
CA ASP B 295 20.48 -39.82 25.90
C ASP B 295 20.43 -40.87 24.79
N THR B 296 19.45 -41.77 24.83
CA THR B 296 19.40 -42.85 23.85
C THR B 296 18.90 -42.37 22.49
N GLU B 297 17.99 -41.39 22.48
CA GLU B 297 17.42 -40.89 21.24
C GLU B 297 18.34 -39.86 20.61
N LEU B 298 18.62 -40.05 19.32
CA LEU B 298 19.33 -39.06 18.51
C LEU B 298 18.34 -38.10 17.86
N SER B 299 18.82 -36.88 17.61
CA SER B 299 18.01 -35.80 17.08
C SER B 299 18.71 -35.22 15.85
N PHE B 300 17.92 -34.93 14.81
CA PHE B 300 18.45 -34.36 13.58
C PHE B 300 17.52 -33.29 13.05
N THR B 301 18.09 -32.19 12.59
CA THR B 301 17.34 -31.09 12.01
C THR B 301 17.55 -31.07 10.50
N ILE B 302 16.44 -30.99 9.77
CA ILE B 302 16.43 -30.86 8.31
C ILE B 302 16.01 -29.43 7.99
N THR B 303 16.84 -28.74 7.22
CA THR B 303 16.57 -27.36 6.80
C THR B 303 16.01 -27.42 5.38
N GLY B 304 14.71 -27.69 5.28
CA GLY B 304 14.10 -28.09 4.03
C GLY B 304 13.45 -26.94 3.29
N ASP B 305 13.63 -26.94 1.97
CA ASP B 305 12.92 -26.06 1.06
C ASP B 305 12.15 -26.92 0.07
N ASN B 306 10.96 -26.46 -0.30
CA ASN B 306 10.08 -27.21 -1.19
C ASN B 306 10.22 -26.69 -2.61
N THR B 307 10.56 -27.58 -3.53
CA THR B 307 10.72 -27.21 -4.92
C THR B 307 9.36 -27.15 -5.60
N LYS B 308 9.11 -26.07 -6.33
CA LYS B 308 7.86 -25.88 -7.08
C LYS B 308 6.65 -26.02 -6.14
N TRP B 309 6.68 -25.23 -5.08
CA TRP B 309 5.64 -25.31 -4.05
C TRP B 309 4.27 -24.96 -4.63
N ASN B 310 4.18 -23.81 -5.32
CA ASN B 310 2.88 -23.34 -5.79
C ASN B 310 2.40 -24.13 -7.00
N GLU B 311 3.31 -24.61 -7.83
CA GLU B 311 2.90 -25.29 -9.07
C GLU B 311 2.31 -26.66 -8.81
N ASN B 312 2.50 -27.23 -7.61
CA ASN B 312 2.06 -28.59 -7.31
C ASN B 312 0.88 -28.62 -6.34
N GLN B 313 0.29 -27.48 -6.03
CA GLN B 313 -0.85 -27.40 -5.11
C GLN B 313 -2.13 -27.22 -5.94
N ASN B 314 -2.94 -28.27 -6.00
CA ASN B 314 -4.13 -28.26 -6.83
C ASN B 314 -5.29 -27.57 -6.11
N PRO B 315 -5.96 -26.61 -6.74
CA PRO B 315 -7.09 -25.95 -6.05
C PRO B 315 -8.20 -26.89 -5.65
N ARG B 316 -8.41 -27.99 -6.37
CA ARG B 316 -9.44 -28.95 -5.98
C ARG B 316 -9.15 -29.50 -4.58
N MET B 317 -7.88 -29.67 -4.24
CA MET B 317 -7.54 -30.18 -2.92
C MET B 317 -7.84 -29.14 -1.85
N PHE B 318 -7.62 -27.86 -2.15
CA PHE B 318 -8.05 -26.82 -1.22
C PHE B 318 -9.57 -26.81 -1.06
N LEU B 319 -10.30 -27.06 -2.14
CA LEU B 319 -11.75 -27.20 -2.02
C LEU B 319 -12.11 -28.34 -1.08
N ALA B 320 -11.43 -29.48 -1.21
CA ALA B 320 -11.69 -30.60 -0.32
C ALA B 320 -11.39 -30.24 1.13
N MET B 321 -10.26 -29.57 1.36
CA MET B 321 -9.90 -29.19 2.73
C MET B 321 -10.93 -28.25 3.33
N ILE B 322 -11.38 -27.26 2.56
CA ILE B 322 -12.34 -26.32 3.13
C ILE B 322 -13.70 -26.96 3.35
N THR B 323 -14.14 -27.84 2.44
CA THR B 323 -15.44 -28.49 2.65
C THR B 323 -15.38 -29.47 3.82
N TYR B 324 -14.21 -30.04 4.11
CA TYR B 324 -14.06 -30.80 5.34
C TYR B 324 -14.05 -29.90 6.56
N ILE B 325 -13.42 -28.72 6.44
CA ILE B 325 -13.37 -27.78 7.55
C ILE B 325 -14.76 -27.26 7.88
N THR B 326 -15.56 -26.97 6.86
CA THR B 326 -16.88 -26.37 7.03
C THR B 326 -18.00 -27.40 7.15
N ARG B 327 -17.69 -28.61 7.62
CA ARG B 327 -18.73 -29.59 7.85
C ARG B 327 -19.60 -29.18 9.03
N ASN B 328 -20.88 -29.53 8.96
CA ASN B 328 -21.85 -29.21 10.01
C ASN B 328 -21.91 -27.71 10.24
N GLN B 329 -22.00 -26.96 9.15
CA GLN B 329 -22.11 -25.51 9.16
C GLN B 329 -23.22 -25.11 8.20
N PRO B 330 -23.73 -23.88 8.32
CA PRO B 330 -24.79 -23.43 7.41
C PRO B 330 -24.35 -23.56 5.97
N GLU B 331 -25.27 -24.02 5.11
CA GLU B 331 -24.93 -24.32 3.74
C GLU B 331 -24.47 -23.07 2.99
N TRP B 332 -25.00 -21.90 3.32
CA TRP B 332 -24.58 -20.69 2.65
C TRP B 332 -23.12 -20.37 2.95
N PHE B 333 -22.69 -20.59 4.19
CA PHE B 333 -21.29 -20.39 4.53
C PHE B 333 -20.40 -21.33 3.73
N ARG B 334 -20.79 -22.60 3.63
CA ARG B 334 -20.01 -23.56 2.85
C ARG B 334 -19.93 -23.13 1.40
N ASN B 335 -21.05 -22.68 0.82
CA ASN B 335 -21.06 -22.26 -0.58
C ASN B 335 -20.14 -21.06 -0.80
N VAL B 336 -20.26 -20.05 0.06
CA VAL B 336 -19.47 -18.83 -0.15
C VAL B 336 -17.98 -19.12 0.03
N LEU B 337 -17.62 -20.01 0.96
CA LEU B 337 -16.22 -20.38 1.11
C LEU B 337 -15.74 -21.34 0.03
N SER B 338 -16.64 -22.06 -0.63
CA SER B 338 -16.26 -22.99 -1.68
C SER B 338 -16.17 -22.33 -3.04
N ILE B 339 -16.79 -21.16 -3.22
CA ILE B 339 -16.77 -20.51 -4.53
C ILE B 339 -15.34 -20.23 -4.97
N ALA B 340 -14.46 -19.83 -4.05
CA ALA B 340 -13.11 -19.44 -4.43
C ALA B 340 -12.33 -20.59 -5.08
N PRO B 341 -12.10 -21.73 -4.40
CA PRO B 341 -11.38 -22.81 -5.08
C PRO B 341 -12.06 -23.31 -6.33
N ILE B 342 -13.39 -23.19 -6.42
CA ILE B 342 -14.07 -23.57 -7.64
C ILE B 342 -13.60 -22.71 -8.80
N MET B 343 -13.41 -21.41 -8.57
CA MET B 343 -12.91 -20.53 -9.62
C MET B 343 -11.42 -20.73 -9.88
N PHE B 344 -10.62 -20.98 -8.83
CA PHE B 344 -9.21 -21.27 -9.07
C PHE B 344 -9.02 -22.54 -9.88
N SER B 345 -9.86 -23.56 -9.66
CA SER B 345 -9.72 -24.80 -10.43
C SER B 345 -9.92 -24.55 -11.92
N ASN B 346 -10.67 -23.52 -12.28
CA ASN B 346 -10.89 -23.14 -13.67
C ASN B 346 -10.15 -21.87 -14.05
N LYS B 347 -9.17 -21.46 -13.24
CA LYS B 347 -8.50 -20.18 -13.47
C LYS B 347 -7.75 -20.19 -14.79
N MET B 348 -7.72 -19.04 -15.44
CA MET B 348 -6.94 -18.80 -16.63
C MET B 348 -5.87 -17.76 -16.33
N ALA B 349 -4.79 -17.79 -17.10
CA ALA B 349 -3.68 -16.87 -16.93
C ALA B 349 -3.42 -16.15 -18.24
N ARG B 350 -3.34 -14.83 -18.17
CA ARG B 350 -2.92 -14.06 -19.34
C ARG B 350 -1.43 -14.26 -19.56
N LEU B 351 -1.05 -14.49 -20.82
CA LEU B 351 0.34 -14.84 -21.12
C LEU B 351 1.28 -13.73 -20.70
N GLY B 352 0.93 -12.48 -20.99
CA GLY B 352 1.74 -11.36 -20.54
C GLY B 352 1.77 -10.19 -21.50
N LYS B 353 2.82 -9.36 -21.39
CA LYS B 353 2.91 -8.18 -22.23
C LYS B 353 3.02 -8.54 -23.70
N GLY B 354 3.84 -9.54 -24.01
CA GLY B 354 4.05 -9.96 -25.39
C GLY B 354 5.50 -10.26 -25.69
N TYR B 355 5.92 -10.02 -26.93
CA TYR B 355 7.31 -10.25 -27.32
C TYR B 355 7.76 -9.14 -28.26
N MET B 356 8.99 -8.68 -28.07
CA MET B 356 9.56 -7.64 -28.90
C MET B 356 10.62 -8.24 -29.81
N PHE B 357 10.51 -7.93 -31.10
CA PHE B 357 11.43 -8.40 -32.13
C PHE B 357 12.28 -7.25 -32.65
N GLU B 358 13.48 -7.58 -33.11
CA GLU B 358 14.37 -6.59 -33.71
C GLU B 358 14.88 -7.12 -35.05
N SER B 359 14.95 -6.22 -36.04
CA SER B 359 15.51 -6.52 -37.34
C SER B 359 16.69 -5.59 -37.57
N LYS B 360 17.90 -6.15 -37.52
CA LYS B 360 19.10 -5.35 -37.69
C LYS B 360 19.35 -5.01 -39.16
N SER B 361 18.95 -5.89 -40.08
CA SER B 361 19.13 -5.60 -41.49
C SER B 361 18.37 -4.35 -41.90
N MET B 362 17.11 -4.25 -41.48
CA MET B 362 16.30 -3.06 -41.71
C MET B 362 16.33 -2.08 -40.55
N LYS B 363 16.97 -2.44 -39.44
CA LYS B 363 17.19 -1.53 -38.32
C LYS B 363 15.86 -1.00 -37.78
N LEU B 364 15.06 -1.91 -37.24
CA LEU B 364 13.77 -1.55 -36.67
C LEU B 364 13.43 -2.52 -35.54
N ARG B 365 12.40 -2.17 -34.78
CA ARG B 365 11.92 -3.02 -33.70
C ARG B 365 10.39 -3.04 -33.74
N THR B 366 9.83 -4.10 -33.16
CA THR B 366 8.39 -4.32 -33.18
C THR B 366 7.99 -4.97 -31.85
N GLN B 367 6.73 -4.77 -31.47
CA GLN B 367 6.18 -5.32 -30.23
C GLN B 367 4.87 -6.00 -30.55
N ILE B 368 4.85 -7.33 -30.49
CA ILE B 368 3.64 -8.11 -30.75
C ILE B 368 3.00 -8.46 -29.40
N PRO B 369 1.69 -8.25 -29.24
CA PRO B 369 1.05 -8.64 -27.98
C PRO B 369 1.01 -10.15 -27.82
N ALA B 370 0.90 -10.59 -26.57
CA ALA B 370 0.90 -12.02 -26.29
C ALA B 370 -0.31 -12.71 -26.88
N GLU B 371 -1.41 -12.00 -27.09
CA GLU B 371 -2.63 -12.63 -27.58
C GLU B 371 -2.44 -13.20 -28.98
N MET B 372 -1.41 -12.78 -29.71
CA MET B 372 -1.15 -13.31 -31.03
C MET B 372 -0.38 -14.63 -31.00
N LEU B 373 0.08 -15.08 -29.82
CA LEU B 373 0.85 -16.31 -29.75
C LEU B 373 0.06 -17.52 -30.23
N ALA B 374 -1.27 -17.46 -30.19
CA ALA B 374 -2.07 -18.60 -30.62
C ALA B 374 -1.97 -18.81 -32.13
N SER B 375 -1.92 -17.72 -32.90
CA SER B 375 -1.96 -17.81 -34.36
C SER B 375 -0.66 -17.38 -35.03
N ILE B 376 0.17 -16.57 -34.36
CA ILE B 376 1.39 -16.09 -35.00
C ILE B 376 2.28 -17.26 -35.38
N ASP B 377 2.89 -17.16 -36.56
CA ASP B 377 3.84 -18.18 -37.00
C ASP B 377 5.02 -18.24 -36.03
N LEU B 378 5.74 -19.36 -36.07
CA LEU B 378 6.83 -19.62 -35.15
C LEU B 378 8.20 -19.36 -35.76
N LYS B 379 8.27 -18.68 -36.90
CA LYS B 379 9.55 -18.39 -37.53
C LYS B 379 10.35 -17.34 -36.77
N TYR B 380 9.69 -16.48 -36.00
CA TYR B 380 10.37 -15.40 -35.30
C TYR B 380 10.97 -15.83 -33.97
N PHE B 381 10.56 -16.98 -33.44
CA PHE B 381 10.93 -17.39 -32.09
C PHE B 381 12.11 -18.36 -32.13
N ASN B 382 12.95 -18.28 -31.09
CA ASN B 382 14.08 -19.18 -30.98
C ASN B 382 13.59 -20.59 -30.65
N ASP B 383 14.53 -21.53 -30.56
CA ASP B 383 14.16 -22.93 -30.35
C ASP B 383 13.42 -23.11 -29.03
N SER B 384 13.95 -22.52 -27.95
CA SER B 384 13.32 -22.69 -26.63
C SER B 384 11.93 -22.08 -26.61
N THR B 385 11.80 -20.83 -27.03
CA THR B 385 10.48 -20.20 -27.07
C THR B 385 9.57 -20.88 -28.08
N ARG B 386 10.12 -21.33 -29.21
CA ARG B 386 9.30 -22.06 -30.17
C ARG B 386 8.67 -23.29 -29.53
N LYS B 387 9.49 -24.07 -28.82
CA LYS B 387 8.95 -25.28 -28.19
C LYS B 387 7.97 -24.94 -27.08
N LYS B 388 8.26 -23.89 -26.30
CA LYS B 388 7.33 -23.50 -25.25
C LYS B 388 5.96 -23.13 -25.84
N ILE B 389 5.97 -22.34 -26.91
CA ILE B 389 4.71 -21.96 -27.55
C ILE B 389 4.01 -23.17 -28.12
N GLU B 390 4.76 -24.07 -28.77
CA GLU B 390 4.14 -25.27 -29.33
C GLU B 390 3.49 -26.10 -28.24
N LYS B 391 4.11 -26.18 -27.06
CA LYS B 391 3.55 -26.98 -25.98
C LYS B 391 2.36 -26.30 -25.31
N ILE B 392 2.36 -24.96 -25.24
CA ILE B 392 1.29 -24.26 -24.53
C ILE B 392 0.11 -23.92 -25.43
N ARG B 393 0.27 -23.99 -26.75
CA ARG B 393 -0.82 -23.59 -27.65
C ARG B 393 -2.10 -24.36 -27.40
N PRO B 394 -2.09 -25.67 -27.17
CA PRO B 394 -3.36 -26.40 -26.99
C PRO B 394 -4.21 -25.85 -25.86
N LEU B 395 -3.57 -25.21 -24.88
CA LEU B 395 -4.28 -24.65 -23.74
C LEU B 395 -4.70 -23.20 -23.93
N LEU B 396 -4.41 -22.61 -25.09
CA LEU B 396 -4.74 -21.21 -25.33
C LEU B 396 -6.20 -21.08 -25.70
N ILE B 397 -6.95 -20.28 -24.94
CA ILE B 397 -8.36 -20.00 -25.19
C ILE B 397 -8.54 -18.49 -25.06
N ASP B 398 -8.76 -17.82 -26.19
CA ASP B 398 -9.02 -16.38 -26.21
C ASP B 398 -7.85 -15.59 -25.62
N GLY B 399 -6.64 -15.95 -26.05
CA GLY B 399 -5.46 -15.20 -25.64
C GLY B 399 -4.99 -15.47 -24.23
N THR B 400 -5.57 -16.46 -23.54
CA THR B 400 -5.17 -16.81 -22.19
C THR B 400 -5.11 -18.33 -22.06
N ALA B 401 -4.21 -18.81 -21.20
CA ALA B 401 -3.95 -20.23 -21.06
C ALA B 401 -4.61 -20.77 -19.79
N SER B 402 -5.27 -21.90 -19.91
CA SER B 402 -5.88 -22.54 -18.75
C SER B 402 -4.81 -23.09 -17.83
N LEU B 403 -4.92 -22.79 -16.54
CA LEU B 403 -3.93 -23.20 -15.53
C LEU B 403 -4.63 -23.92 -14.38
N SER B 404 -5.49 -24.87 -14.70
CA SER B 404 -6.21 -25.62 -13.68
C SER B 404 -5.29 -26.38 -12.73
N PRO B 405 -4.23 -27.06 -13.18
CA PRO B 405 -3.57 -28.04 -12.31
C PRO B 405 -3.13 -27.51 -10.96
N GLY B 406 -2.63 -26.28 -10.87
CA GLY B 406 -2.08 -25.81 -9.61
C GLY B 406 -2.05 -24.30 -9.51
N MET B 407 -1.80 -23.83 -8.28
CA MET B 407 -1.74 -22.41 -8.02
C MET B 407 -0.56 -21.77 -8.75
N MET B 408 -0.68 -20.47 -9.01
CA MET B 408 0.33 -19.74 -9.77
C MET B 408 1.38 -19.11 -8.86
N MET B 409 0.95 -18.22 -7.94
CA MET B 409 1.89 -17.57 -7.04
C MET B 409 1.18 -17.34 -5.71
N GLY B 410 1.34 -18.30 -4.79
CA GLY B 410 1.00 -18.12 -3.39
C GLY B 410 -0.22 -17.27 -3.09
N MET B 411 -1.31 -17.46 -3.84
CA MET B 411 -2.55 -16.78 -3.47
C MET B 411 -3.15 -17.39 -2.22
N PHE B 412 -3.15 -18.72 -2.11
CA PHE B 412 -3.54 -19.40 -0.89
C PHE B 412 -2.30 -19.77 -0.09
N ASN B 413 -1.65 -18.75 0.45
CA ASN B 413 -0.52 -18.98 1.35
C ASN B 413 -0.97 -19.69 2.62
N MET B 414 -2.06 -19.22 3.22
CA MET B 414 -2.44 -19.70 4.54
C MET B 414 -2.96 -21.13 4.47
N LEU B 415 -3.70 -21.48 3.41
CA LEU B 415 -4.17 -22.86 3.27
C LEU B 415 -3.00 -23.81 3.02
N SER B 416 -2.00 -23.37 2.24
CA SER B 416 -0.81 -24.18 2.05
C SER B 416 -0.08 -24.38 3.38
N THR B 417 0.00 -23.33 4.20
CA THR B 417 0.59 -23.48 5.53
C THR B 417 -0.22 -24.45 6.38
N VAL B 418 -1.55 -24.43 6.23
CA VAL B 418 -2.40 -25.37 6.97
C VAL B 418 -2.08 -26.80 6.57
N LEU B 419 -1.93 -27.05 5.26
CA LEU B 419 -1.60 -28.40 4.80
C LEU B 419 -0.24 -28.83 5.34
N GLY B 420 0.74 -27.93 5.29
CA GLY B 420 2.05 -28.26 5.81
C GLY B 420 2.03 -28.54 7.30
N VAL B 421 1.24 -27.77 8.05
CA VAL B 421 1.11 -28.01 9.48
C VAL B 421 0.43 -29.34 9.75
N SER B 422 -0.54 -29.71 8.91
CA SER B 422 -1.14 -31.03 9.04
C SER B 422 -0.10 -32.12 8.85
N ILE B 423 0.76 -31.97 7.83
CA ILE B 423 1.82 -32.93 7.63
C ILE B 423 2.74 -32.99 8.84
N LEU B 424 3.11 -31.83 9.37
CA LEU B 424 4.00 -31.79 10.53
C LEU B 424 3.38 -32.49 11.73
N ASN B 425 2.10 -32.24 11.97
CA ASN B 425 1.42 -32.83 13.12
C ASN B 425 1.15 -34.32 12.93
N LEU B 426 1.10 -34.78 11.69
CA LEU B 426 0.86 -36.21 11.44
C LEU B 426 1.97 -37.11 11.96
N GLY B 427 3.02 -36.56 12.55
CA GLY B 427 4.09 -37.35 13.12
C GLY B 427 4.29 -37.11 14.59
N GLN B 428 3.20 -36.97 15.33
CA GLN B 428 3.24 -36.67 16.75
C GLN B 428 3.56 -37.87 17.63
N LYS B 429 4.03 -38.97 17.03
CA LYS B 429 4.33 -40.25 17.67
C LYS B 429 3.06 -41.02 18.01
N ARG B 430 1.87 -40.44 17.85
CA ARG B 430 0.62 -41.18 18.00
C ARG B 430 0.16 -41.77 16.67
N TYR B 431 0.55 -41.15 15.56
CA TYR B 431 0.24 -41.68 14.23
C TYR B 431 1.42 -42.38 13.58
N THR B 432 2.65 -42.09 14.03
CA THR B 432 3.81 -42.76 13.45
C THR B 432 3.80 -44.25 13.78
N LYS B 433 3.37 -44.61 14.99
CA LYS B 433 3.34 -46.00 15.44
C LYS B 433 4.72 -46.64 15.39
N THR B 434 5.76 -45.85 15.69
CA THR B 434 7.12 -46.33 15.67
C THR B 434 7.95 -45.46 16.61
N THR B 435 9.15 -45.96 16.94
CA THR B 435 10.01 -45.25 17.87
C THR B 435 10.32 -43.83 17.38
N TYR B 436 10.59 -43.69 16.08
CA TYR B 436 10.93 -42.38 15.54
C TYR B 436 9.71 -41.47 15.54
N TRP B 437 9.97 -40.17 15.55
CA TRP B 437 8.92 -39.16 15.47
C TRP B 437 9.55 -37.87 15.01
N TRP B 438 8.69 -36.91 14.65
CA TRP B 438 9.19 -35.64 14.13
C TRP B 438 8.22 -34.52 14.47
N ASP B 439 8.75 -33.30 14.44
CA ASP B 439 7.97 -32.08 14.58
C ASP B 439 8.72 -30.99 13.82
N GLY B 440 8.28 -29.75 13.96
CA GLY B 440 9.01 -28.65 13.37
C GLY B 440 8.09 -27.49 13.07
N LEU B 441 8.55 -26.63 12.16
CA LEU B 441 7.82 -25.42 11.81
C LEU B 441 7.77 -25.29 10.30
N GLN B 442 6.59 -24.92 9.79
CA GLN B 442 6.32 -24.78 8.36
C GLN B 442 5.89 -23.36 8.08
N SER B 443 6.53 -22.71 7.12
CA SER B 443 6.03 -21.47 6.54
C SER B 443 6.18 -21.59 5.03
N SER B 444 5.08 -21.39 4.31
CA SER B 444 4.95 -21.85 2.93
C SER B 444 6.26 -21.76 2.16
N ASP B 445 6.66 -22.87 1.55
CA ASP B 445 7.85 -23.02 0.70
C ASP B 445 9.13 -23.21 1.51
N ASP B 446 9.04 -23.27 2.84
CA ASP B 446 10.20 -23.37 3.72
C ASP B 446 9.78 -24.10 4.99
N PHE B 447 10.69 -24.92 5.53
CA PHE B 447 10.37 -25.59 6.77
C PHE B 447 11.64 -26.05 7.47
N ALA B 448 11.53 -26.20 8.79
CA ALA B 448 12.55 -26.82 9.62
C ALA B 448 11.91 -28.03 10.29
N LEU B 449 12.54 -29.19 10.16
CA LEU B 449 11.98 -30.44 10.64
C LEU B 449 12.96 -31.09 11.62
N ILE B 450 12.57 -31.19 12.88
CA ILE B 450 13.37 -31.85 13.91
C ILE B 450 12.80 -33.24 14.08
N VAL B 451 13.62 -34.26 13.78
CA VAL B 451 13.21 -35.66 13.84
C VAL B 451 14.09 -36.38 14.84
N ASN B 452 13.47 -37.10 15.76
CA ASN B 452 14.19 -37.86 16.78
C ASN B 452 13.89 -39.35 16.61
N ALA B 453 14.91 -40.15 16.86
CA ALA B 453 14.78 -41.60 16.74
C ALA B 453 15.95 -42.25 17.48
N PRO B 454 15.75 -43.47 18.00
CA PRO B 454 16.79 -44.09 18.84
C PRO B 454 18.10 -44.36 18.11
N ASN B 455 18.09 -44.46 16.79
CA ASN B 455 19.29 -44.78 16.04
C ASN B 455 19.23 -44.14 14.67
N HIS B 456 20.38 -44.07 14.00
CA HIS B 456 20.45 -43.47 12.68
C HIS B 456 19.46 -44.13 11.72
N GLU B 457 19.26 -45.44 11.87
CA GLU B 457 18.26 -46.12 11.05
C GLU B 457 16.87 -45.56 11.32
N GLY B 458 16.57 -45.28 12.58
CA GLY B 458 15.28 -44.67 12.91
C GLY B 458 15.11 -43.30 12.30
N ILE B 459 16.16 -42.48 12.34
CA ILE B 459 16.09 -41.16 11.73
C ILE B 459 15.87 -41.28 10.23
N GLN B 460 16.59 -42.19 9.59
CA GLN B 460 16.44 -42.39 8.15
C GLN B 460 15.02 -42.82 7.81
N ALA B 461 14.47 -43.76 8.58
CA ALA B 461 13.11 -44.21 8.32
C ALA B 461 12.11 -43.09 8.54
N GLY B 462 12.31 -42.28 9.59
CA GLY B 462 11.39 -41.19 9.84
C GLY B 462 11.40 -40.16 8.73
N VAL B 463 12.60 -39.76 8.28
CA VAL B 463 12.67 -38.78 7.21
C VAL B 463 12.11 -39.35 5.92
N ASP B 464 12.37 -40.64 5.65
CA ASP B 464 11.83 -41.26 4.44
C ASP B 464 10.31 -41.26 4.47
N ARG B 465 9.71 -41.63 5.60
CA ARG B 465 8.26 -41.64 5.68
C ARG B 465 7.68 -40.25 5.60
N PHE B 466 8.34 -39.25 6.20
CA PHE B 466 7.88 -37.88 6.08
C PHE B 466 7.88 -37.43 4.63
N TYR B 467 8.96 -37.73 3.91
CA TYR B 467 9.04 -37.38 2.49
C TYR B 467 7.93 -38.08 1.71
N ARG B 468 7.72 -39.37 1.98
CA ARG B 468 6.70 -40.12 1.25
C ARG B 468 5.32 -39.54 1.51
N THR B 469 5.01 -39.22 2.76
CA THR B 469 3.72 -38.62 3.07
C THR B 469 3.57 -37.26 2.40
N CYS B 470 4.65 -36.48 2.35
CA CYS B 470 4.58 -35.20 1.64
C CYS B 470 4.26 -35.41 0.17
N LYS B 471 4.86 -36.43 -0.45
CA LYS B 471 4.58 -36.68 -1.86
C LYS B 471 3.15 -37.15 -2.09
N LEU B 472 2.46 -37.64 -1.06
CA LEU B 472 1.06 -38.03 -1.20
C LEU B 472 0.11 -36.84 -1.12
N LEU B 473 0.61 -35.67 -0.72
CA LEU B 473 -0.20 -34.46 -0.59
C LEU B 473 0.16 -33.42 -1.65
N GLY B 474 0.91 -33.81 -2.68
CA GLY B 474 1.29 -32.87 -3.71
C GLY B 474 2.37 -31.90 -3.30
N ILE B 475 3.08 -32.18 -2.21
CA ILE B 475 4.15 -31.33 -1.70
C ILE B 475 5.47 -32.05 -1.94
N ASN B 476 6.42 -31.34 -2.52
CA ASN B 476 7.73 -31.89 -2.86
C ASN B 476 8.82 -31.20 -2.03
N MET B 477 9.82 -31.98 -1.64
CA MET B 477 10.96 -31.46 -0.89
C MET B 477 12.13 -31.28 -1.83
N SER B 478 12.71 -30.09 -1.83
CA SER B 478 13.84 -29.77 -2.71
C SER B 478 15.09 -30.41 -2.13
N LYS B 479 15.53 -31.52 -2.74
CA LYS B 479 16.73 -32.20 -2.27
C LYS B 479 17.99 -31.38 -2.50
N LYS B 480 18.00 -30.50 -3.50
CA LYS B 480 19.20 -29.72 -3.81
C LYS B 480 19.40 -28.58 -2.81
N LYS B 481 18.31 -27.99 -2.30
CA LYS B 481 18.39 -26.87 -1.38
C LYS B 481 18.14 -27.28 0.07
N SER B 482 18.26 -28.56 0.39
CA SER B 482 17.97 -29.06 1.73
C SER B 482 19.14 -29.90 2.23
N TYR B 483 19.35 -29.86 3.55
CA TYR B 483 20.37 -30.67 4.19
C TYR B 483 19.97 -30.95 5.63
N ILE B 484 20.52 -32.03 6.17
CA ILE B 484 20.19 -32.52 7.50
C ILE B 484 21.48 -32.59 8.31
N ASN B 485 21.43 -32.10 9.54
CA ASN B 485 22.57 -32.17 10.46
C ASN B 485 22.03 -32.50 11.85
N ARG B 486 22.89 -32.51 12.85
CA ARG B 486 22.42 -32.65 14.23
C ARG B 486 21.77 -31.36 14.70
N THR B 487 20.79 -31.51 15.58
CA THR B 487 20.06 -30.36 16.08
C THR B 487 20.98 -29.43 16.85
N GLY B 488 20.71 -28.12 16.74
CA GLY B 488 21.54 -27.11 17.35
C GLY B 488 22.01 -26.09 16.33
N THR B 489 21.95 -26.46 15.05
CA THR B 489 22.36 -25.58 13.96
C THR B 489 21.41 -25.81 12.79
N PHE B 490 20.80 -24.73 12.31
CA PHE B 490 19.90 -24.83 11.17
C PHE B 490 19.59 -23.43 10.65
N GLU B 491 18.74 -23.37 9.63
CA GLU B 491 18.35 -22.11 9.00
C GLU B 491 16.85 -22.13 8.76
N PHE B 492 16.25 -20.95 8.74
CA PHE B 492 14.82 -20.81 8.44
C PHE B 492 14.56 -19.38 7.99
N THR B 493 14.23 -19.22 6.71
CA THR B 493 13.88 -17.91 6.15
C THR B 493 14.93 -16.86 6.51
N SER B 494 16.18 -17.16 6.13
CA SER B 494 17.31 -16.27 6.33
C SER B 494 17.59 -15.99 7.80
N PHE B 495 17.04 -16.80 8.70
CA PHE B 495 17.34 -16.74 10.13
C PHE B 495 18.20 -17.95 10.46
N PHE B 496 19.44 -17.69 10.86
CA PHE B 496 20.41 -18.76 11.10
C PHE B 496 20.47 -19.01 12.61
N TYR B 497 20.07 -20.21 13.02
CA TYR B 497 20.08 -20.61 14.42
C TYR B 497 21.32 -21.45 14.68
N ARG B 498 22.14 -21.02 15.64
CA ARG B 498 23.33 -21.76 16.07
C ARG B 498 23.36 -21.66 17.60
N TYR B 499 22.71 -22.62 18.26
CA TYR B 499 22.56 -22.57 19.72
C TYR B 499 21.98 -21.23 20.15
N GLY B 500 21.07 -20.70 19.34
CA GLY B 500 20.53 -19.37 19.54
C GLY B 500 20.63 -18.55 18.27
N PHE B 501 19.58 -17.79 17.96
CA PHE B 501 19.56 -17.05 16.71
C PHE B 501 20.67 -16.00 16.69
N VAL B 502 21.27 -15.81 15.53
CA VAL B 502 22.36 -14.87 15.32
C VAL B 502 21.87 -13.76 14.41
N ALA B 503 22.19 -12.52 14.77
CA ALA B 503 21.80 -11.38 13.96
C ALA B 503 22.53 -11.38 12.62
N ASN B 504 21.87 -10.86 11.59
CA ASN B 504 22.41 -10.79 10.26
C ASN B 504 22.72 -9.35 9.84
N PHE B 505 21.71 -8.48 9.88
CA PHE B 505 21.88 -7.05 9.60
C PHE B 505 22.15 -6.77 8.14
N SER B 506 22.36 -7.81 7.34
CA SER B 506 22.56 -7.63 5.90
C SER B 506 21.24 -7.67 5.14
N MET B 507 20.18 -8.21 5.75
CA MET B 507 18.86 -8.18 5.15
C MET B 507 18.21 -6.81 5.25
N GLU B 508 18.56 -6.03 6.26
CA GLU B 508 17.98 -4.71 6.49
C GLU B 508 18.84 -3.57 5.97
N LEU B 509 20.00 -3.89 5.40
CA LEU B 509 20.92 -2.87 4.90
C LEU B 509 20.25 -1.99 3.85
N PRO B 510 19.48 -2.56 2.91
CA PRO B 510 18.83 -1.72 1.88
C PRO B 510 17.86 -0.70 2.45
N SER B 511 17.44 -0.83 3.71
CA SER B 511 16.46 0.05 4.31
C SER B 511 17.12 1.18 5.12
N PHE B 512 18.42 1.40 4.95
CA PHE B 512 19.15 2.39 5.71
C PHE B 512 19.27 3.74 4.99
N GLY B 513 18.70 3.85 3.79
CA GLY B 513 18.73 5.09 3.04
C GLY B 513 17.47 5.92 3.24
N VAL B 514 17.38 6.98 2.44
CA VAL B 514 16.17 7.80 2.45
C VAL B 514 15.03 6.99 1.86
N SER B 515 13.94 6.85 2.61
CA SER B 515 12.83 6.01 2.17
C SER B 515 12.23 6.54 0.87
N GLY B 516 12.01 7.85 0.80
CA GLY B 516 11.46 8.46 -0.40
C GLY B 516 10.01 8.88 -0.26
N ILE B 517 9.58 9.13 0.97
CA ILE B 517 8.21 9.57 1.22
C ILE B 517 8.19 11.10 1.17
N ASN B 518 8.92 11.72 2.09
CA ASN B 518 9.09 13.17 2.12
C ASN B 518 10.19 13.46 3.13
N GLU B 519 10.45 14.75 3.37
CA GLU B 519 11.59 15.12 4.21
C GLU B 519 11.40 14.65 5.64
N SER B 520 10.34 15.12 6.31
CA SER B 520 10.08 14.72 7.69
C SER B 520 9.88 13.21 7.79
N ALA B 521 9.10 12.65 6.87
CA ALA B 521 8.85 11.21 6.89
C ALA B 521 10.15 10.44 6.70
N ASP B 522 11.01 10.87 5.78
CA ASP B 522 12.26 10.17 5.56
C ASP B 522 13.15 10.24 6.79
N MET B 523 13.25 11.41 7.42
CA MET B 523 14.06 11.55 8.62
C MET B 523 13.56 10.61 9.72
N SER B 524 12.26 10.66 10.00
CA SER B 524 11.71 9.83 11.06
C SER B 524 11.88 8.35 10.75
N ILE B 525 11.65 7.96 9.49
CA ILE B 525 11.76 6.56 9.12
C ILE B 525 13.19 6.08 9.26
N GLY B 526 14.16 6.91 8.84
CA GLY B 526 15.54 6.51 8.98
C GLY B 526 15.96 6.31 10.41
N VAL B 527 15.62 7.27 11.28
CA VAL B 527 16.01 7.14 12.68
C VAL B 527 15.30 5.96 13.32
N THR B 528 14.02 5.76 12.98
CA THR B 528 13.28 4.64 13.55
C THR B 528 13.82 3.30 13.07
N VAL B 529 14.25 3.22 11.80
CA VAL B 529 14.84 1.99 11.30
C VAL B 529 16.15 1.69 12.01
N ILE B 530 16.98 2.72 12.21
CA ILE B 530 18.21 2.52 12.97
C ILE B 530 17.88 2.00 14.37
N LYS B 531 16.90 2.61 15.02
CA LYS B 531 16.51 2.18 16.36
C LYS B 531 16.05 0.72 16.37
N ASN B 532 15.16 0.37 15.45
CA ASN B 532 14.62 -0.99 15.41
C ASN B 532 15.71 -2.01 15.15
N ASN B 533 16.57 -1.75 14.17
CA ASN B 533 17.65 -2.67 13.89
C ASN B 533 18.65 -2.75 15.03
N MET B 534 18.74 -1.70 15.85
CA MET B 534 19.49 -1.81 17.10
C MET B 534 18.79 -2.72 18.09
N ILE B 535 17.46 -2.67 18.16
CA ILE B 535 16.72 -3.48 19.13
C ILE B 535 16.69 -4.94 18.69
N ASN B 536 16.38 -5.19 17.43
CA ASN B 536 16.15 -6.56 16.95
C ASN B 536 17.41 -7.19 16.38
N ASN B 537 17.99 -6.57 15.36
CA ASN B 537 19.10 -7.16 14.63
C ASN B 537 20.46 -6.89 15.28
N ASP B 538 20.48 -6.55 16.56
CA ASP B 538 21.72 -6.47 17.33
C ASP B 538 22.75 -5.55 16.65
N LEU B 539 22.27 -4.40 16.19
CA LEU B 539 23.17 -3.41 15.61
C LEU B 539 23.95 -2.72 16.73
N GLY B 540 25.25 -2.58 16.53
CA GLY B 540 26.14 -2.05 17.55
C GLY B 540 25.97 -0.56 17.75
N PRO B 541 26.37 -0.06 18.92
CA PRO B 541 26.28 1.39 19.16
C PRO B 541 27.11 2.21 18.18
N ALA B 542 28.40 1.91 18.04
CA ALA B 542 29.23 2.67 17.11
C ALA B 542 28.74 2.52 15.69
N THR B 543 28.32 1.31 15.31
CA THR B 543 27.76 1.11 13.99
C THR B 543 26.49 1.94 13.80
N ALA B 544 25.66 2.03 14.84
CA ALA B 544 24.46 2.85 14.74
C ALA B 544 24.81 4.32 14.57
N GLN B 545 25.83 4.80 15.29
CA GLN B 545 26.25 6.19 15.12
C GLN B 545 26.76 6.44 13.71
N MET B 546 27.54 5.50 13.17
CA MET B 546 28.01 5.63 11.79
C MET B 546 26.84 5.64 10.82
N ALA B 547 25.85 4.78 11.06
CA ALA B 547 24.67 4.76 10.21
C ALA B 547 23.93 6.08 10.26
N LEU B 548 23.81 6.66 11.46
CA LEU B 548 23.17 7.96 11.59
C LEU B 548 23.92 9.02 10.80
N GLN B 549 25.25 9.03 10.92
CA GLN B 549 26.04 10.02 10.20
C GLN B 549 25.87 9.86 8.69
N LEU B 550 25.98 8.63 8.19
CA LEU B 550 25.86 8.41 6.75
C LEU B 550 24.45 8.75 6.26
N PHE B 551 23.43 8.39 7.04
CA PHE B 551 22.06 8.71 6.65
C PHE B 551 21.85 10.21 6.60
N ILE B 552 22.40 10.94 7.57
CA ILE B 552 22.26 12.40 7.54
C ILE B 552 22.97 12.98 6.32
N LYS B 553 24.16 12.48 6.01
CA LYS B 553 24.87 12.95 4.83
C LYS B 553 24.05 12.73 3.57
N ASP B 554 23.54 11.51 3.39
CA ASP B 554 22.76 11.19 2.20
C ASP B 554 21.46 11.99 2.16
N TYR B 555 20.83 12.20 3.32
CA TYR B 555 19.61 12.99 3.40
C TYR B 555 19.86 14.42 2.96
N ARG B 556 20.93 15.04 3.45
CA ARG B 556 21.25 16.40 3.06
C ARG B 556 21.60 16.48 1.58
N TYR B 557 22.33 15.48 1.06
CA TYR B 557 22.71 15.50 -0.34
C TYR B 557 21.55 15.17 -1.27
N THR B 558 20.49 14.55 -0.75
CA THR B 558 19.34 14.19 -1.57
C THR B 558 18.31 15.32 -1.66
N TYR B 559 18.03 15.97 -0.53
CA TYR B 559 17.05 17.03 -0.45
C TYR B 559 17.67 18.41 -0.60
N ARG B 560 18.96 18.49 -0.94
CA ARG B 560 19.62 19.77 -1.20
C ARG B 560 19.53 20.68 0.03
N CYS B 561 19.55 20.09 1.22
CA CYS B 561 19.45 20.82 2.48
C CYS B 561 20.77 20.61 3.23
N HIS B 562 21.74 21.45 2.95
CA HIS B 562 23.04 21.36 3.59
C HIS B 562 23.10 22.23 4.83
N ARG B 563 24.16 22.07 5.61
CA ARG B 563 24.22 22.64 6.95
C ARG B 563 23.93 24.14 6.97
N GLY B 564 24.09 24.83 5.84
CA GLY B 564 23.81 26.25 5.76
C GLY B 564 25.02 27.13 6.00
N ASP B 565 25.92 26.69 6.86
CA ASP B 565 27.17 27.41 7.10
C ASP B 565 28.25 27.03 6.09
N THR B 566 27.94 26.15 5.16
CA THR B 566 28.87 25.74 4.11
C THR B 566 28.65 26.57 2.86
N GLN B 567 29.57 26.44 1.91
CA GLN B 567 29.49 27.12 0.62
C GLN B 567 29.20 26.14 -0.51
N ILE B 568 28.33 25.17 -0.25
CA ILE B 568 27.93 24.19 -1.26
C ILE B 568 26.77 24.81 -2.02
N GLN B 569 27.04 25.29 -3.23
CA GLN B 569 26.00 25.92 -4.04
C GLN B 569 25.08 24.84 -4.63
N THR B 570 23.78 24.98 -4.37
CA THR B 570 22.75 24.11 -4.90
C THR B 570 21.59 24.96 -5.37
N ARG B 571 20.53 24.29 -5.84
CA ARG B 571 19.31 24.99 -6.22
C ARG B 571 18.55 25.51 -5.01
N ARG B 572 18.93 25.11 -3.79
CA ARG B 572 18.22 25.49 -2.58
C ARG B 572 19.15 26.09 -1.54
N SER B 573 20.39 26.41 -1.90
CA SER B 573 21.39 26.90 -0.95
C SER B 573 21.23 28.37 -0.63
N PHE B 574 20.44 29.12 -1.41
CA PHE B 574 20.31 30.55 -1.17
C PHE B 574 19.28 30.83 -0.09
N GLU B 575 18.05 30.31 -0.28
CA GLU B 575 17.01 30.50 0.71
C GLU B 575 17.42 29.90 2.05
N ILE B 576 18.08 28.74 2.01
CA ILE B 576 18.56 28.12 3.24
C ILE B 576 19.55 29.03 3.95
N LYS B 577 20.47 29.65 3.18
CA LYS B 577 21.47 30.51 3.80
C LYS B 577 20.84 31.77 4.38
N LYS B 578 19.85 32.36 3.71
CA LYS B 578 19.20 33.52 4.29
C LYS B 578 18.40 33.15 5.53
N LEU B 579 17.75 31.99 5.52
CA LEU B 579 17.08 31.54 6.74
C LEU B 579 18.08 31.34 7.87
N TRP B 580 19.26 30.81 7.53
CA TRP B 580 20.30 30.61 8.53
C TRP B 580 20.75 31.94 9.13
N GLU B 581 21.05 32.91 8.27
CA GLU B 581 21.50 34.21 8.76
C GLU B 581 20.39 34.98 9.47
N GLN B 582 19.13 34.70 9.15
CA GLN B 582 18.01 35.37 9.81
C GLN B 582 17.79 34.82 11.22
N THR B 583 17.97 33.51 11.39
CA THR B 583 17.69 32.89 12.68
C THR B 583 18.76 33.28 13.70
N ARG B 584 18.32 33.46 14.95
CA ARG B 584 19.23 33.78 16.04
C ARG B 584 19.74 32.52 16.73
N SER B 585 18.83 31.64 17.16
CA SER B 585 19.19 30.35 17.75
C SER B 585 19.20 29.33 16.63
N LYS B 586 20.34 29.23 15.94
CA LYS B 586 20.46 28.37 14.77
C LYS B 586 20.48 26.89 15.12
N ALA B 587 20.61 26.54 16.40
CA ALA B 587 20.61 25.13 16.80
C ALA B 587 19.22 24.52 16.72
N GLY B 588 18.18 25.31 16.54
CA GLY B 588 16.82 24.80 16.49
C GLY B 588 16.34 24.52 15.08
N LEU B 589 17.12 24.92 14.08
CA LEU B 589 16.74 24.69 12.69
C LEU B 589 16.76 23.20 12.38
N LEU B 590 15.77 22.74 11.63
CA LEU B 590 15.71 21.35 11.22
C LEU B 590 16.75 21.07 10.14
N VAL B 591 17.19 19.81 10.07
CA VAL B 591 18.14 19.41 9.04
C VAL B 591 17.56 19.66 7.67
N SER B 592 16.23 19.58 7.53
CA SER B 592 15.59 19.90 6.27
C SER B 592 15.77 21.36 5.87
N ASP B 593 15.93 22.26 6.85
CA ASP B 593 16.11 23.68 6.59
C ASP B 593 17.56 24.11 6.75
N GLY B 594 18.49 23.16 6.78
CA GLY B 594 19.89 23.49 6.88
C GLY B 594 20.33 23.81 8.29
N GLY B 595 20.01 22.93 9.24
CA GLY B 595 20.41 23.10 10.62
C GLY B 595 21.26 21.95 11.11
N PRO B 596 21.88 22.12 12.27
CA PRO B 596 22.72 21.05 12.82
C PRO B 596 21.88 19.85 13.24
N ASN B 597 22.54 18.69 13.26
CA ASN B 597 21.91 17.43 13.64
C ASN B 597 22.23 17.14 15.10
N LEU B 598 21.19 17.05 15.92
CA LEU B 598 21.33 16.76 17.34
C LEU B 598 21.02 15.31 17.69
N TYR B 599 20.82 14.46 16.69
CA TYR B 599 20.45 13.08 16.93
C TYR B 599 21.63 12.29 17.48
N ASN B 600 21.32 11.27 18.27
CA ASN B 600 22.32 10.37 18.83
C ASN B 600 21.60 9.11 19.27
N ILE B 601 22.36 8.15 19.81
CA ILE B 601 21.79 6.87 20.20
C ILE B 601 20.66 7.06 21.20
N ARG B 602 20.75 8.10 22.03
CA ARG B 602 19.70 8.36 23.01
C ARG B 602 18.49 9.06 22.42
N ASN B 603 18.60 9.66 21.24
CA ASN B 603 17.54 10.47 20.66
C ASN B 603 16.91 9.82 19.43
N LEU B 604 17.13 8.53 19.21
CA LEU B 604 16.63 7.88 18.01
C LEU B 604 15.13 7.64 18.05
N HIS B 605 14.47 7.82 19.19
CA HIS B 605 13.04 7.56 19.34
C HIS B 605 12.24 8.84 19.49
N ILE B 606 12.81 9.99 19.11
CA ILE B 606 12.16 11.28 19.26
C ILE B 606 12.05 11.91 17.87
N PRO B 607 10.90 12.45 17.49
CA PRO B 607 10.82 13.18 16.22
C PRO B 607 11.71 14.40 16.23
N GLU B 608 12.19 14.77 15.03
CA GLU B 608 13.11 15.90 14.92
C GLU B 608 12.47 17.19 15.41
N VAL B 609 11.20 17.41 15.08
CA VAL B 609 10.55 18.67 15.45
C VAL B 609 10.52 18.83 16.96
N CYS B 610 10.16 17.76 17.68
CA CYS B 610 10.06 17.85 19.13
C CYS B 610 11.43 17.89 19.81
N LEU B 611 12.45 17.30 19.20
CA LEU B 611 13.79 17.36 19.77
C LEU B 611 14.37 18.77 19.70
N LYS B 612 13.98 19.54 18.68
CA LYS B 612 14.48 20.90 18.49
C LYS B 612 13.43 21.95 18.83
N TRP B 613 12.35 21.56 19.51
CA TRP B 613 11.26 22.50 19.75
C TRP B 613 11.71 23.66 20.64
N GLU B 614 12.42 23.37 21.72
CA GLU B 614 12.82 24.41 22.66
C GLU B 614 13.93 25.30 22.14
N LEU B 615 14.60 24.91 21.06
CA LEU B 615 15.68 25.71 20.49
C LEU B 615 15.23 26.59 19.34
N MET B 616 14.05 26.33 18.77
CA MET B 616 13.58 27.11 17.64
C MET B 616 13.15 28.51 18.08
N ASP B 617 13.38 29.48 17.20
CA ASP B 617 12.83 30.81 17.39
C ASP B 617 11.34 30.80 17.11
N GLU B 618 10.59 31.59 17.88
CA GLU B 618 9.13 31.55 17.77
C GLU B 618 8.66 31.90 16.37
N ASP B 619 9.34 32.81 15.69
CA ASP B 619 8.96 33.15 14.32
C ASP B 619 9.12 31.95 13.39
N TYR B 620 10.30 31.32 13.42
CA TYR B 620 10.53 30.15 12.58
C TYR B 620 9.64 28.99 13.00
N GLN B 621 9.43 28.83 14.31
CA GLN B 621 8.56 27.76 14.78
C GLN B 621 7.14 27.94 14.26
N GLY B 622 6.61 29.16 14.32
CA GLY B 622 5.28 29.42 13.81
C GLY B 622 5.18 29.27 12.31
N ARG B 623 6.19 29.75 11.57
CA ARG B 623 6.18 29.58 10.12
C ARG B 623 6.22 28.11 9.73
N LEU B 624 7.01 27.32 10.45
CA LEU B 624 7.16 25.90 10.13
C LEU B 624 5.85 25.16 10.36
N CYS B 625 5.34 25.17 11.59
CA CYS B 625 4.17 24.39 11.96
C CYS B 625 2.92 25.27 11.90
N ASN B 626 2.58 25.67 10.67
CA ASN B 626 1.40 26.50 10.42
C ASN B 626 0.32 25.65 9.78
N PRO B 627 -0.86 25.49 10.39
CA PRO B 627 -1.90 24.66 9.76
C PRO B 627 -2.29 25.13 8.37
N LEU B 628 -2.28 26.44 8.14
CA LEU B 628 -2.67 26.99 6.84
C LEU B 628 -1.63 26.77 5.76
N ASN B 629 -0.56 26.02 6.01
CA ASN B 629 0.45 25.82 4.98
C ASN B 629 -0.17 25.11 3.77
N PRO B 630 0.18 25.51 2.54
CA PRO B 630 -0.39 24.86 1.36
C PRO B 630 0.26 23.54 0.96
N PHE B 631 1.20 23.04 1.75
CA PHE B 631 1.94 21.83 1.42
C PHE B 631 1.37 20.58 2.08
N VAL B 632 0.98 20.67 3.36
CA VAL B 632 0.48 19.50 4.07
C VAL B 632 -0.87 19.09 3.50
N SER B 633 -1.01 17.80 3.20
CA SER B 633 -2.27 17.25 2.72
C SER B 633 -2.50 15.90 3.38
N HIS B 634 -3.64 15.76 4.04
CA HIS B 634 -4.02 14.51 4.71
C HIS B 634 -5.31 14.01 4.09
N LYS B 635 -5.32 12.73 3.70
CA LYS B 635 -6.44 12.14 2.99
C LYS B 635 -7.34 11.31 3.92
N GLU B 636 -6.76 10.33 4.61
CA GLU B 636 -7.53 9.43 5.46
C GLU B 636 -6.73 9.07 6.69
N ILE B 637 -7.43 8.50 7.68
CA ILE B 637 -6.77 8.08 8.91
C ILE B 637 -5.74 7.00 8.63
N GLU B 638 -5.95 6.21 7.58
CA GLU B 638 -5.03 5.11 7.28
C GLU B 638 -3.69 5.63 6.76
N SER B 639 -3.70 6.74 6.02
CA SER B 639 -2.51 7.25 5.37
C SER B 639 -1.93 8.48 6.08
N VAL B 640 -2.09 8.56 7.40
CA VAL B 640 -1.58 9.71 8.14
C VAL B 640 -0.07 9.59 8.33
N ASN B 641 0.36 8.55 9.03
CA ASN B 641 1.77 8.32 9.33
C ASN B 641 2.12 6.86 9.09
N ASN B 642 1.62 6.31 7.99
CA ASN B 642 1.93 4.95 7.56
C ASN B 642 2.67 5.00 6.25
N ALA B 643 3.83 4.35 6.19
CA ALA B 643 4.66 4.32 5.00
C ALA B 643 4.85 2.88 4.56
N VAL B 644 4.62 2.61 3.28
CA VAL B 644 4.71 1.27 2.72
C VAL B 644 6.13 1.10 2.17
N MET B 645 6.96 0.36 2.90
CA MET B 645 8.33 0.06 2.47
C MET B 645 8.41 -1.42 2.16
N MET B 646 8.63 -1.74 0.89
CA MET B 646 8.80 -3.12 0.47
C MET B 646 10.14 -3.64 0.96
N PRO B 647 10.20 -4.47 2.01
CA PRO B 647 11.49 -4.93 2.51
C PRO B 647 12.16 -5.89 1.55
N ALA B 648 13.49 -5.88 1.59
CA ALA B 648 14.27 -6.81 0.78
C ALA B 648 14.04 -8.23 1.27
N HIS B 649 13.82 -9.15 0.32
CA HIS B 649 13.59 -10.56 0.64
C HIS B 649 12.36 -10.73 1.52
N GLY B 650 11.25 -10.12 1.11
CA GLY B 650 10.00 -10.25 1.83
C GLY B 650 8.86 -9.54 1.13
N PRO B 651 7.64 -9.78 1.60
CA PRO B 651 6.47 -9.10 1.03
C PRO B 651 6.36 -7.67 1.50
N ALA B 652 5.59 -6.89 0.74
CA ALA B 652 5.40 -5.47 1.05
C ALA B 652 4.87 -5.31 2.47
N LYS B 653 5.45 -4.35 3.20
CA LYS B 653 5.10 -4.13 4.59
C LYS B 653 4.87 -2.64 4.83
N ASN B 654 4.09 -2.35 5.87
CA ASN B 654 3.77 -0.98 6.26
C ASN B 654 4.37 -0.70 7.63
N MET B 655 4.82 0.54 7.83
CA MET B 655 5.42 0.96 9.09
C MET B 655 4.77 2.23 9.60
N GLU B 656 4.52 2.28 10.90
CA GLU B 656 4.14 3.48 11.61
C GLU B 656 5.40 4.27 11.93
N TYR B 657 5.47 5.52 11.45
CA TYR B 657 6.60 6.39 11.71
C TYR B 657 6.11 7.62 12.46
N ASP B 658 6.81 7.98 13.53
CA ASP B 658 6.44 9.14 14.33
C ASP B 658 6.93 10.41 13.65
N ALA B 659 6.02 11.33 13.37
CA ALA B 659 6.38 12.58 12.72
C ALA B 659 5.34 13.65 13.08
N VAL B 660 5.80 14.89 13.10
CA VAL B 660 4.94 16.04 13.36
C VAL B 660 4.60 16.69 12.03
N ALA B 661 3.33 17.03 11.84
CA ALA B 661 2.88 17.63 10.58
C ALA B 661 3.49 19.02 10.46
N THR B 662 4.51 19.13 9.63
CA THR B 662 5.18 20.40 9.37
C THR B 662 5.01 20.76 7.90
N THR B 663 5.56 21.92 7.52
CA THR B 663 5.54 22.34 6.13
C THR B 663 6.37 21.42 5.25
N HIS B 664 7.20 20.57 5.83
CA HIS B 664 8.01 19.62 5.08
C HIS B 664 7.29 18.32 4.79
N SER B 665 6.04 18.16 5.22
CA SER B 665 5.28 16.94 5.01
C SER B 665 4.56 16.90 3.67
N TRP B 666 5.04 17.68 2.69
CA TRP B 666 4.44 17.68 1.37
C TRP B 666 4.43 16.27 0.78
N ILE B 667 3.59 16.08 -0.23
CA ILE B 667 3.54 14.83 -0.99
C ILE B 667 4.13 15.10 -2.36
N PRO B 668 4.90 14.17 -2.94
CA PRO B 668 5.64 14.45 -4.16
C PRO B 668 4.73 14.45 -5.39
N LYS B 669 5.32 14.82 -6.52
CA LYS B 669 4.60 14.89 -7.78
C LYS B 669 4.19 13.49 -8.24
N ARG B 670 3.09 13.44 -9.00
CA ARG B 670 2.60 12.19 -9.55
C ARG B 670 3.21 11.94 -10.93
N ASN B 671 2.83 10.81 -11.54
CA ASN B 671 3.52 10.36 -12.75
C ASN B 671 3.35 11.36 -13.88
N ARG B 672 2.11 11.74 -14.19
CA ARG B 672 1.75 12.74 -15.20
C ARG B 672 1.85 12.20 -16.62
N SER B 673 2.11 10.91 -16.82
CA SER B 673 2.19 10.36 -18.17
C SER B 673 0.84 9.94 -18.72
N ILE B 674 -0.23 10.01 -17.93
CA ILE B 674 -1.56 9.68 -18.42
C ILE B 674 -2.02 10.62 -19.51
N LEU B 675 -1.41 11.80 -19.62
CA LEU B 675 -1.89 12.81 -20.57
C LEU B 675 -1.68 12.38 -22.02
N ASN B 676 -0.77 11.45 -22.28
CA ASN B 676 -0.48 11.01 -23.65
C ASN B 676 -1.19 9.72 -24.02
N THR B 677 -2.09 9.23 -23.17
CA THR B 677 -2.78 7.97 -23.38
C THR B 677 -4.26 8.21 -23.65
N SER B 678 -4.89 7.26 -24.34
CA SER B 678 -6.32 7.34 -24.57
C SER B 678 -7.11 7.31 -23.27
N GLN B 679 -6.52 6.78 -22.20
CA GLN B 679 -7.15 6.80 -20.88
C GLN B 679 -6.89 8.13 -20.21
N ARG B 680 -7.18 9.23 -20.91
CA ARG B 680 -6.96 10.56 -20.37
C ARG B 680 -8.14 11.07 -19.57
N GLY B 681 -9.35 10.59 -19.86
CA GLY B 681 -10.53 11.01 -19.11
C GLY B 681 -10.53 10.55 -17.67
N ILE B 682 -9.69 9.58 -17.31
CA ILE B 682 -9.62 9.14 -15.93
C ILE B 682 -9.18 10.27 -15.02
N LEU B 683 -8.35 11.19 -15.52
CA LEU B 683 -7.90 12.31 -14.70
C LEU B 683 -9.03 13.30 -14.43
N GLU B 684 -9.88 13.56 -15.42
CA GLU B 684 -11.03 14.42 -15.20
C GLU B 684 -11.98 13.81 -14.19
N ASP B 685 -12.22 12.50 -14.29
CA ASP B 685 -13.06 11.82 -13.31
C ASP B 685 -12.43 11.88 -11.93
N GLU B 686 -11.10 11.72 -11.85
CA GLU B 686 -10.40 11.85 -10.58
C GLU B 686 -10.65 13.23 -9.98
N GLN B 687 -10.48 14.28 -10.79
CA GLN B 687 -10.63 15.64 -10.28
C GLN B 687 -12.06 15.88 -9.80
N MET B 688 -13.05 15.43 -10.58
CA MET B 688 -14.44 15.65 -10.18
C MET B 688 -14.79 14.87 -8.92
N TYR B 689 -14.34 13.61 -8.84
CA TYR B 689 -14.59 12.81 -7.64
C TYR B 689 -13.93 13.46 -6.43
N GLN B 690 -12.72 13.97 -6.58
CA GLN B 690 -12.04 14.60 -5.45
C GLN B 690 -12.74 15.89 -5.04
N LYS B 691 -13.24 16.67 -6.00
CA LYS B 691 -13.99 17.87 -5.66
C LYS B 691 -15.24 17.51 -4.86
N CYS B 692 -15.98 16.51 -5.33
CA CYS B 692 -17.19 16.08 -4.62
C CYS B 692 -16.84 15.56 -3.23
N CYS B 693 -15.75 14.79 -3.11
CA CYS B 693 -15.35 14.24 -1.82
C CYS B 693 -14.94 15.35 -0.86
N ASN B 694 -14.22 16.36 -1.35
CA ASN B 694 -13.86 17.49 -0.50
C ASN B 694 -15.10 18.25 -0.04
N LEU B 695 -16.06 18.45 -0.95
CA LEU B 695 -17.30 19.11 -0.55
C LEU B 695 -18.02 18.30 0.52
N PHE B 696 -18.09 16.98 0.34
CA PHE B 696 -18.76 16.15 1.32
C PHE B 696 -18.04 16.21 2.67
N GLU B 697 -16.71 16.18 2.64
CA GLU B 697 -15.94 16.25 3.89
C GLU B 697 -16.19 17.56 4.60
N LYS B 698 -16.22 18.67 3.86
CA LYS B 698 -16.59 19.95 4.46
C LYS B 698 -18.00 19.91 4.99
N PHE B 699 -18.87 19.12 4.37
CA PHE B 699 -20.22 18.94 4.90
C PHE B 699 -20.25 17.90 6.02
N PHE B 700 -19.44 16.85 5.89
CA PHE B 700 -19.37 15.77 6.88
C PHE B 700 -17.91 15.65 7.34
N PRO B 701 -17.52 16.37 8.39
CA PRO B 701 -16.10 16.37 8.78
C PRO B 701 -15.56 14.99 9.12
N SER B 702 -16.39 14.07 9.58
CA SER B 702 -15.92 12.73 9.96
C SER B 702 -15.78 11.80 8.77
N SER B 703 -15.86 12.32 7.54
CA SER B 703 -15.81 11.45 6.37
C SER B 703 -14.50 10.68 6.31
N SER B 704 -13.40 11.31 6.69
CA SER B 704 -12.10 10.67 6.59
C SER B 704 -11.87 9.68 7.72
N TYR B 705 -12.06 10.12 8.97
CA TYR B 705 -11.73 9.27 10.12
C TYR B 705 -12.59 8.01 10.14
N ARG B 706 -13.91 8.18 10.08
CA ARG B 706 -14.85 7.06 9.95
C ARG B 706 -15.56 7.19 8.61
N ARG B 707 -15.39 6.20 7.76
CA ARG B 707 -16.02 6.20 6.45
C ARG B 707 -17.54 6.22 6.61
N PRO B 708 -18.25 7.17 6.00
CA PRO B 708 -19.70 7.21 6.18
C PRO B 708 -20.39 5.97 5.63
N VAL B 709 -21.53 5.64 6.23
CA VAL B 709 -22.34 4.50 5.81
C VAL B 709 -23.78 4.98 5.63
N GLY B 710 -24.51 4.24 4.81
CA GLY B 710 -25.89 4.57 4.54
C GLY B 710 -26.27 4.14 3.13
N ILE B 711 -27.51 4.46 2.76
CA ILE B 711 -28.04 4.13 1.45
C ILE B 711 -28.60 5.35 0.72
N SER B 712 -28.51 6.55 1.31
CA SER B 712 -28.94 7.76 0.63
C SER B 712 -27.85 8.23 -0.34
N SER B 713 -28.19 9.25 -1.12
CA SER B 713 -27.27 9.84 -2.08
C SER B 713 -26.64 11.12 -1.52
N MET B 714 -25.60 11.59 -2.21
CA MET B 714 -24.82 12.72 -1.71
C MET B 714 -25.69 13.93 -1.43
N VAL B 715 -26.34 14.43 -2.48
CA VAL B 715 -26.95 15.74 -2.42
C VAL B 715 -28.02 15.79 -1.34
N GLU B 716 -28.71 14.68 -1.10
CA GLU B 716 -29.71 14.65 -0.03
C GLU B 716 -29.07 15.00 1.31
N ALA B 717 -28.02 14.27 1.67
CA ALA B 717 -27.35 14.52 2.94
C ALA B 717 -26.78 15.94 2.98
N MET B 718 -26.12 16.36 1.91
CA MET B 718 -25.48 17.68 1.93
C MET B 718 -26.50 18.79 2.07
N VAL B 719 -27.59 18.74 1.31
CA VAL B 719 -28.59 19.81 1.38
C VAL B 719 -29.29 19.80 2.73
N SER B 720 -29.62 18.61 3.25
CA SER B 720 -30.35 18.54 4.51
C SER B 720 -29.47 19.04 5.65
N ARG B 721 -28.19 18.66 5.65
CA ARG B 721 -27.30 19.17 6.67
C ARG B 721 -27.07 20.67 6.51
N ALA B 722 -27.11 21.18 5.27
CA ALA B 722 -27.08 22.64 5.10
C ALA B 722 -28.26 23.29 5.79
N ARG B 723 -29.46 22.77 5.56
CA ARG B 723 -30.65 23.23 6.26
C ARG B 723 -30.34 23.35 7.75
N ILE B 724 -30.01 22.20 8.35
CA ILE B 724 -29.96 22.13 9.81
C ILE B 724 -28.82 22.99 10.36
N ASP B 725 -27.65 22.96 9.70
CA ASP B 725 -26.50 23.69 10.22
C ASP B 725 -26.73 25.19 10.14
N ALA B 726 -27.33 25.67 9.04
CA ALA B 726 -27.68 27.08 8.98
C ALA B 726 -28.63 27.43 10.11
N ARG B 727 -29.68 26.63 10.30
CA ARG B 727 -30.59 26.84 11.41
C ARG B 727 -29.83 27.04 12.73
N ILE B 728 -29.09 26.01 13.13
CA ILE B 728 -28.55 25.98 14.49
C ILE B 728 -27.43 27.00 14.64
N ASP B 729 -26.63 27.20 13.60
CA ASP B 729 -25.57 28.20 13.67
C ASP B 729 -26.12 29.61 13.73
N PHE B 730 -27.35 29.83 13.23
CA PHE B 730 -28.06 31.01 13.69
C PHE B 730 -28.47 30.96 15.15
N GLU B 731 -29.12 29.88 15.58
CA GLU B 731 -29.58 29.86 16.95
C GLU B 731 -28.45 30.25 17.91
N SER B 732 -27.21 30.10 17.46
CA SER B 732 -26.08 30.82 18.07
C SER B 732 -24.91 30.79 17.08
N GLY B 733 -24.56 31.94 16.52
CA GLY B 733 -23.40 32.02 15.65
C GLY B 733 -23.52 33.14 14.63
N ARG B 734 -22.62 33.08 13.65
CA ARG B 734 -22.45 34.18 12.68
C ARG B 734 -23.67 34.37 11.79
N ILE B 735 -24.38 33.30 11.44
CA ILE B 735 -25.47 33.39 10.47
C ILE B 735 -26.41 34.52 10.87
N LYS B 736 -27.17 35.04 9.91
CA LYS B 736 -28.25 35.98 10.19
C LYS B 736 -29.51 35.55 9.43
N LYS B 737 -30.67 36.05 9.88
CA LYS B 737 -31.93 35.72 9.21
C LYS B 737 -31.81 35.86 7.70
N GLU B 738 -31.23 36.96 7.24
CA GLU B 738 -31.02 37.15 5.80
C GLU B 738 -30.27 35.96 5.21
N GLU B 739 -29.12 35.64 5.80
CA GLU B 739 -28.32 34.52 5.32
C GLU B 739 -29.01 33.19 5.52
N PHE B 740 -29.70 32.99 6.64
CA PHE B 740 -30.37 31.70 6.87
C PHE B 740 -31.45 31.44 5.83
N ALA B 741 -32.27 32.46 5.54
CA ALA B 741 -33.29 32.32 4.52
C ALA B 741 -32.67 32.15 3.14
N GLU B 742 -31.57 32.86 2.88
CA GLU B 742 -30.86 32.69 1.62
C GLU B 742 -30.41 31.24 1.44
N ILE B 743 -29.85 30.66 2.50
CA ILE B 743 -29.45 29.25 2.45
C ILE B 743 -30.64 28.34 2.27
N MET B 744 -31.75 28.61 2.95
CA MET B 744 -32.92 27.75 2.82
C MET B 744 -33.43 27.73 1.38
N LYS B 745 -33.55 28.92 0.77
CA LYS B 745 -34.05 28.97 -0.59
C LYS B 745 -33.01 28.51 -1.61
N ILE B 746 -31.72 28.62 -1.29
CA ILE B 746 -30.69 28.03 -2.15
C ILE B 746 -30.76 26.50 -2.09
N CYS B 747 -31.05 25.96 -0.91
CA CYS B 747 -31.27 24.53 -0.79
C CYS B 747 -32.47 24.11 -1.64
N SER B 748 -33.55 24.89 -1.60
CA SER B 748 -34.69 24.62 -2.47
C SER B 748 -34.30 24.69 -3.94
N THR B 749 -33.44 25.65 -4.29
CA THR B 749 -33.00 25.80 -5.68
C THR B 749 -32.23 24.56 -6.13
N ILE B 750 -31.29 24.08 -5.32
CA ILE B 750 -30.54 22.89 -5.71
C ILE B 750 -31.47 21.67 -5.71
N GLU B 751 -32.49 21.67 -4.86
CA GLU B 751 -33.48 20.60 -4.89
C GLU B 751 -34.17 20.55 -6.25
N GLU B 752 -34.72 21.69 -6.69
CA GLU B 752 -35.41 21.71 -7.98
C GLU B 752 -34.44 21.48 -9.14
N LEU B 753 -33.16 21.82 -8.96
CA LEU B 753 -32.17 21.51 -9.97
C LEU B 753 -31.96 20.01 -10.09
N ARG B 754 -31.85 19.32 -8.96
CA ARG B 754 -31.72 17.87 -8.98
C ARG B 754 -32.98 17.21 -9.53
N ARG B 755 -34.15 17.80 -9.28
CA ARG B 755 -35.36 17.36 -9.96
C ARG B 755 -35.16 17.35 -11.48
N GLN B 756 -34.53 18.38 -12.02
CA GLN B 756 -34.29 18.46 -13.45
C GLN B 756 -32.83 18.76 -13.75
N MET C 1 -22.40 29.61 4.25
CA MET C 1 -22.70 30.30 2.98
C MET C 1 -21.93 29.69 1.82
N GLU C 2 -20.60 29.80 1.89
CA GLU C 2 -19.74 29.33 0.80
C GLU C 2 -20.04 27.87 0.46
N ARG C 3 -20.07 27.00 1.46
CA ARG C 3 -20.10 25.55 1.21
C ARG C 3 -21.24 25.18 0.28
N ILE C 4 -22.46 25.60 0.62
CA ILE C 4 -23.59 25.30 -0.24
C ILE C 4 -23.42 25.99 -1.59
N LYS C 5 -22.63 27.07 -1.65
CA LYS C 5 -22.47 27.77 -2.91
C LYS C 5 -21.61 26.97 -3.88
N GLU C 6 -20.48 26.41 -3.44
CA GLU C 6 -19.76 25.54 -4.37
C GLU C 6 -20.54 24.25 -4.61
N LEU C 7 -21.40 23.85 -3.65
CA LEU C 7 -22.30 22.74 -3.92
C LEU C 7 -23.19 23.04 -5.12
N ARG C 8 -23.82 24.21 -5.13
CA ARG C 8 -24.69 24.60 -6.24
C ARG C 8 -23.88 24.75 -7.52
N ASP C 9 -22.68 25.30 -7.44
CA ASP C 9 -21.84 25.42 -8.63
C ASP C 9 -21.50 24.05 -9.20
N LEU C 10 -21.19 23.08 -8.34
CA LEU C 10 -20.94 21.72 -8.80
C LEU C 10 -22.17 21.13 -9.46
N MET C 11 -23.32 21.25 -8.81
CA MET C 11 -24.56 20.73 -9.40
C MET C 11 -24.94 21.46 -10.68
N SER C 12 -24.39 22.65 -10.93
CA SER C 12 -24.68 23.35 -12.18
C SER C 12 -24.21 22.56 -13.39
N GLN C 13 -23.00 22.00 -13.30
CA GLN C 13 -22.44 21.24 -14.42
C GLN C 13 -22.95 19.81 -14.39
N SER C 14 -23.28 19.29 -15.58
CA SER C 14 -24.05 18.05 -15.66
C SER C 14 -23.28 16.86 -15.08
N ARG C 15 -21.99 16.74 -15.38
CA ARG C 15 -21.24 15.56 -14.97
C ARG C 15 -21.16 15.46 -13.45
N THR C 16 -20.77 16.55 -12.80
CA THR C 16 -20.70 16.54 -11.34
C THR C 16 -22.09 16.36 -10.73
N ARG C 17 -23.12 16.90 -11.38
CA ARG C 17 -24.48 16.69 -10.89
C ARG C 17 -24.84 15.21 -10.91
N GLU C 18 -24.50 14.52 -12.00
CA GLU C 18 -24.77 13.08 -12.08
C GLU C 18 -23.97 12.33 -11.03
N ILE C 19 -22.70 12.70 -10.85
CA ILE C 19 -21.88 12.03 -9.84
C ILE C 19 -22.50 12.21 -8.46
N LEU C 20 -22.99 13.42 -8.15
CA LEU C 20 -23.59 13.67 -6.86
C LEU C 20 -24.92 12.94 -6.70
N THR C 21 -25.68 12.79 -7.78
CA THR C 21 -27.00 12.20 -7.67
C THR C 21 -26.95 10.68 -7.57
N LYS C 22 -26.26 10.03 -8.50
CA LYS C 22 -26.30 8.57 -8.56
C LYS C 22 -25.43 7.92 -7.50
N THR C 23 -24.38 8.59 -7.04
CA THR C 23 -23.46 8.01 -6.08
C THR C 23 -24.08 8.04 -4.69
N THR C 24 -24.11 6.88 -4.02
CA THR C 24 -24.64 6.78 -2.67
C THR C 24 -23.53 7.01 -1.64
N VAL C 25 -23.95 7.27 -0.41
CA VAL C 25 -23.02 7.62 0.65
C VAL C 25 -22.03 6.49 0.89
N ASP C 26 -22.50 5.24 0.83
CA ASP C 26 -21.62 4.12 1.14
C ASP C 26 -20.43 4.08 0.19
N HIS C 27 -20.65 4.35 -1.09
CA HIS C 27 -19.57 4.34 -2.07
C HIS C 27 -18.60 5.51 -1.89
N MET C 28 -18.89 6.43 -0.95
CA MET C 28 -17.98 7.53 -0.67
C MET C 28 -16.51 7.11 -0.71
N ALA C 29 -16.15 6.11 0.08
CA ALA C 29 -14.74 5.74 0.18
C ALA C 29 -14.21 5.33 -1.19
N ILE C 30 -14.94 4.48 -1.90
CA ILE C 30 -14.45 3.92 -3.15
C ILE C 30 -14.03 5.06 -4.09
N ILE C 31 -14.99 5.92 -4.46
CA ILE C 31 -14.69 7.00 -5.40
C ILE C 31 -13.63 7.93 -4.84
N LYS C 32 -13.51 8.04 -3.52
CA LYS C 32 -12.47 8.90 -2.96
C LYS C 32 -11.09 8.31 -3.18
N LYS C 33 -10.98 6.99 -3.15
CA LYS C 33 -9.74 6.30 -3.46
C LYS C 33 -9.58 6.01 -4.95
N TYR C 34 -10.61 6.31 -5.75
CA TYR C 34 -10.52 6.11 -7.19
C TYR C 34 -9.42 7.00 -7.76
N THR C 35 -8.32 6.38 -8.21
CA THR C 35 -7.21 7.14 -8.75
C THR C 35 -6.46 6.29 -9.76
N SER C 36 -5.83 6.96 -10.72
CA SER C 36 -4.95 6.30 -11.67
C SER C 36 -3.52 6.18 -11.17
N GLY C 37 -3.20 6.81 -10.04
CA GLY C 37 -1.83 6.78 -9.54
C GLY C 37 -1.52 5.45 -8.88
N ARG C 38 -0.57 4.71 -9.46
CA ARG C 38 -0.12 3.47 -8.84
C ARG C 38 0.74 3.78 -7.62
N GLN C 39 0.70 2.87 -6.65
CA GLN C 39 1.55 3.01 -5.46
C GLN C 39 2.99 2.66 -5.84
N GLU C 40 3.92 3.54 -5.49
CA GLU C 40 5.29 3.39 -5.94
C GLU C 40 5.93 2.12 -5.38
N LYS C 41 6.66 1.42 -6.24
CA LYS C 41 7.37 0.21 -5.82
C LYS C 41 8.73 0.53 -5.24
N ASN C 42 9.42 1.54 -5.77
CA ASN C 42 10.76 1.95 -5.32
C ASN C 42 10.72 3.43 -5.00
N PRO C 43 10.23 3.81 -3.81
CA PRO C 43 10.11 5.25 -3.51
C PRO C 43 11.45 5.97 -3.46
N ALA C 44 12.49 5.33 -2.93
CA ALA C 44 13.78 6.00 -2.75
C ALA C 44 14.36 6.40 -4.10
N LEU C 45 14.29 5.51 -5.09
CA LEU C 45 14.89 5.78 -6.38
C LEU C 45 14.28 7.02 -7.01
N ARG C 46 12.95 7.13 -6.97
CA ARG C 46 12.29 8.27 -7.59
C ARG C 46 12.38 9.54 -6.76
N MET C 47 12.41 9.43 -5.43
CA MET C 47 12.65 10.61 -4.62
C MET C 47 14.03 11.19 -4.88
N LYS C 48 15.03 10.32 -5.10
CA LYS C 48 16.35 10.79 -5.49
C LYS C 48 16.38 11.27 -6.93
N TRP C 49 15.42 10.86 -7.75
CA TRP C 49 15.35 11.25 -9.15
C TRP C 49 14.45 12.46 -9.36
N MET C 50 13.36 12.58 -8.62
CA MET C 50 12.46 13.72 -8.79
C MET C 50 13.04 14.99 -8.20
N MET C 51 13.77 14.90 -7.08
CA MET C 51 14.29 16.10 -6.45
C MET C 51 15.32 16.81 -7.31
N ALA C 52 15.82 16.18 -8.36
CA ALA C 52 16.71 16.83 -9.31
C ALA C 52 15.94 17.63 -10.36
N MET C 53 14.62 17.58 -10.35
CA MET C 53 13.80 18.35 -11.26
C MET C 53 13.42 19.68 -10.63
N LYS C 54 12.95 20.60 -11.47
CA LYS C 54 12.34 21.83 -11.00
C LYS C 54 10.85 21.62 -10.81
N TYR C 55 10.33 22.12 -9.70
CA TYR C 55 8.94 21.88 -9.31
C TYR C 55 8.70 20.40 -9.05
N PRO C 56 9.37 19.80 -8.06
CA PRO C 56 9.18 18.38 -7.77
C PRO C 56 8.09 18.07 -6.75
N ILE C 57 7.60 19.06 -6.00
CA ILE C 57 6.60 18.77 -4.97
C ILE C 57 5.27 19.36 -5.40
N THR C 58 4.22 19.12 -4.63
CA THR C 58 2.89 19.60 -4.95
C THR C 58 2.32 20.38 -3.76
N ALA C 59 1.51 21.39 -4.07
CA ALA C 59 0.92 22.23 -3.04
C ALA C 59 -0.43 22.73 -3.53
N ASP C 60 -1.27 23.13 -2.57
CA ASP C 60 -2.60 23.62 -2.90
C ASP C 60 -2.51 24.88 -3.76
N LYS C 61 -3.60 25.18 -4.46
CA LYS C 61 -3.62 26.35 -5.34
C LYS C 61 -3.38 27.63 -4.55
N ARG C 62 -3.75 27.65 -3.27
CA ARG C 62 -3.66 28.88 -2.49
C ARG C 62 -2.22 29.40 -2.44
N ILE C 63 -1.24 28.52 -2.65
CA ILE C 63 0.16 28.94 -2.62
C ILE C 63 0.41 30.04 -3.64
N MET C 64 -0.34 30.04 -4.75
CA MET C 64 -0.16 31.06 -5.77
C MET C 64 -0.50 32.45 -5.28
N GLU C 65 -1.19 32.59 -4.14
CA GLU C 65 -1.58 33.89 -3.61
C GLU C 65 -1.00 34.16 -2.24
N MET C 66 0.02 33.41 -1.81
CA MET C 66 0.71 33.71 -0.57
C MET C 66 2.21 33.86 -0.79
N ILE C 67 2.74 33.13 -1.77
CA ILE C 67 4.18 33.10 -2.04
C ILE C 67 4.39 33.67 -3.44
N PRO C 68 5.33 34.59 -3.63
CA PRO C 68 5.56 35.13 -4.98
C PRO C 68 6.09 34.05 -5.92
N GLU C 69 5.81 34.26 -7.21
CA GLU C 69 6.22 33.28 -8.22
C GLU C 69 7.74 33.12 -8.28
N ARG C 70 8.50 34.12 -7.86
CA ARG C 70 9.96 34.05 -7.90
C ARG C 70 10.54 34.76 -6.70
N ASN C 71 11.74 34.36 -6.32
CA ASN C 71 12.47 34.93 -5.20
C ASN C 71 13.34 36.08 -5.68
N GLU C 72 14.28 36.52 -4.84
CA GLU C 72 15.02 37.73 -5.11
C GLU C 72 15.79 37.64 -6.42
N GLN C 73 16.52 36.54 -6.63
CA GLN C 73 17.31 36.40 -7.86
C GLN C 73 16.50 35.93 -9.04
N GLY C 74 15.24 35.55 -8.84
CA GLY C 74 14.42 35.06 -9.92
C GLY C 74 14.24 33.56 -9.96
N GLN C 75 14.73 32.82 -8.97
CA GLN C 75 14.46 31.39 -8.91
C GLN C 75 12.98 31.18 -8.67
N THR C 76 12.33 30.44 -9.57
CA THR C 76 10.90 30.22 -9.46
C THR C 76 10.58 29.36 -8.25
N LEU C 77 9.52 29.74 -7.54
CA LEU C 77 9.08 29.02 -6.34
C LEU C 77 7.90 28.10 -6.61
N TRP C 78 6.99 28.49 -7.49
CA TRP C 78 5.84 27.66 -7.81
C TRP C 78 5.48 27.83 -9.27
N SER C 79 4.78 26.84 -9.81
CA SER C 79 4.27 26.86 -11.17
C SER C 79 2.76 26.76 -11.15
N LYS C 80 2.12 27.29 -12.19
CA LYS C 80 0.67 27.29 -12.29
C LYS C 80 0.13 26.03 -12.97
N THR C 81 0.99 25.13 -13.42
CA THR C 81 0.54 23.88 -14.04
C THR C 81 0.11 22.91 -12.95
N ASN C 82 -1.14 22.46 -13.03
CA ASN C 82 -1.71 21.61 -12.00
C ASN C 82 -1.16 20.19 -12.09
N ASP C 83 -1.35 19.44 -11.01
CA ASP C 83 -0.92 18.06 -10.97
C ASP C 83 -1.74 17.22 -11.94
N ALA C 84 -1.41 15.94 -12.04
CA ALA C 84 -2.08 15.05 -12.99
C ALA C 84 -3.57 14.96 -12.71
N GLY C 85 -3.93 14.40 -11.55
CA GLY C 85 -5.33 14.18 -11.22
C GLY C 85 -5.81 14.96 -10.03
N SER C 86 -5.39 16.22 -9.93
CA SER C 86 -5.80 17.07 -8.82
C SER C 86 -5.69 18.53 -9.25
N ASP C 87 -6.35 19.39 -8.49
CA ASP C 87 -6.27 20.83 -8.73
C ASP C 87 -5.02 21.46 -8.13
N ARG C 88 -4.23 20.70 -7.38
CA ARG C 88 -3.01 21.24 -6.80
C ARG C 88 -1.97 21.52 -7.88
N VAL C 89 -1.07 22.45 -7.58
CA VAL C 89 -0.06 22.90 -8.51
C VAL C 89 1.30 22.39 -8.05
N MET C 90 2.15 22.07 -9.02
CA MET C 90 3.51 21.62 -8.73
C MET C 90 4.39 22.82 -8.41
N VAL C 91 5.15 22.70 -7.34
CA VAL C 91 6.00 23.79 -6.84
C VAL C 91 7.37 23.24 -6.48
N SER C 92 8.33 24.16 -6.40
CA SER C 92 9.73 23.86 -6.12
C SER C 92 9.94 23.74 -4.62
N PRO C 93 10.99 23.02 -4.19
CA PRO C 93 11.22 22.88 -2.75
C PRO C 93 11.58 24.19 -2.07
N LEU C 94 12.09 25.17 -2.81
CA LEU C 94 12.40 26.46 -2.21
C LEU C 94 11.15 27.10 -1.60
N ALA C 95 10.00 26.90 -2.24
CA ALA C 95 8.76 27.44 -1.69
C ALA C 95 8.50 26.94 -0.28
N VAL C 96 9.07 25.78 0.08
CA VAL C 96 9.02 25.34 1.47
C VAL C 96 9.90 26.23 2.33
N THR C 97 11.19 26.31 1.99
CA THR C 97 12.11 27.10 2.82
C THR C 97 11.70 28.55 2.85
N TRP C 98 11.23 29.09 1.73
CA TRP C 98 10.71 30.45 1.73
C TRP C 98 9.62 30.61 2.78
N TRP C 99 8.68 29.67 2.82
CA TRP C 99 7.60 29.73 3.79
C TRP C 99 8.13 29.74 5.23
N ASN C 100 9.33 29.21 5.45
CA ASN C 100 9.92 29.15 6.77
C ASN C 100 10.75 30.37 7.12
N ARG C 101 10.91 31.32 6.20
CA ARG C 101 11.68 32.53 6.46
C ARG C 101 10.90 33.82 6.27
N ASN C 102 9.87 33.82 5.42
CA ASN C 102 9.01 34.99 5.28
C ASN C 102 7.54 34.64 5.20
N GLY C 103 7.16 33.38 5.34
CA GLY C 103 5.77 33.01 5.27
C GLY C 103 5.01 33.47 6.50
N PRO C 104 3.67 33.37 6.46
CA PRO C 104 2.87 33.80 7.61
C PRO C 104 3.24 33.01 8.86
N THR C 105 3.17 33.70 10.00
CA THR C 105 3.47 33.11 11.30
C THR C 105 2.20 33.02 12.13
N THR C 106 2.18 32.05 13.04
CA THR C 106 1.04 31.81 13.90
C THR C 106 1.54 31.53 15.31
N SER C 107 0.64 31.11 16.19
CA SER C 107 0.96 30.76 17.56
C SER C 107 0.96 29.24 17.68
N ALA C 108 2.14 28.65 17.74
CA ALA C 108 2.30 27.20 17.84
C ALA C 108 2.34 26.72 19.28
N VAL C 109 1.77 27.49 20.22
CA VAL C 109 1.83 27.11 21.62
C VAL C 109 1.03 25.84 21.89
N HIS C 110 0.02 25.56 21.07
CA HIS C 110 -0.87 24.42 21.32
C HIS C 110 -0.39 23.11 20.69
N TYR C 111 0.60 23.16 19.81
CA TYR C 111 1.16 21.91 19.29
C TYR C 111 1.69 21.01 20.39
N PRO C 112 2.41 21.50 21.39
CA PRO C 112 2.77 20.64 22.53
C PRO C 112 1.56 19.96 23.16
N LYS C 113 0.43 20.67 23.25
CA LYS C 113 -0.77 20.07 23.81
C LYS C 113 -1.35 19.00 22.89
N ILE C 114 -1.24 19.19 21.58
CA ILE C 114 -1.76 18.18 20.64
C ILE C 114 -0.84 16.96 20.63
N TYR C 115 0.40 17.15 20.21
CA TYR C 115 1.35 16.03 20.11
C TYR C 115 1.85 15.67 21.51
N LYS C 116 0.92 15.16 22.32
CA LYS C 116 1.23 14.86 23.71
C LYS C 116 2.28 13.77 23.82
N THR C 117 2.18 12.72 22.99
CA THR C 117 3.07 11.58 23.13
C THR C 117 4.53 11.98 22.91
N TYR C 118 4.81 12.69 21.82
CA TYR C 118 6.19 13.02 21.50
C TYR C 118 6.80 13.98 22.53
N PHE C 119 6.04 14.99 22.95
CA PHE C 119 6.56 15.91 23.94
C PHE C 119 6.74 15.23 25.30
N GLU C 120 5.87 14.27 25.63
CA GLU C 120 6.07 13.50 26.85
C GLU C 120 7.35 12.67 26.75
N LYS C 121 7.61 12.09 25.58
CA LYS C 121 8.87 11.38 25.39
C LYS C 121 10.07 12.30 25.62
N VAL C 122 10.00 13.50 25.04
CA VAL C 122 11.10 14.45 25.18
C VAL C 122 11.30 14.83 26.64
N GLU C 123 10.20 15.12 27.34
CA GLU C 123 10.30 15.48 28.75
C GLU C 123 10.86 14.34 29.58
N ARG C 124 10.42 13.11 29.30
CA ARG C 124 10.92 11.95 30.04
C ARG C 124 12.41 11.77 29.83
N LEU C 125 12.89 11.94 28.59
CA LEU C 125 14.31 11.76 28.33
C LEU C 125 15.15 12.90 28.88
N LYS C 126 14.64 14.13 28.86
CA LYS C 126 15.45 15.28 29.27
C LYS C 126 15.86 15.17 30.73
N HIS C 127 15.00 14.59 31.57
CA HIS C 127 15.26 14.48 32.99
C HIS C 127 15.79 13.10 33.37
N GLY C 128 16.13 12.26 32.40
CA GLY C 128 16.68 10.96 32.71
C GLY C 128 18.08 11.05 33.27
N THR C 129 18.46 10.01 34.01
CA THR C 129 19.78 9.93 34.63
C THR C 129 20.43 8.62 34.21
N PHE C 130 21.58 8.70 33.56
CA PHE C 130 22.29 7.53 33.11
C PHE C 130 23.14 6.95 34.23
N GLY C 131 23.72 5.78 33.95
CA GLY C 131 24.57 5.10 34.90
C GLY C 131 25.72 4.38 34.22
N PRO C 132 26.52 3.66 35.00
CA PRO C 132 27.64 2.94 34.40
C PRO C 132 27.20 1.85 33.44
N VAL C 133 28.03 1.59 32.45
CA VAL C 133 27.79 0.54 31.48
C VAL C 133 28.46 -0.74 31.99
N HIS C 134 27.68 -1.81 32.10
CA HIS C 134 28.17 -3.09 32.59
C HIS C 134 28.24 -4.07 31.42
N PHE C 135 29.42 -4.65 31.22
CA PHE C 135 29.66 -5.54 30.09
C PHE C 135 29.52 -6.99 30.56
N ARG C 136 28.44 -7.64 30.14
CA ARG C 136 28.22 -9.05 30.42
C ARG C 136 27.18 -9.57 29.45
N ASN C 137 27.25 -10.87 29.16
CA ASN C 137 26.34 -11.46 28.20
C ASN C 137 24.90 -11.26 28.66
N GLN C 138 24.05 -10.78 27.74
CA GLN C 138 22.65 -10.53 28.01
C GLN C 138 21.81 -11.63 27.40
N VAL C 139 20.97 -12.27 28.20
CA VAL C 139 20.09 -13.33 27.74
C VAL C 139 18.81 -12.66 27.28
N LYS C 140 18.79 -12.24 26.02
CA LYS C 140 17.61 -11.61 25.44
C LYS C 140 16.56 -12.67 25.15
N ILE C 141 15.43 -12.58 25.83
CA ILE C 141 14.32 -13.50 25.60
C ILE C 141 13.16 -12.69 25.04
N ARG C 142 12.45 -13.28 24.09
CA ARG C 142 11.42 -12.59 23.34
C ARG C 142 10.09 -12.64 24.08
N ARG C 143 9.47 -11.47 24.23
CA ARG C 143 8.25 -11.33 25.02
C ARG C 143 7.33 -10.32 24.37
N ARG C 144 6.04 -10.45 24.64
CA ARG C 144 5.03 -9.49 24.19
C ARG C 144 4.94 -8.35 25.20
N VAL C 145 5.16 -7.11 24.74
CA VAL C 145 5.17 -5.95 25.62
C VAL C 145 4.42 -4.81 24.96
N ASP C 146 3.92 -3.89 25.78
CA ASP C 146 3.20 -2.72 25.30
C ASP C 146 4.21 -1.60 25.06
N ILE C 147 4.18 -1.00 23.86
CA ILE C 147 5.14 0.03 23.53
C ILE C 147 4.61 1.41 23.91
N ASN C 148 3.31 1.64 23.75
CA ASN C 148 2.76 2.96 24.02
C ASN C 148 2.72 3.20 25.52
N PRO C 149 3.41 4.22 26.05
CA PRO C 149 3.44 4.43 27.49
C PRO C 149 2.31 5.31 28.03
N GLY C 150 1.40 5.78 27.17
CA GLY C 150 0.33 6.64 27.60
C GLY C 150 -1.04 6.07 27.33
N HIS C 151 -1.11 4.80 26.95
CA HIS C 151 -2.40 4.17 26.67
C HIS C 151 -3.30 4.26 27.89
N ALA C 152 -4.54 4.68 27.66
CA ALA C 152 -5.51 4.90 28.73
C ALA C 152 -6.33 3.65 29.04
N ASP C 153 -5.82 2.46 28.73
CA ASP C 153 -6.53 1.21 28.96
C ASP C 153 -7.76 1.11 28.06
N LEU C 154 -7.60 1.50 26.80
CA LEU C 154 -8.66 1.45 25.80
C LEU C 154 -8.15 0.76 24.54
N SER C 155 -9.06 0.03 23.88
CA SER C 155 -8.74 -0.58 22.61
C SER C 155 -8.97 0.42 21.47
N ALA C 156 -8.75 -0.04 20.24
CA ALA C 156 -8.94 0.84 19.08
C ALA C 156 -10.40 1.28 18.98
N LYS C 157 -11.31 0.33 18.83
CA LYS C 157 -12.73 0.67 18.72
C LYS C 157 -13.22 1.33 20.00
N GLU C 158 -12.75 0.85 21.15
CA GLU C 158 -13.22 1.39 22.43
C GLU C 158 -12.95 2.88 22.54
N ALA C 159 -11.78 3.33 22.10
CA ALA C 159 -11.41 4.74 22.15
C ALA C 159 -11.83 5.51 20.89
N GLN C 160 -12.24 4.81 19.84
CA GLN C 160 -12.63 5.51 18.62
C GLN C 160 -13.89 6.35 18.85
N ASP C 161 -14.86 5.81 19.59
CA ASP C 161 -16.05 6.59 19.93
C ASP C 161 -15.69 7.80 20.78
N VAL C 162 -14.78 7.62 21.75
CA VAL C 162 -14.31 8.73 22.56
C VAL C 162 -13.70 9.80 21.67
N ILE C 163 -12.88 9.39 20.72
CA ILE C 163 -12.21 10.34 19.83
C ILE C 163 -13.22 11.10 19.01
N MET C 164 -14.21 10.40 18.45
CA MET C 164 -15.23 11.10 17.67
C MET C 164 -15.96 12.12 18.53
N GLU C 165 -16.45 11.69 19.70
CA GLU C 165 -17.18 12.61 20.56
C GLU C 165 -16.31 13.78 21.01
N VAL C 166 -14.99 13.60 21.07
CA VAL C 166 -14.12 14.70 21.43
C VAL C 166 -13.94 15.66 20.26
N VAL C 167 -13.80 15.13 19.04
CA VAL C 167 -13.54 15.94 17.85
C VAL C 167 -14.80 16.16 17.03
N PHE C 168 -15.53 15.08 16.72
CA PHE C 168 -16.74 15.17 15.92
C PHE C 168 -17.95 14.85 16.78
N PRO C 169 -18.39 15.77 17.64
CA PRO C 169 -19.48 15.43 18.58
C PRO C 169 -20.81 15.11 17.91
N ASN C 170 -21.03 15.56 16.67
CA ASN C 170 -22.33 15.40 16.04
C ASN C 170 -22.47 14.10 15.25
N GLU C 171 -21.37 13.51 14.80
CA GLU C 171 -21.40 12.28 14.02
C GLU C 171 -21.29 11.04 14.89
N VAL C 172 -21.40 11.17 16.21
CA VAL C 172 -21.29 10.01 17.10
C VAL C 172 -22.37 8.99 16.78
N GLY C 173 -23.60 9.45 16.50
CA GLY C 173 -24.69 8.55 16.22
C GLY C 173 -25.35 7.98 17.48
N ALA C 174 -25.58 6.66 17.48
CA ALA C 174 -26.26 6.05 18.63
C ALA C 174 -25.40 6.10 19.87
N ARG C 175 -24.09 5.90 19.73
CA ARG C 175 -23.24 5.67 20.87
C ARG C 175 -23.24 6.87 21.81
N ILE C 176 -23.46 6.60 23.09
CA ILE C 176 -23.19 7.55 24.17
C ILE C 176 -22.37 6.79 25.21
N LEU C 177 -21.17 7.28 25.47
CA LEU C 177 -20.18 6.45 26.16
C LEU C 177 -20.60 6.21 27.60
N THR C 178 -20.54 4.95 28.02
CA THR C 178 -21.03 4.58 29.35
C THR C 178 -19.92 4.67 30.40
N SER C 179 -18.75 4.10 30.11
CA SER C 179 -17.68 4.07 31.10
C SER C 179 -17.30 5.49 31.51
N GLU C 180 -17.16 5.70 32.83
CA GLU C 180 -16.87 7.03 33.36
C GLU C 180 -15.43 7.45 33.09
N SER C 181 -14.51 6.50 32.94
CA SER C 181 -13.16 6.86 32.51
C SER C 181 -13.21 7.57 31.16
N GLN C 182 -14.02 7.05 30.25
CA GLN C 182 -14.21 7.72 28.97
C GLN C 182 -14.85 9.08 29.16
N LEU C 183 -15.76 9.22 30.13
CA LEU C 183 -16.36 10.52 30.40
C LEU C 183 -15.29 11.54 30.77
N THR C 184 -14.42 11.19 31.73
CA THR C 184 -13.40 12.14 32.15
C THR C 184 -12.41 12.43 31.04
N ILE C 185 -12.04 11.41 30.25
CA ILE C 185 -11.12 11.64 29.14
C ILE C 185 -11.76 12.61 28.13
N THR C 186 -13.03 12.40 27.81
CA THR C 186 -13.72 13.30 26.90
C THR C 186 -13.73 14.73 27.45
N LYS C 187 -14.06 14.88 28.73
CA LYS C 187 -14.11 16.22 29.32
C LYS C 187 -12.74 16.90 29.22
N GLU C 188 -11.68 16.18 29.61
CA GLU C 188 -10.35 16.78 29.64
C GLU C 188 -9.89 17.15 28.23
N LYS C 189 -9.97 16.20 27.29
CA LYS C 189 -9.50 16.46 25.95
C LYS C 189 -10.43 17.38 25.17
N LYS C 190 -11.65 17.62 25.67
CA LYS C 190 -12.53 18.59 25.06
C LYS C 190 -12.18 20.00 25.50
N GLU C 191 -12.05 20.20 26.82
CA GLU C 191 -11.71 21.53 27.32
C GLU C 191 -10.28 21.91 26.95
N GLU C 192 -9.40 20.93 26.75
CA GLU C 192 -8.01 21.24 26.45
C GLU C 192 -7.84 21.67 24.99
N LEU C 193 -8.54 21.03 24.07
CA LEU C 193 -8.40 21.29 22.64
C LEU C 193 -9.61 22.00 22.06
N GLN C 194 -10.17 22.96 22.81
CA GLN C 194 -11.48 23.51 22.46
C GLN C 194 -11.41 24.37 21.20
N ASP C 195 -10.30 25.08 20.99
CA ASP C 195 -10.14 25.95 19.82
C ASP C 195 -8.94 25.61 18.96
N CYS C 196 -8.27 24.48 19.21
CA CYS C 196 -7.12 24.12 18.41
C CYS C 196 -7.52 23.93 16.95
N LYS C 197 -6.74 24.51 16.05
CA LYS C 197 -7.08 24.59 14.63
C LYS C 197 -6.04 23.92 13.76
N ILE C 198 -5.45 22.82 14.24
CA ILE C 198 -4.42 22.12 13.47
C ILE C 198 -5.11 21.37 12.33
N SER C 199 -5.90 20.36 12.68
CA SER C 199 -6.78 19.67 11.76
C SER C 199 -7.60 18.67 12.55
N PRO C 200 -8.88 18.47 12.22
CA PRO C 200 -9.64 17.42 12.91
C PRO C 200 -9.03 16.03 12.73
N LEU C 201 -8.53 15.74 11.53
CA LEU C 201 -8.02 14.40 11.26
C LEU C 201 -6.75 14.11 12.05
N MET C 202 -5.81 15.04 12.08
CA MET C 202 -4.58 14.82 12.84
C MET C 202 -4.86 14.76 14.33
N VAL C 203 -5.77 15.61 14.82
CA VAL C 203 -6.13 15.55 16.23
C VAL C 203 -6.70 14.18 16.57
N ALA C 204 -7.60 13.67 15.72
CA ALA C 204 -8.16 12.35 15.96
C ALA C 204 -7.10 11.27 15.91
N TYR C 205 -6.17 11.36 14.95
CA TYR C 205 -5.13 10.36 14.83
C TYR C 205 -4.25 10.33 16.06
N MET C 206 -3.84 11.51 16.55
CA MET C 206 -2.96 11.55 17.71
C MET C 206 -3.70 11.14 18.98
N LEU C 207 -4.99 11.47 19.10
CA LEU C 207 -5.75 10.97 20.23
C LEU C 207 -5.84 9.44 20.20
N GLU C 208 -6.05 8.87 19.00
CA GLU C 208 -6.06 7.43 18.86
C GLU C 208 -4.72 6.84 19.31
N ARG C 209 -3.62 7.44 18.86
CA ARG C 209 -2.31 6.94 19.24
C ARG C 209 -2.09 7.01 20.74
N GLU C 210 -2.49 8.11 21.36
CA GLU C 210 -2.23 8.31 22.79
C GLU C 210 -3.08 7.38 23.64
N LEU C 211 -4.39 7.30 23.37
CA LEU C 211 -5.29 6.57 24.25
C LEU C 211 -5.30 5.08 23.96
N VAL C 212 -5.22 4.67 22.69
CA VAL C 212 -5.35 3.27 22.34
C VAL C 212 -4.10 2.51 22.76
N ARG C 213 -4.30 1.36 23.38
CA ARG C 213 -3.19 0.49 23.75
C ARG C 213 -2.73 -0.31 22.54
N LYS C 214 -1.41 -0.43 22.40
CA LYS C 214 -0.82 -1.17 21.30
C LYS C 214 0.30 -2.03 21.88
N THR C 215 0.48 -3.22 21.31
CA THR C 215 1.38 -4.21 21.85
C THR C 215 2.18 -4.84 20.71
N ARG C 216 3.44 -5.18 20.97
CA ARG C 216 4.28 -5.81 19.98
C ARG C 216 5.25 -6.76 20.69
N PHE C 217 5.76 -7.71 19.91
CA PHE C 217 6.62 -8.76 20.42
C PHE C 217 8.07 -8.34 20.16
N LEU C 218 8.89 -8.33 21.21
CA LEU C 218 10.24 -7.80 21.11
C LEU C 218 11.18 -8.63 21.95
N PRO C 219 12.48 -8.69 21.59
CA PRO C 219 13.48 -9.34 22.45
C PRO C 219 13.92 -8.41 23.56
N VAL C 220 13.59 -8.77 24.80
CA VAL C 220 13.86 -7.94 25.96
C VAL C 220 14.72 -8.72 26.95
N ALA C 221 15.42 -7.96 27.79
CA ALA C 221 16.19 -8.53 28.91
C ALA C 221 16.06 -7.55 30.08
N GLY C 222 15.21 -7.89 31.04
CA GLY C 222 14.89 -6.97 32.11
C GLY C 222 13.83 -5.97 31.68
N GLY C 223 13.79 -4.84 32.38
CA GLY C 223 12.85 -3.79 32.04
C GLY C 223 11.42 -4.25 32.10
N THR C 224 10.80 -4.42 30.92
CA THR C 224 9.43 -4.87 30.73
C THR C 224 8.41 -3.76 31.00
N SER C 225 8.83 -2.61 31.49
CA SER C 225 7.93 -1.50 31.72
C SER C 225 7.74 -0.67 30.45
N SER C 226 6.59 0.00 30.37
CA SER C 226 6.29 0.78 29.17
C SER C 226 7.33 1.88 28.96
N VAL C 227 7.68 2.60 30.02
CA VAL C 227 8.66 3.66 29.91
C VAL C 227 10.05 3.11 29.61
N TYR C 228 10.35 1.89 30.06
CA TYR C 228 11.66 1.28 29.83
C TYR C 228 11.77 0.58 28.49
N ILE C 229 10.67 0.45 27.75
CA ILE C 229 10.73 -0.22 26.46
C ILE C 229 10.97 0.75 25.32
N GLU C 230 10.53 2.01 25.46
CA GLU C 230 10.78 2.99 24.41
C GLU C 230 12.27 3.27 24.25
N VAL C 231 13.04 3.13 25.33
CA VAL C 231 14.50 3.30 25.29
C VAL C 231 15.20 1.94 25.29
N LEU C 232 14.51 0.88 24.87
CA LEU C 232 15.11 -0.45 24.86
C LEU C 232 16.36 -0.49 23.97
N HIS C 233 16.44 0.37 22.96
CA HIS C 233 17.62 0.42 22.11
C HIS C 233 18.83 1.00 22.84
N LEU C 234 18.61 1.82 23.86
CA LEU C 234 19.69 2.52 24.55
C LEU C 234 20.12 1.82 25.84
N THR C 235 19.26 1.01 26.44
CA THR C 235 19.56 0.37 27.72
C THR C 235 20.07 -1.05 27.58
N GLN C 236 19.68 -1.78 26.54
CA GLN C 236 20.04 -3.18 26.37
C GLN C 236 20.75 -3.39 25.05
N GLY C 237 21.82 -4.17 25.07
CA GLY C 237 22.56 -4.49 23.87
C GLY C 237 22.96 -5.95 23.81
N THR C 238 23.91 -6.28 22.93
CA THR C 238 24.33 -7.67 22.78
C THR C 238 25.20 -8.11 23.94
N CYS C 239 26.11 -7.24 24.40
CA CYS C 239 27.03 -7.60 25.47
C CYS C 239 27.20 -6.47 26.48
N TRP C 240 26.28 -5.50 26.51
CA TRP C 240 26.41 -4.36 27.40
C TRP C 240 25.03 -3.95 27.89
N GLU C 241 24.97 -3.52 29.15
CA GLU C 241 23.75 -3.00 29.75
C GLU C 241 24.01 -1.60 30.28
N GLN C 242 23.12 -0.67 29.95
CA GLN C 242 23.24 0.73 30.32
C GLN C 242 22.08 1.06 31.26
N MET C 243 22.38 1.17 32.56
CA MET C 243 21.34 1.50 33.52
C MET C 243 20.78 2.89 33.23
N TYR C 244 19.45 2.98 33.24
CA TYR C 244 18.77 4.22 32.89
C TYR C 244 17.49 4.34 33.71
N THR C 245 17.14 5.57 34.06
CA THR C 245 15.94 5.86 34.82
C THR C 245 15.25 7.07 34.20
N PRO C 246 14.17 6.87 33.42
CA PRO C 246 13.51 8.01 32.78
C PRO C 246 13.11 9.10 33.77
N GLY C 247 12.80 10.29 33.26
CA GLY C 247 12.48 11.41 34.13
C GLY C 247 11.20 11.21 34.91
N GLY C 248 10.29 10.38 34.41
CA GLY C 248 9.03 10.16 35.09
C GLY C 248 9.22 9.60 36.50
N GLU C 249 10.15 8.65 36.64
CA GLU C 249 10.42 8.04 37.93
C GLU C 249 11.46 8.84 38.71
N GLN F 1 -58.47 19.52 2.19
CA GLN F 1 -59.32 18.28 2.32
C GLN F 1 -60.30 18.02 1.20
N VAL F 2 -60.96 19.05 0.62
CA VAL F 2 -61.88 18.84 -0.48
C VAL F 2 -61.17 19.22 -1.77
N GLN F 3 -60.82 18.19 -2.56
CA GLN F 3 -60.33 18.32 -3.92
C GLN F 3 -61.54 18.24 -4.84
N LEU F 4 -61.46 18.92 -6.00
CA LEU F 4 -62.56 19.05 -6.92
C LEU F 4 -62.02 18.90 -8.33
N GLN F 5 -62.70 18.14 -9.20
CA GLN F 5 -62.32 18.03 -10.60
C GLN F 5 -63.53 18.26 -11.47
N GLU F 6 -63.49 19.28 -12.34
CA GLU F 6 -64.53 19.51 -13.31
C GLU F 6 -64.36 18.71 -14.61
N SER F 7 -65.48 18.27 -15.20
CA SER F 7 -65.57 17.55 -16.46
C SER F 7 -66.69 18.16 -17.29
N GLY F 8 -66.74 17.86 -18.61
CA GLY F 8 -67.89 18.17 -19.46
C GLY F 8 -67.84 19.46 -20.25
N GLY F 9 -66.75 20.24 -20.14
CA GLY F 9 -66.54 21.40 -21.00
C GLY F 9 -66.12 21.07 -22.42
N GLY F 10 -66.02 22.10 -23.29
CA GLY F 10 -65.51 21.94 -24.64
C GLY F 10 -66.00 23.01 -25.58
N LEU F 11 -65.80 22.77 -26.89
CA LEU F 11 -66.31 23.61 -27.96
C LEU F 11 -67.72 23.19 -28.33
N VAL F 12 -68.66 24.14 -28.36
CA VAL F 12 -70.04 23.87 -28.72
C VAL F 12 -70.57 24.95 -29.62
N GLN F 13 -71.62 24.57 -30.36
CA GLN F 13 -72.43 25.46 -31.15
C GLN F 13 -73.26 26.45 -30.30
N THR F 14 -73.51 27.66 -30.83
CA THR F 14 -74.53 28.56 -30.31
C THR F 14 -75.91 27.90 -30.39
N GLY F 15 -76.67 27.93 -29.27
CA GLY F 15 -77.95 27.24 -29.12
C GLY F 15 -77.85 25.80 -28.71
N ASP F 16 -76.63 25.28 -28.55
CA ASP F 16 -76.37 23.90 -28.17
C ASP F 16 -76.41 23.75 -26.65
N SER F 17 -76.12 22.53 -26.17
CA SER F 17 -76.27 22.14 -24.79
C SER F 17 -75.01 21.49 -24.25
N LEU F 18 -74.79 21.55 -22.92
CA LEU F 18 -73.56 21.10 -22.33
C LEU F 18 -73.79 20.70 -20.88
N ARG F 19 -73.29 19.53 -20.44
CA ARG F 19 -73.47 19.11 -19.06
C ARG F 19 -72.12 19.11 -18.38
N LEU F 20 -71.88 20.10 -17.53
CA LEU F 20 -70.71 20.15 -16.70
C LEU F 20 -70.96 19.27 -15.50
N SER F 21 -69.89 18.67 -14.97
CA SER F 21 -69.98 17.88 -13.78
C SER F 21 -68.72 18.12 -12.99
N CYS F 22 -68.83 18.13 -11.66
CA CYS F 22 -67.71 18.34 -10.77
C CYS F 22 -67.74 17.26 -9.73
N ALA F 23 -66.72 16.40 -9.73
CA ALA F 23 -66.54 15.38 -8.74
C ALA F 23 -65.80 15.95 -7.55
N GLY F 24 -66.24 15.62 -6.32
CA GLY F 24 -65.60 16.10 -5.10
C GLY F 24 -65.00 14.99 -4.30
N TYR F 32 -72.19 19.77 2.75
CA TYR F 32 -71.60 20.98 2.20
C TYR F 32 -72.42 21.44 1.00
N THR F 33 -72.51 22.77 0.84
CA THR F 33 -73.17 23.45 -0.27
C THR F 33 -72.19 23.68 -1.41
N MET F 34 -72.68 23.76 -2.66
CA MET F 34 -71.81 23.82 -3.82
C MET F 34 -72.21 24.98 -4.70
N GLY F 35 -71.22 25.52 -5.43
CA GLY F 35 -71.45 26.59 -6.39
C GLY F 35 -70.74 26.32 -7.68
N TRP F 36 -71.28 26.89 -8.77
CA TRP F 36 -70.63 26.97 -10.05
C TRP F 36 -70.42 28.43 -10.35
N PHE F 37 -69.19 28.75 -10.76
CA PHE F 37 -68.77 30.10 -11.03
C PHE F 37 -68.06 30.07 -12.35
N ARG F 38 -67.95 31.21 -13.04
CA ARG F 38 -67.26 31.22 -14.30
C ARG F 38 -66.32 32.39 -14.40
N GLN F 39 -65.27 32.26 -15.23
CA GLN F 39 -64.32 33.32 -15.46
C GLN F 39 -64.06 33.45 -16.94
N ALA F 40 -64.47 34.59 -17.54
CA ALA F 40 -64.15 34.91 -18.92
C ALA F 40 -62.72 35.43 -19.03
N PRO F 41 -62.04 35.37 -20.17
CA PRO F 41 -60.62 35.72 -20.28
C PRO F 41 -60.28 37.14 -19.84
N GLY F 42 -61.22 38.09 -19.99
CA GLY F 42 -61.02 39.50 -19.64
C GLY F 42 -61.59 39.95 -18.32
N LYS F 43 -61.81 39.04 -17.35
CA LYS F 43 -62.51 39.42 -16.13
C LYS F 43 -62.20 38.52 -14.94
N GLU F 44 -62.73 38.88 -13.76
CA GLU F 44 -62.66 38.08 -12.56
C GLU F 44 -63.83 37.08 -12.47
N ARG F 45 -64.15 36.57 -11.26
CA ARG F 45 -65.23 35.62 -11.08
C ARG F 45 -66.64 36.16 -11.29
N GLU F 46 -67.49 35.35 -11.91
CA GLU F 46 -68.90 35.62 -12.10
C GLU F 46 -69.69 34.46 -11.51
N PHE F 47 -70.67 34.75 -10.63
CA PHE F 47 -71.60 33.76 -10.13
C PHE F 47 -72.47 33.16 -11.24
N VAL F 48 -72.59 31.82 -11.28
CA VAL F 48 -73.48 31.14 -12.20
C VAL F 48 -74.64 30.54 -11.46
N ALA F 49 -74.35 29.62 -10.52
CA ALA F 49 -75.37 28.86 -9.85
C ALA F 49 -74.88 28.37 -8.51
N ALA F 50 -75.79 28.11 -7.57
CA ALA F 50 -75.45 27.51 -6.30
C ALA F 50 -76.57 26.64 -5.84
N ILE F 51 -76.24 25.67 -4.98
CA ILE F 51 -77.16 24.66 -4.55
C ILE F 51 -76.87 24.36 -3.09
N THR F 58 -81.87 26.25 -4.68
CA THR F 58 -80.99 26.51 -5.81
C THR F 58 -81.12 27.99 -6.14
N TYR F 59 -80.08 28.57 -6.76
CA TYR F 59 -80.14 29.96 -7.19
C TYR F 59 -79.28 30.08 -8.43
N TYR F 60 -79.68 30.94 -9.37
CA TYR F 60 -78.98 31.15 -10.64
C TYR F 60 -78.89 32.65 -10.89
N ALA F 61 -77.81 33.12 -11.54
CA ALA F 61 -77.67 34.50 -11.95
C ALA F 61 -78.60 34.93 -13.09
N GLU F 62 -78.88 36.25 -13.23
CA GLU F 62 -79.76 36.82 -14.24
C GLU F 62 -79.41 36.47 -15.69
N ALA F 63 -78.11 36.42 -16.02
CA ALA F 63 -77.62 36.12 -17.36
C ALA F 63 -77.76 34.66 -17.79
N VAL F 64 -77.94 33.73 -16.81
CA VAL F 64 -78.03 32.30 -17.08
C VAL F 64 -79.34 31.63 -16.66
N LYS F 65 -80.24 32.35 -15.93
CA LYS F 65 -81.50 31.79 -15.48
C LYS F 65 -82.44 31.30 -16.58
N GLY F 66 -83.06 30.14 -16.36
CA GLY F 66 -83.94 29.46 -17.32
C GLY F 66 -83.22 28.62 -18.33
N ARG F 67 -82.02 29.04 -18.75
CA ARG F 67 -81.14 28.26 -19.60
C ARG F 67 -80.43 27.14 -18.87
N PHE F 68 -79.96 27.40 -17.63
CA PHE F 68 -79.06 26.50 -16.93
C PHE F 68 -79.67 25.95 -15.64
N THR F 69 -79.34 24.69 -15.30
CA THR F 69 -79.88 23.98 -14.14
C THR F 69 -78.76 23.33 -13.34
N ILE F 70 -78.74 23.51 -12.01
CA ILE F 70 -77.74 22.95 -11.11
C ILE F 70 -78.39 21.81 -10.34
N SER F 71 -77.65 20.71 -10.16
CA SER F 71 -78.17 19.55 -9.50
C SER F 71 -77.02 18.85 -8.86
N ARG F 72 -77.30 17.91 -7.94
CA ARG F 72 -76.23 17.21 -7.28
C ARG F 72 -76.69 15.82 -6.92
N ASP F 73 -75.74 14.89 -6.90
CA ASP F 73 -75.95 13.56 -6.40
C ASP F 73 -75.03 13.48 -5.20
N SER F 74 -75.61 13.33 -4.00
CA SER F 74 -74.83 13.25 -2.78
C SER F 74 -74.31 11.86 -2.52
N GLY F 75 -74.81 10.86 -3.28
CA GLY F 75 -74.32 9.49 -3.24
C GLY F 75 -73.23 9.21 -4.24
N LYS F 76 -73.08 10.07 -5.26
CA LYS F 76 -71.97 10.03 -6.19
C LYS F 76 -70.93 11.08 -5.86
N ASN F 77 -71.27 11.98 -4.93
CA ASN F 77 -70.48 13.12 -4.52
C ASN F 77 -70.12 14.09 -5.64
N THR F 78 -71.14 14.42 -6.47
CA THR F 78 -70.96 15.15 -7.71
C THR F 78 -71.99 16.25 -7.80
N VAL F 79 -71.60 17.45 -8.27
CA VAL F 79 -72.52 18.54 -8.60
C VAL F 79 -72.48 18.74 -10.10
N TYR F 80 -73.65 18.91 -10.74
CA TYR F 80 -73.79 18.99 -12.17
C TYR F 80 -74.32 20.35 -12.54
N LEU F 81 -73.93 20.88 -13.70
CA LEU F 81 -74.51 22.08 -14.27
C LEU F 81 -74.95 21.77 -15.67
N GLN F 82 -76.26 21.72 -15.91
CA GLN F 82 -76.82 21.42 -17.20
C GLN F 82 -77.09 22.71 -17.92
N MET F 83 -76.27 23.03 -18.92
CA MET F 83 -76.35 24.22 -19.70
C MET F 83 -77.09 23.92 -20.99
N ASN F 84 -78.07 24.76 -21.38
CA ASN F 84 -78.83 24.60 -22.61
C ASN F 84 -78.91 25.95 -23.29
N SER F 85 -79.22 25.96 -24.61
CA SER F 85 -79.41 27.17 -25.42
C SER F 85 -78.31 28.19 -25.28
N LEU F 86 -77.06 27.69 -25.34
CA LEU F 86 -75.85 28.43 -25.11
C LEU F 86 -75.61 29.60 -26.03
N LYS F 87 -74.96 30.64 -25.49
CA LYS F 87 -74.65 31.84 -26.20
C LYS F 87 -73.15 32.04 -26.26
N PRO F 88 -72.57 32.75 -27.25
CA PRO F 88 -71.15 33.09 -27.29
C PRO F 88 -70.63 33.78 -26.03
N GLU F 89 -71.53 34.40 -25.24
CA GLU F 89 -71.24 35.10 -24.01
C GLU F 89 -71.16 34.18 -22.81
N ASP F 90 -71.42 32.87 -23.00
CA ASP F 90 -71.17 31.90 -21.96
C ASP F 90 -69.72 31.40 -21.96
N THR F 91 -68.92 31.72 -23.01
CA THR F 91 -67.51 31.35 -23.18
C THR F 91 -66.61 31.77 -22.04
N ALA F 92 -66.22 30.80 -21.21
CA ALA F 92 -65.51 31.04 -19.99
C ALA F 92 -64.93 29.74 -19.47
N VAL F 93 -64.01 29.84 -18.50
CA VAL F 93 -63.61 28.70 -17.70
C VAL F 93 -64.63 28.56 -16.58
N TYR F 94 -65.29 27.39 -16.46
CA TYR F 94 -66.30 27.18 -15.44
C TYR F 94 -65.68 26.44 -14.29
N TYR F 95 -65.71 27.04 -13.10
CA TYR F 95 -65.08 26.53 -11.91
C TYR F 95 -66.16 26.08 -10.96
N CYS F 96 -65.90 24.96 -10.30
CA CYS F 96 -66.73 24.43 -9.24
C CYS F 96 -66.15 24.83 -7.90
N ALA F 97 -67.02 25.04 -6.90
CA ALA F 97 -66.56 25.50 -5.61
C ALA F 97 -67.38 24.93 -4.45
N ALA F 98 -66.72 24.65 -3.31
CA ALA F 98 -67.34 24.09 -2.13
C ALA F 98 -67.15 24.98 -0.90
N ARG F 99 -68.19 25.08 -0.05
CA ARG F 99 -68.23 26.00 1.09
C ARG F 99 -68.56 25.24 2.35
N SER F 113 -64.35 28.06 -0.10
CA SER F 113 -62.96 27.88 0.32
C SER F 113 -62.20 26.89 -0.51
N PHE F 114 -62.93 25.96 -1.15
CA PHE F 114 -62.34 24.95 -1.98
C PHE F 114 -62.84 25.20 -3.38
N TRP F 115 -61.90 25.30 -4.32
CA TRP F 115 -62.16 25.69 -5.68
C TRP F 115 -61.50 24.68 -6.59
N GLY F 116 -62.22 24.23 -7.62
CA GLY F 116 -61.64 23.45 -8.70
C GLY F 116 -60.68 24.23 -9.56
N GLN F 117 -60.10 23.56 -10.55
CA GLN F 117 -59.16 24.18 -11.46
C GLN F 117 -59.88 24.79 -12.64
N GLY F 118 -61.14 24.37 -12.85
CA GLY F 118 -62.02 24.88 -13.89
C GLY F 118 -61.96 24.10 -15.18
N THR F 119 -63.09 24.05 -15.90
CA THR F 119 -63.19 23.40 -17.20
C THR F 119 -63.59 24.42 -18.25
N GLN F 120 -62.82 24.47 -19.36
CA GLN F 120 -63.04 25.40 -20.45
C GLN F 120 -64.32 25.12 -21.23
N VAL F 121 -65.19 26.13 -21.37
CA VAL F 121 -66.37 26.06 -22.20
C VAL F 121 -66.27 27.17 -23.23
N THR F 122 -66.41 26.83 -24.51
CA THR F 122 -66.26 27.80 -25.58
C THR F 122 -67.43 27.65 -26.51
N VAL F 123 -68.24 28.72 -26.64
CA VAL F 123 -69.48 28.68 -27.38
C VAL F 123 -69.36 29.62 -28.55
N SER F 124 -69.79 29.18 -29.74
CA SER F 124 -69.47 29.89 -30.96
C SER F 124 -70.45 29.53 -32.05
#